data_9N0D
#
_entry.id   9N0D
#
_cell.length_a   1.00
_cell.length_b   1.00
_cell.length_c   1.00
_cell.angle_alpha   90.00
_cell.angle_beta   90.00
_cell.angle_gamma   90.00
#
_symmetry.space_group_name_H-M   'P 1'
#
loop_
_entity.id
_entity.type
_entity.pdbx_description
1 polymer 'Pre-glycoprotein polyprotein GP complex'
2 polymer 'Pre-glycoprotein polyprotein GP complex'
3 polymer 'Pre-glycoprotein polyprotein GP complex'
4 polymer 'neutralizing antibody light chain'
5 polymer 'neutralizing antibody heavy chain'
6 branched beta-D-mannopyranose-(1-4)-2-acetamido-2-deoxy-beta-D-glucopyranose-(1-4)-2-acetamido-2-deoxy-beta-D-glucopyranose
7 non-polymer 'MYRISTIC ACID'
8 non-polymer 2-acetamido-2-deoxy-beta-D-glucopyranose
#
loop_
_entity_poly.entity_id
_entity_poly.type
_entity_poly.pdbx_seq_one_letter_code
_entity_poly.pdbx_strand_id
1 'polypeptide(L)' GQFISFMQEIPTFLQEALNIALVAVSLIAIIKGVVNLYKSGLFQFFVFLALAGRSCT A,F,K
2 'polypeptide(L)'
;AFKIGLHTEFQTVSFSMVGLFSNNPHDLPLLCTLNKSHLYIKGGNASFKISFDDIAVLLPEYDVIIQHPADMSWCSKSDD
QIWLSQWFMNAVGHDWYLDPPFLCRNRTKTEGFIFQVNTSKTGINENYAKKFKTGMHHLYREYPDSCLDGKLCLMKAQPT
SWPLQCPLDHVNTLHFLTRGKNIQLPR
;
B,G,L
3 'polypeptide(L)'
;AFFSWSLTDSSGKDTPGGYCLEEWMLVAAKMKCFGNTAVAKCNLNHDSEFCDMLRLFDYNKNAIKTLNDETKKQVNLMGQ
TINALISDNLLMKNKIRELMSVPYCNYTKFWYVNHTLSGQHSLPRCWLIKNNSYLNISDFRNDWILESDFLISEMLSKEY
SDRQGKTPLTLVDICFWSTVFFTASLFLHLVGIPTHRHIRGEACPLPHRLNSLGGCRCGKYPNLKKPTVWRRGH
;
C,H,M
4 'polypeptide(L)'
;QIVLTQSPAIMSASPGEKVTITCSASSIVSYMHWFQQKPGTSPKLWIYGTSNLASGVPARFSGSGSGTSYSLTISRMEAE
DAATYYCQQRNSYPPTFGGGTKLEIK
;
D,I,N
5 'polypeptide(L)'
;VALVESGGGLVQPGGSLKLSCASGASFSNAGMSWVRQTPDRRLELVAAINRDGDITYHPDSVKGRFTISRDNAKNTLYLQ
MSSLKSEDTAMYYCAREDYYGLYFYVMDYWGQGTSVTVA
;
E,J,O
#
# COMPACT_ATOMS: atom_id res chain seq x y z
N GLY A 1 39.38 33.72 5.56
CA GLY A 1 39.78 32.38 5.16
C GLY A 1 39.25 31.99 3.79
N GLN A 2 37.98 32.32 3.54
CA GLN A 2 37.38 32.04 2.25
C GLN A 2 37.99 32.86 1.12
N PHE A 3 38.77 33.90 1.47
CA PHE A 3 39.44 34.69 0.46
C PHE A 3 40.45 33.85 -0.32
N ILE A 4 41.19 32.98 0.37
CA ILE A 4 42.14 32.11 -0.31
C ILE A 4 41.43 31.16 -1.26
N SER A 5 40.31 30.58 -0.81
CA SER A 5 39.51 29.76 -1.71
C SER A 5 38.99 30.56 -2.89
N PHE A 6 38.70 31.84 -2.68
CA PHE A 6 38.29 32.70 -3.79
C PHE A 6 39.42 32.84 -4.81
N MET A 7 40.65 33.06 -4.34
CA MET A 7 41.78 33.12 -5.27
C MET A 7 41.95 31.79 -6.01
N GLN A 8 41.75 30.68 -5.30
CA GLN A 8 41.84 29.37 -5.95
C GLN A 8 40.78 29.21 -7.04
N GLU A 9 39.56 29.68 -6.77
CA GLU A 9 38.44 29.51 -7.68
C GLU A 9 38.30 30.65 -8.69
N ILE A 10 39.20 31.63 -8.68
CA ILE A 10 39.11 32.79 -9.57
C ILE A 10 38.86 32.39 -11.02
N PRO A 11 39.60 31.44 -11.63
CA PRO A 11 39.33 31.13 -13.04
C PRO A 11 38.18 30.15 -13.21
N THR A 12 37.12 30.32 -12.44
CA THR A 12 35.90 29.52 -12.61
C THR A 12 34.68 30.42 -12.85
N PHE A 13 34.50 31.45 -12.02
CA PHE A 13 33.44 32.43 -12.23
C PHE A 13 33.93 33.69 -12.93
N LEU A 14 35.19 33.72 -13.37
CA LEU A 14 35.71 34.88 -14.07
C LEU A 14 35.04 35.08 -15.42
N GLN A 15 34.32 34.06 -15.91
CA GLN A 15 33.63 34.14 -17.19
C GLN A 15 32.21 34.68 -16.99
N GLU A 16 32.14 35.88 -16.42
CA GLU A 16 30.89 36.59 -16.20
C GLU A 16 31.14 38.08 -16.24
N ALA A 17 30.37 38.79 -17.06
CA ALA A 17 30.59 40.23 -17.25
C ALA A 17 30.42 40.99 -15.93
N LEU A 18 29.39 40.62 -15.15
CA LEU A 18 29.20 41.27 -13.87
C LEU A 18 30.36 41.00 -12.92
N ASN A 19 30.96 39.81 -12.99
CA ASN A 19 32.07 39.48 -12.11
C ASN A 19 33.29 40.35 -12.42
N ILE A 20 33.65 40.48 -13.70
CA ILE A 20 34.78 41.31 -14.05
C ILE A 20 34.50 42.76 -13.74
N ALA A 21 33.25 43.20 -13.97
CA ALA A 21 32.90 44.58 -13.64
C ALA A 21 33.07 44.85 -12.14
N LEU A 22 32.61 43.92 -11.30
CA LEU A 22 32.72 44.09 -9.86
C LEU A 22 34.17 44.07 -9.40
N VAL A 23 34.98 43.15 -9.94
CA VAL A 23 36.38 43.10 -9.52
C VAL A 23 37.12 44.35 -9.99
N ALA A 24 36.79 44.84 -11.18
CA ALA A 24 37.43 46.06 -11.68
C ALA A 24 37.06 47.27 -10.82
N VAL A 25 35.79 47.39 -10.46
CA VAL A 25 35.39 48.54 -9.64
C VAL A 25 36.00 48.44 -8.25
N SER A 26 36.10 47.22 -7.71
CA SER A 26 36.74 47.06 -6.40
C SER A 26 38.21 47.46 -6.47
N LEU A 27 38.92 47.01 -7.50
CA LEU A 27 40.34 47.33 -7.61
C LEU A 27 40.56 48.82 -7.80
N ILE A 28 39.77 49.45 -8.67
CA ILE A 28 39.95 50.88 -8.92
C ILE A 28 39.59 51.68 -7.66
N ALA A 29 38.55 51.24 -6.93
CA ALA A 29 38.20 51.91 -5.68
C ALA A 29 39.34 51.81 -4.69
N ILE A 30 39.94 50.62 -4.54
CA ILE A 30 41.03 50.45 -3.58
C ILE A 30 42.22 51.33 -3.96
N ILE A 31 42.61 51.31 -5.23
CA ILE A 31 43.81 52.03 -5.63
C ILE A 31 43.59 53.53 -5.52
N LYS A 32 42.42 54.03 -5.92
CA LYS A 32 42.21 55.47 -5.83
C LYS A 32 41.95 55.89 -4.39
N GLY A 33 41.43 55.00 -3.55
CA GLY A 33 41.40 55.31 -2.12
C GLY A 33 42.78 55.49 -1.55
N VAL A 34 43.71 54.61 -1.92
CA VAL A 34 45.09 54.73 -1.44
C VAL A 34 45.72 56.02 -1.94
N VAL A 35 45.56 56.33 -3.24
CA VAL A 35 46.18 57.52 -3.78
C VAL A 35 45.54 58.78 -3.20
N ASN A 36 44.22 58.75 -2.98
CA ASN A 36 43.53 59.90 -2.41
C ASN A 36 43.97 60.12 -0.98
N LEU A 37 44.14 59.06 -0.21
CA LEU A 37 44.63 59.20 1.16
C LEU A 37 46.06 59.73 1.17
N TYR A 38 46.90 59.28 0.23
CA TYR A 38 48.23 59.86 0.10
C TYR A 38 48.16 61.34 -0.26
N LYS A 39 47.13 61.74 -1.01
CA LYS A 39 46.90 63.15 -1.27
C LYS A 39 46.37 63.89 -0.04
N SER A 40 45.79 63.17 0.92
CA SER A 40 45.23 63.81 2.10
C SER A 40 46.33 64.38 2.98
N GLY A 41 47.22 63.52 3.47
CA GLY A 41 48.39 64.01 4.19
C GLY A 41 48.63 63.38 5.56
N LEU A 42 47.96 62.28 5.87
CA LEU A 42 48.21 61.62 7.16
C LEU A 42 49.65 61.18 7.26
N PHE A 43 50.17 60.54 6.22
CA PHE A 43 51.58 60.19 6.19
C PHE A 43 52.45 61.42 6.06
N GLN A 44 51.92 62.50 5.48
CA GLN A 44 52.62 63.78 5.51
C GLN A 44 52.79 64.27 6.93
N PHE A 45 51.75 64.12 7.77
CA PHE A 45 51.92 64.46 9.18
C PHE A 45 52.86 63.49 9.88
N PHE A 46 52.88 62.23 9.44
CA PHE A 46 53.86 61.28 9.99
C PHE A 46 55.28 61.77 9.76
N VAL A 47 55.61 62.13 8.51
CA VAL A 47 56.94 62.62 8.23
C VAL A 47 57.17 63.99 8.88
N PHE A 48 56.11 64.77 9.09
CA PHE A 48 56.23 66.03 9.77
C PHE A 48 56.66 65.84 11.23
N LEU A 49 55.97 64.94 11.94
CA LEU A 49 56.33 64.69 13.33
C LEU A 49 57.66 63.97 13.44
N ALA A 50 58.02 63.17 12.43
CA ALA A 50 59.34 62.56 12.40
C ALA A 50 60.43 63.61 12.25
N LEU A 51 60.21 64.59 11.37
CA LEU A 51 61.17 65.67 11.13
C LEU A 51 61.14 66.74 12.20
N ALA A 52 60.11 66.75 13.04
CA ALA A 52 59.95 67.79 14.05
C ALA A 52 61.14 67.87 15.00
N GLY A 53 61.83 69.00 15.02
CA GLY A 53 62.90 69.27 15.95
C GLY A 53 64.26 68.78 15.53
N ARG A 54 64.35 67.59 14.92
CA ARG A 54 65.65 67.02 14.59
C ARG A 54 66.39 67.86 13.55
N SER A 55 65.67 68.36 12.55
CA SER A 55 66.28 69.12 11.47
C SER A 55 65.56 70.46 11.31
N CYS A 56 66.35 71.51 11.09
CA CYS A 56 65.77 72.83 10.84
C CYS A 56 64.97 72.84 9.54
N THR A 57 65.50 72.22 8.49
CA THR A 57 64.83 72.19 7.20
C THR A 57 63.93 70.96 7.09
N ALA B 1 -11.69 31.67 -19.45
CA ALA B 1 -10.44 32.35 -19.70
C ALA B 1 -10.64 33.86 -19.82
N PHE B 2 -10.10 34.61 -18.87
CA PHE B 2 -10.26 36.06 -18.88
C PHE B 2 -9.11 36.70 -18.12
N LYS B 3 -8.95 38.01 -18.33
CA LYS B 3 -7.89 38.75 -17.68
C LYS B 3 -8.16 38.90 -16.19
N ILE B 4 -7.17 38.54 -15.37
CA ILE B 4 -7.26 38.66 -13.92
C ILE B 4 -6.03 39.41 -13.42
N GLY B 5 -6.25 40.44 -12.62
CA GLY B 5 -5.16 41.28 -12.17
C GLY B 5 -4.89 42.39 -13.15
N LEU B 6 -3.63 42.51 -13.59
CA LEU B 6 -3.25 43.54 -14.54
C LEU B 6 -2.47 43.02 -15.75
N HIS B 7 -1.66 41.96 -15.59
CA HIS B 7 -1.00 41.30 -16.71
C HIS B 7 -1.29 39.81 -16.81
N THR B 8 -1.99 39.23 -15.86
CA THR B 8 -2.18 37.79 -15.80
C THR B 8 -3.53 37.39 -16.37
N GLU B 9 -3.61 36.15 -16.84
CA GLU B 9 -4.84 35.62 -17.41
C GLU B 9 -5.18 34.30 -16.75
N PHE B 10 -6.47 33.97 -16.73
CA PHE B 10 -6.97 32.73 -16.17
C PHE B 10 -7.55 31.91 -17.31
N GLN B 11 -6.97 30.73 -17.54
CA GLN B 11 -7.42 29.83 -18.59
C GLN B 11 -7.23 28.40 -18.14
N THR B 12 -7.97 27.48 -18.76
CA THR B 12 -8.05 26.10 -18.32
C THR B 12 -7.68 25.17 -19.45
N VAL B 13 -7.29 23.95 -19.07
CA VAL B 13 -6.92 22.89 -20.01
C VAL B 13 -7.71 21.64 -19.65
N SER B 14 -8.31 21.01 -20.67
CA SER B 14 -9.09 19.80 -20.49
C SER B 14 -8.45 18.65 -21.26
N PHE B 15 -8.36 17.49 -20.63
CA PHE B 15 -7.69 16.33 -21.21
C PHE B 15 -8.69 15.47 -21.98
N SER B 16 -8.25 14.94 -23.12
CA SER B 16 -9.09 14.06 -23.92
C SER B 16 -9.25 12.71 -23.23
N MET B 17 -10.29 11.98 -23.64
CA MET B 17 -10.58 10.68 -23.05
C MET B 17 -10.60 9.56 -24.08
N VAL B 18 -11.17 9.79 -25.25
CA VAL B 18 -11.30 8.73 -26.24
C VAL B 18 -9.93 8.29 -26.74
N GLY B 19 -8.99 9.23 -26.86
CA GLY B 19 -7.65 8.88 -27.32
C GLY B 19 -6.93 7.99 -26.33
N LEU B 20 -7.02 8.33 -25.04
CA LEU B 20 -6.34 7.54 -24.02
C LEU B 20 -6.89 6.11 -23.97
N PHE B 21 -8.22 5.97 -24.06
CA PHE B 21 -8.81 4.64 -24.02
C PHE B 21 -8.50 3.83 -25.28
N SER B 22 -8.62 4.45 -26.46
CA SER B 22 -8.35 3.73 -27.70
C SER B 22 -6.87 3.52 -27.93
N ASN B 23 -6.02 4.15 -27.12
CA ASN B 23 -4.58 4.11 -27.33
C ASN B 23 -3.84 3.19 -26.36
N ASN B 24 -4.52 2.64 -25.36
CA ASN B 24 -3.86 1.76 -24.41
C ASN B 24 -3.43 0.47 -25.10
N PRO B 25 -2.27 -0.09 -24.75
CA PRO B 25 -1.84 -1.34 -25.41
C PRO B 25 -2.81 -2.50 -25.22
N HIS B 26 -3.52 -2.56 -24.11
CA HIS B 26 -4.47 -3.63 -23.84
C HIS B 26 -5.89 -3.10 -23.99
N ASP B 27 -6.86 -3.98 -23.72
CA ASP B 27 -8.27 -3.62 -23.73
C ASP B 27 -8.73 -3.47 -22.29
N LEU B 28 -9.28 -2.30 -21.96
CA LEU B 28 -9.63 -2.04 -20.56
C LEU B 28 -11.12 -2.24 -20.35
N PRO B 29 -11.53 -2.85 -19.24
CA PRO B 29 -12.96 -2.91 -18.92
C PRO B 29 -13.44 -1.57 -18.40
N LEU B 30 -14.51 -1.06 -18.99
CA LEU B 30 -15.02 0.26 -18.65
C LEU B 30 -16.43 0.18 -18.09
N LEU B 31 -16.67 0.94 -17.03
CA LEU B 31 -17.96 1.00 -16.38
C LEU B 31 -18.64 2.32 -16.72
N CYS B 32 -19.97 2.30 -16.77
CA CYS B 32 -20.74 3.46 -17.18
C CYS B 32 -22.08 3.44 -16.48
N THR B 33 -22.71 4.61 -16.41
CA THR B 33 -24.05 4.75 -15.88
C THR B 33 -24.82 5.70 -16.79
N LEU B 34 -25.88 5.21 -17.41
CA LEU B 34 -26.66 6.04 -18.32
C LEU B 34 -28.06 6.29 -17.76
N ASN B 35 -28.59 7.44 -18.17
CA ASN B 35 -29.76 8.08 -17.57
C ASN B 35 -29.48 8.21 -16.08
N LYS B 36 -30.39 7.79 -15.19
CA LYS B 36 -30.13 7.77 -13.76
C LYS B 36 -30.25 6.37 -13.18
N SER B 37 -30.44 5.37 -14.01
CA SER B 37 -30.67 4.03 -13.48
C SER B 37 -29.78 2.96 -14.10
N HIS B 38 -29.48 3.05 -15.39
CA HIS B 38 -28.99 1.87 -16.11
C HIS B 38 -27.48 1.74 -15.92
N LEU B 39 -27.03 0.68 -15.24
CA LEU B 39 -25.60 0.52 -15.06
C LEU B 39 -25.06 -0.42 -16.13
N TYR B 40 -23.83 -0.17 -16.56
CA TYR B 40 -23.25 -0.93 -17.66
C TYR B 40 -21.79 -1.25 -17.36
N ILE B 41 -21.37 -2.46 -17.70
CA ILE B 41 -19.97 -2.84 -17.58
C ILE B 41 -19.58 -3.54 -18.88
N LYS B 42 -18.53 -3.04 -19.52
CA LYS B 42 -18.06 -3.61 -20.79
C LYS B 42 -16.64 -4.13 -20.61
N GLY B 43 -16.47 -5.45 -20.80
CA GLY B 43 -15.17 -6.08 -20.76
C GLY B 43 -14.57 -6.19 -22.15
N GLY B 44 -14.04 -7.39 -22.43
CA GLY B 44 -13.50 -7.65 -23.75
C GLY B 44 -14.57 -7.67 -24.82
N ASN B 45 -15.53 -8.58 -24.70
CA ASN B 45 -16.63 -8.68 -25.66
C ASN B 45 -17.96 -8.98 -24.95
N ALA B 46 -18.13 -8.48 -23.74
CA ALA B 46 -19.27 -8.88 -22.90
C ALA B 46 -19.61 -7.41 -22.64
N SER B 47 -20.87 -7.03 -22.90
CA SER B 47 -21.33 -5.64 -22.74
C SER B 47 -22.51 -6.05 -21.87
N PHE B 48 -22.27 -6.10 -20.56
CA PHE B 48 -23.28 -6.48 -19.59
C PHE B 48 -24.03 -5.26 -19.06
N LYS B 49 -25.32 -5.44 -18.83
CA LYS B 49 -26.20 -4.41 -18.31
C LYS B 49 -26.75 -4.85 -16.96
N ILE B 50 -26.73 -3.93 -16.00
CA ILE B 50 -27.06 -4.20 -14.61
C ILE B 50 -28.20 -3.29 -14.18
N SER B 51 -29.20 -3.89 -13.53
CA SER B 51 -30.36 -3.18 -12.99
C SER B 51 -30.69 -3.75 -11.62
N PHE B 52 -31.46 -2.98 -10.85
CA PHE B 52 -31.85 -3.35 -9.50
C PHE B 52 -33.35 -3.22 -9.34
N ASP B 53 -34.00 -4.27 -8.84
CA ASP B 53 -35.42 -4.21 -8.51
C ASP B 53 -35.80 -5.45 -7.70
N ASP B 54 -37.00 -5.41 -7.13
CA ASP B 54 -37.49 -6.48 -6.25
C ASP B 54 -38.28 -7.54 -7.01
N ILE B 55 -37.75 -7.94 -8.17
CA ILE B 55 -38.36 -8.96 -9.01
C ILE B 55 -37.44 -10.17 -8.97
N ALA B 56 -37.99 -11.30 -8.53
CA ALA B 56 -37.25 -12.55 -8.39
C ALA B 56 -37.51 -13.40 -9.63
N VAL B 57 -36.53 -13.42 -10.54
CA VAL B 57 -36.62 -14.23 -11.74
C VAL B 57 -35.92 -15.59 -11.60
N LEU B 58 -35.14 -15.78 -10.53
CA LEU B 58 -34.41 -17.01 -10.30
C LEU B 58 -34.71 -17.52 -8.90
N LEU B 59 -34.68 -18.85 -8.73
CA LEU B 59 -35.00 -19.46 -7.45
C LEU B 59 -33.96 -20.53 -7.12
N PRO B 60 -33.58 -20.69 -5.85
CA PRO B 60 -32.56 -21.69 -5.50
C PRO B 60 -32.97 -23.12 -5.79
N GLU B 61 -34.26 -23.42 -5.73
CA GLU B 61 -34.71 -24.81 -5.88
C GLU B 61 -34.43 -25.35 -7.26
N TYR B 62 -34.64 -24.53 -8.30
CA TYR B 62 -34.49 -24.96 -9.70
C TYR B 62 -33.57 -23.97 -10.41
N ASP B 63 -32.27 -24.21 -10.29
CA ASP B 63 -31.25 -23.34 -10.89
C ASP B 63 -29.90 -24.02 -10.68
N VAL B 64 -28.84 -23.31 -11.04
CA VAL B 64 -27.49 -23.69 -10.65
C VAL B 64 -27.01 -22.69 -9.62
N ILE B 65 -26.55 -23.19 -8.47
CA ILE B 65 -26.12 -22.35 -7.36
C ILE B 65 -24.59 -22.29 -7.46
N ILE B 66 -24.10 -21.31 -8.21
CA ILE B 66 -22.66 -21.18 -8.42
C ILE B 66 -22.00 -20.77 -7.12
N GLN B 67 -21.02 -21.57 -6.68
CA GLN B 67 -20.15 -21.28 -5.55
C GLN B 67 -18.70 -21.10 -5.96
N HIS B 68 -18.28 -21.69 -7.07
CA HIS B 68 -16.90 -21.70 -7.53
C HIS B 68 -16.87 -21.33 -9.01
N PRO B 69 -15.79 -20.70 -9.48
CA PRO B 69 -15.69 -20.39 -10.91
C PRO B 69 -15.67 -21.62 -11.80
N ALA B 70 -15.32 -22.79 -11.25
CA ALA B 70 -15.36 -24.01 -12.03
C ALA B 70 -16.76 -24.34 -12.51
N ASP B 71 -17.76 -24.15 -11.64
CA ASP B 71 -19.14 -24.40 -12.02
C ASP B 71 -19.66 -23.38 -13.01
N MET B 72 -19.01 -22.22 -13.12
CA MET B 72 -19.48 -21.18 -14.02
C MET B 72 -19.50 -21.65 -15.47
N SER B 73 -18.70 -22.68 -15.79
CA SER B 73 -18.69 -23.24 -17.14
C SER B 73 -20.03 -23.85 -17.53
N TRP B 74 -20.91 -24.09 -16.57
CA TRP B 74 -22.21 -24.70 -16.84
C TRP B 74 -23.28 -23.67 -17.15
N CYS B 75 -22.93 -22.40 -17.30
CA CYS B 75 -23.90 -21.34 -17.52
C CYS B 75 -23.87 -20.76 -18.93
N SER B 76 -22.70 -20.37 -19.42
CA SER B 76 -22.59 -19.74 -20.74
C SER B 76 -21.65 -20.56 -21.62
N LYS B 77 -21.86 -20.41 -22.94
CA LYS B 77 -21.06 -21.12 -23.92
C LYS B 77 -19.81 -20.36 -24.34
N SER B 78 -19.71 -19.08 -24.03
CA SER B 78 -18.57 -18.25 -24.43
C SER B 78 -17.72 -17.93 -23.20
N ASP B 79 -16.41 -18.10 -23.35
CA ASP B 79 -15.50 -17.89 -22.21
C ASP B 79 -15.42 -16.43 -21.79
N ASP B 80 -15.67 -15.48 -22.69
CA ASP B 80 -15.58 -14.07 -22.33
C ASP B 80 -16.62 -13.68 -21.29
N GLN B 81 -17.85 -14.20 -21.43
CA GLN B 81 -18.87 -13.92 -20.43
C GLN B 81 -18.48 -14.48 -19.07
N ILE B 82 -17.92 -15.68 -19.05
CA ILE B 82 -17.47 -16.29 -17.80
C ILE B 82 -16.38 -15.44 -17.16
N TRP B 83 -15.40 -15.01 -17.96
CA TRP B 83 -14.33 -14.17 -17.46
C TRP B 83 -14.88 -12.88 -16.87
N LEU B 84 -15.79 -12.23 -17.59
CA LEU B 84 -16.32 -10.96 -17.13
C LEU B 84 -17.09 -11.13 -15.82
N SER B 85 -17.96 -12.13 -15.75
CA SER B 85 -18.74 -12.34 -14.54
C SER B 85 -17.84 -12.64 -13.34
N GLN B 86 -16.89 -13.57 -13.53
CA GLN B 86 -16.02 -13.96 -12.43
C GLN B 86 -15.20 -12.77 -11.94
N TRP B 87 -14.64 -12.00 -12.87
CA TRP B 87 -13.77 -10.90 -12.43
C TRP B 87 -14.56 -9.73 -11.87
N PHE B 88 -15.78 -9.50 -12.34
CA PHE B 88 -16.61 -8.46 -11.75
C PHE B 88 -16.96 -8.82 -10.31
N MET B 89 -17.36 -10.08 -10.08
CA MET B 89 -17.66 -10.51 -8.71
C MET B 89 -16.42 -10.48 -7.83
N ASN B 90 -15.26 -10.78 -8.41
CA ASN B 90 -14.01 -10.69 -7.65
C ASN B 90 -13.67 -9.24 -7.30
N ALA B 91 -13.93 -8.32 -8.23
CA ALA B 91 -13.61 -6.91 -8.00
C ALA B 91 -14.52 -6.30 -6.95
N VAL B 92 -15.82 -6.58 -7.01
CA VAL B 92 -16.70 -6.05 -5.98
C VAL B 92 -16.41 -6.68 -4.62
N GLY B 93 -15.80 -7.86 -4.62
CA GLY B 93 -15.41 -8.56 -3.41
C GLY B 93 -16.40 -9.65 -3.06
N HIS B 94 -16.11 -10.87 -3.54
CA HIS B 94 -16.97 -12.02 -3.34
C HIS B 94 -16.14 -13.28 -3.13
N ASP B 95 -15.15 -13.21 -2.23
CA ASP B 95 -14.32 -14.38 -1.97
C ASP B 95 -15.17 -15.64 -1.81
N TRP B 96 -15.01 -16.57 -2.74
CA TRP B 96 -16.04 -17.54 -3.08
C TRP B 96 -16.23 -18.62 -2.01
N TYR B 97 -15.36 -18.70 -1.02
CA TYR B 97 -15.45 -19.78 -0.05
C TYR B 97 -16.09 -19.39 1.27
N LEU B 98 -16.15 -18.10 1.61
CA LEU B 98 -16.90 -17.63 2.76
C LEU B 98 -17.79 -16.47 2.31
N ASP B 99 -18.96 -16.82 1.76
CA ASP B 99 -20.05 -15.95 1.33
C ASP B 99 -21.18 -16.81 0.78
N PRO B 100 -22.42 -16.34 0.78
CA PRO B 100 -23.48 -17.07 0.11
C PRO B 100 -23.22 -17.16 -1.38
N PRO B 101 -23.65 -18.24 -2.02
CA PRO B 101 -23.44 -18.40 -3.46
C PRO B 101 -24.38 -17.51 -4.25
N PHE B 102 -24.24 -17.56 -5.57
CA PHE B 102 -25.16 -16.79 -6.42
C PHE B 102 -25.71 -17.67 -7.53
N LEU B 103 -26.91 -17.33 -7.99
CA LEU B 103 -27.69 -18.20 -8.84
C LEU B 103 -27.66 -17.88 -10.33
N CYS B 104 -27.54 -18.92 -11.14
CA CYS B 104 -27.60 -18.78 -12.59
C CYS B 104 -28.40 -19.91 -13.24
N ARG B 105 -28.47 -19.89 -14.57
CA ARG B 105 -29.26 -20.83 -15.35
C ARG B 105 -28.37 -21.90 -15.97
N ASN B 106 -28.92 -23.09 -16.14
CA ASN B 106 -28.26 -24.11 -16.95
C ASN B 106 -28.16 -23.61 -18.39
N ARG B 107 -27.04 -23.94 -19.03
CA ARG B 107 -26.79 -23.41 -20.38
C ARG B 107 -27.74 -24.01 -21.41
N THR B 108 -28.08 -25.30 -21.26
CA THR B 108 -28.94 -25.95 -22.25
C THR B 108 -30.36 -25.41 -22.22
N LYS B 109 -30.74 -24.69 -21.17
CA LYS B 109 -32.07 -24.09 -21.12
C LYS B 109 -32.19 -22.99 -22.17
N THR B 110 -33.37 -22.89 -22.77
CA THR B 110 -33.60 -21.96 -23.88
C THR B 110 -34.19 -20.64 -23.37
N GLU B 111 -33.44 -19.98 -22.47
CA GLU B 111 -33.87 -18.70 -21.94
C GLU B 111 -32.71 -17.72 -21.81
N GLY B 112 -31.69 -17.86 -22.66
CA GLY B 112 -30.60 -16.91 -22.66
C GLY B 112 -29.68 -17.05 -21.46
N PHE B 113 -29.01 -15.95 -21.13
CA PHE B 113 -28.04 -15.88 -20.06
C PHE B 113 -28.41 -14.73 -19.12
N ILE B 114 -28.29 -14.96 -17.81
CA ILE B 114 -28.60 -13.95 -16.81
C ILE B 114 -28.04 -14.40 -15.47
N PHE B 115 -27.55 -13.46 -14.66
CA PHE B 115 -27.20 -13.83 -13.30
C PHE B 115 -27.71 -12.73 -12.37
N GLN B 116 -28.09 -13.13 -11.16
CA GLN B 116 -28.76 -12.26 -10.22
C GLN B 116 -28.27 -12.55 -8.81
N VAL B 117 -28.20 -11.50 -8.00
CA VAL B 117 -27.79 -11.59 -6.60
C VAL B 117 -28.78 -10.82 -5.74
N ASN B 118 -29.21 -11.41 -4.64
CA ASN B 118 -30.12 -10.73 -3.72
C ASN B 118 -29.32 -9.96 -2.66
N THR B 119 -29.66 -8.70 -2.48
CA THR B 119 -28.98 -7.82 -1.53
C THR B 119 -29.99 -7.03 -0.71
N SER B 120 -31.12 -7.66 -0.37
CA SER B 120 -32.10 -7.00 0.47
C SER B 120 -31.55 -6.78 1.86
N LYS B 121 -31.80 -5.58 2.40
CA LYS B 121 -31.27 -5.21 3.71
C LYS B 121 -32.19 -5.72 4.80
N THR B 122 -32.13 -7.03 5.02
CA THR B 122 -32.90 -7.71 6.05
C THR B 122 -31.93 -8.41 7.01
N GLY B 123 -32.50 -9.08 8.02
CA GLY B 123 -31.73 -9.75 9.05
C GLY B 123 -30.59 -10.60 8.51
N ILE B 124 -30.93 -11.64 7.74
CA ILE B 124 -29.90 -12.42 7.07
C ILE B 124 -29.45 -11.66 5.82
N ASN B 125 -28.18 -11.86 5.45
CA ASN B 125 -27.56 -11.21 4.29
C ASN B 125 -27.47 -9.70 4.47
N GLU B 126 -27.58 -9.22 5.71
CA GLU B 126 -27.37 -7.80 5.96
C GLU B 126 -25.91 -7.42 5.75
N ASN B 127 -24.99 -8.23 6.27
CA ASN B 127 -23.57 -7.96 6.09
C ASN B 127 -23.19 -8.02 4.61
N TYR B 128 -23.71 -9.01 3.89
CA TYR B 128 -23.46 -9.09 2.45
C TYR B 128 -24.06 -7.90 1.73
N ALA B 129 -25.24 -7.45 2.15
CA ALA B 129 -25.85 -6.28 1.54
C ALA B 129 -24.99 -5.05 1.73
N LYS B 130 -24.47 -4.83 2.94
CA LYS B 130 -23.63 -3.67 3.19
C LYS B 130 -22.32 -3.77 2.42
N LYS B 131 -21.72 -4.96 2.36
CA LYS B 131 -20.49 -5.13 1.60
C LYS B 131 -20.71 -4.84 0.12
N PHE B 132 -21.82 -5.31 -0.43
CA PHE B 132 -22.12 -5.04 -1.83
C PHE B 132 -22.42 -3.55 -2.05
N LYS B 133 -23.05 -2.90 -1.07
CA LYS B 133 -23.28 -1.46 -1.19
C LYS B 133 -21.96 -0.71 -1.25
N THR B 134 -21.02 -1.07 -0.38
CA THR B 134 -19.72 -0.42 -0.39
C THR B 134 -18.98 -0.68 -1.71
N GLY B 135 -19.05 -1.92 -2.21
CA GLY B 135 -18.40 -2.23 -3.48
C GLY B 135 -19.00 -1.45 -4.63
N MET B 136 -20.34 -1.34 -4.66
CA MET B 136 -21.00 -0.59 -5.71
C MET B 136 -20.64 0.88 -5.63
N HIS B 137 -20.56 1.43 -4.41
CA HIS B 137 -20.16 2.82 -4.23
C HIS B 137 -18.75 3.05 -4.73
N HIS B 138 -17.84 2.12 -4.45
CA HIS B 138 -16.46 2.28 -4.88
C HIS B 138 -16.29 2.10 -6.38
N LEU B 139 -17.11 1.24 -7.00
CA LEU B 139 -16.96 0.91 -8.41
C LEU B 139 -17.82 1.78 -9.32
N TYR B 140 -18.63 2.68 -8.77
CA TYR B 140 -19.43 3.61 -9.56
C TYR B 140 -19.41 4.96 -8.88
N ARG B 141 -19.09 6.01 -9.64
CA ARG B 141 -18.87 7.32 -9.05
C ARG B 141 -20.13 7.85 -8.36
N GLU B 142 -21.18 8.10 -9.13
CA GLU B 142 -22.44 8.58 -8.59
C GLU B 142 -23.42 7.41 -8.61
N TYR B 143 -23.35 6.59 -7.57
CA TYR B 143 -24.21 5.42 -7.47
C TYR B 143 -25.64 5.86 -7.15
N PRO B 144 -26.62 5.53 -8.00
CA PRO B 144 -28.01 5.86 -7.67
C PRO B 144 -28.49 5.21 -6.38
N ASP B 145 -28.00 4.00 -6.08
CA ASP B 145 -28.36 3.27 -4.87
C ASP B 145 -29.87 3.05 -4.79
N SER B 146 -30.38 2.29 -5.76
CA SER B 146 -31.80 1.92 -5.75
C SER B 146 -32.05 0.90 -4.66
N CYS B 147 -33.30 0.42 -4.60
CA CYS B 147 -33.76 -0.58 -3.64
C CYS B 147 -33.31 -0.26 -2.22
N LEU B 148 -33.82 0.86 -1.71
CA LEU B 148 -33.51 1.31 -0.36
C LEU B 148 -34.00 0.27 0.66
N ASP B 149 -33.55 0.44 1.89
CA ASP B 149 -33.83 -0.51 2.97
C ASP B 149 -35.33 -0.76 3.11
N GLY B 150 -35.75 -1.98 2.80
CA GLY B 150 -37.17 -2.31 2.81
C GLY B 150 -37.44 -3.79 2.65
N LYS B 151 -38.43 -4.12 1.82
CA LYS B 151 -38.85 -5.52 1.70
C LYS B 151 -37.80 -6.36 0.98
N LEU B 152 -37.52 -6.03 -0.28
CA LEU B 152 -36.61 -6.85 -1.08
C LEU B 152 -35.85 -5.98 -2.06
N CYS B 153 -34.72 -6.51 -2.54
CA CYS B 153 -33.89 -5.83 -3.51
C CYS B 153 -32.98 -6.87 -4.16
N LEU B 154 -33.13 -7.07 -5.46
CA LEU B 154 -32.32 -8.03 -6.20
C LEU B 154 -31.69 -7.34 -7.39
N MET B 155 -30.40 -7.57 -7.60
CA MET B 155 -29.71 -7.03 -8.76
C MET B 155 -29.64 -8.12 -9.82
N LYS B 156 -29.83 -7.70 -11.07
CA LYS B 156 -29.80 -8.60 -12.23
C LYS B 156 -28.81 -8.06 -13.25
N ALA B 157 -28.04 -8.96 -13.84
CA ALA B 157 -27.13 -8.63 -14.93
C ALA B 157 -27.45 -9.51 -16.12
N GLN B 158 -27.65 -8.87 -17.27
CA GLN B 158 -28.06 -9.51 -18.51
C GLN B 158 -27.22 -9.00 -19.67
N PRO B 159 -27.09 -9.79 -20.74
CA PRO B 159 -26.31 -9.32 -21.89
C PRO B 159 -27.13 -8.50 -22.87
N THR B 160 -26.71 -7.28 -23.13
CA THR B 160 -27.34 -6.40 -24.10
C THR B 160 -26.28 -5.77 -24.98
N SER B 161 -26.73 -5.23 -26.12
CA SER B 161 -25.83 -4.52 -27.02
C SER B 161 -25.30 -3.26 -26.34
N TRP B 162 -24.05 -2.94 -26.61
CA TRP B 162 -23.41 -1.79 -25.97
C TRP B 162 -23.93 -0.49 -26.57
N PRO B 163 -24.51 0.41 -25.78
CA PRO B 163 -25.02 1.67 -26.34
C PRO B 163 -23.89 2.61 -26.71
N LEU B 164 -24.04 3.29 -27.83
CA LEU B 164 -23.02 4.22 -28.33
C LEU B 164 -23.23 5.65 -27.84
N GLN B 165 -23.41 5.83 -26.53
CA GLN B 165 -23.48 7.16 -25.95
C GLN B 165 -22.92 7.23 -24.54
N CYS B 166 -22.39 6.15 -23.99
CA CYS B 166 -21.90 6.17 -22.62
C CYS B 166 -20.71 7.12 -22.50
N PRO B 167 -20.69 8.00 -21.49
CA PRO B 167 -19.49 8.80 -21.25
C PRO B 167 -18.33 7.93 -20.82
N LEU B 168 -17.31 7.80 -21.67
CA LEU B 168 -16.21 6.89 -21.39
C LEU B 168 -15.33 7.43 -20.28
N ASP B 169 -15.83 7.39 -19.04
CA ASP B 169 -15.06 7.85 -17.91
C ASP B 169 -13.93 6.88 -17.59
N HIS B 170 -12.95 7.37 -16.83
CA HIS B 170 -11.78 6.58 -16.49
C HIS B 170 -11.53 6.44 -15.01
N VAL B 171 -12.19 7.24 -14.16
CA VAL B 171 -12.05 7.05 -12.72
C VAL B 171 -12.58 5.68 -12.31
N ASN B 172 -13.72 5.30 -12.88
CA ASN B 172 -14.32 4.02 -12.53
C ASN B 172 -13.44 2.86 -13.01
N THR B 173 -12.81 3.01 -14.18
CA THR B 173 -11.89 1.98 -14.64
C THR B 173 -10.71 1.85 -13.69
N LEU B 174 -10.17 2.97 -13.21
CA LEU B 174 -9.07 2.91 -12.24
C LEU B 174 -9.50 2.20 -10.97
N HIS B 175 -10.70 2.49 -10.47
CA HIS B 175 -11.16 1.80 -9.26
C HIS B 175 -11.41 0.32 -9.51
N PHE B 176 -11.89 -0.03 -10.70
CA PHE B 176 -12.08 -1.45 -11.03
C PHE B 176 -10.74 -2.18 -11.04
N LEU B 177 -9.72 -1.55 -11.62
CA LEU B 177 -8.40 -2.17 -11.62
C LEU B 177 -7.81 -2.26 -10.21
N THR B 178 -8.04 -1.22 -9.39
CA THR B 178 -7.48 -1.23 -8.04
C THR B 178 -8.14 -2.29 -7.16
N ARG B 179 -9.48 -2.33 -7.16
CA ARG B 179 -10.18 -3.32 -6.33
C ARG B 179 -9.93 -4.74 -6.82
N GLY B 180 -10.00 -4.95 -8.13
CA GLY B 180 -9.75 -6.28 -8.67
C GLY B 180 -8.29 -6.66 -8.52
N LYS B 181 -8.05 -7.83 -7.94
CA LYS B 181 -6.69 -8.32 -7.70
C LYS B 181 -6.34 -9.39 -8.72
N ASN B 182 -5.14 -9.28 -9.27
CA ASN B 182 -4.62 -10.23 -10.26
C ASN B 182 -5.52 -10.31 -11.50
N ILE B 183 -6.16 -9.20 -11.85
CA ILE B 183 -6.99 -9.14 -13.06
C ILE B 183 -6.07 -9.09 -14.27
N GLN B 184 -6.32 -9.95 -15.24
CA GLN B 184 -5.49 -10.05 -16.44
C GLN B 184 -6.25 -9.47 -17.63
N LEU B 185 -5.78 -8.34 -18.13
CA LEU B 185 -6.42 -7.67 -19.26
C LEU B 185 -5.87 -8.22 -20.56
N PRO B 186 -6.72 -8.68 -21.48
CA PRO B 186 -6.20 -9.30 -22.71
C PRO B 186 -5.78 -8.29 -23.76
N ARG B 187 -5.17 -8.77 -24.83
CA ARG B 187 -4.71 -7.95 -25.95
C ARG B 187 -3.75 -6.84 -25.50
N ALA C 1 12.49 6.63 -20.59
CA ALA C 1 12.28 6.45 -19.16
C ALA C 1 10.86 6.86 -18.76
N PHE C 2 10.66 7.10 -17.48
CA PHE C 2 9.37 7.53 -16.94
C PHE C 2 9.50 8.95 -16.40
N PHE C 3 8.43 9.43 -15.76
CA PHE C 3 8.36 10.82 -15.33
C PHE C 3 9.19 11.01 -14.06
N SER C 4 10.49 11.14 -14.26
CA SER C 4 11.41 11.59 -13.22
C SER C 4 12.43 12.58 -13.80
N TRP C 5 11.96 13.49 -14.66
CA TRP C 5 12.85 14.37 -15.40
C TRP C 5 13.61 15.30 -14.47
N SER C 6 14.85 15.58 -14.85
CA SER C 6 15.73 16.49 -14.12
C SER C 6 16.01 17.75 -14.95
N LEU C 7 14.97 18.25 -15.61
CA LEU C 7 15.06 19.43 -16.47
C LEU C 7 16.07 19.25 -17.59
N GLY C 18 10.05 23.02 -23.49
CA GLY C 18 9.92 22.02 -22.45
C GLY C 18 9.01 20.87 -22.83
N TYR C 19 8.53 20.13 -21.83
CA TYR C 19 7.64 19.01 -22.07
C TYR C 19 6.30 19.50 -22.58
N CYS C 20 5.93 19.07 -23.79
CA CYS C 20 4.67 19.45 -24.40
C CYS C 20 3.68 18.29 -24.42
N LEU C 21 2.40 18.65 -24.44
CA LEU C 21 1.30 17.71 -24.54
C LEU C 21 0.86 17.66 -26.00
N GLU C 22 0.89 16.47 -26.59
CA GLU C 22 0.62 16.32 -28.00
C GLU C 22 -0.86 16.62 -28.30
N GLU C 23 -1.16 16.72 -29.60
CA GLU C 23 -2.49 17.14 -30.03
C GLU C 23 -3.57 16.13 -29.62
N TRP C 24 -3.28 14.84 -29.77
CA TRP C 24 -4.28 13.81 -29.53
C TRP C 24 -4.59 13.68 -28.05
N MET C 25 -3.76 14.25 -27.19
CA MET C 25 -3.97 14.20 -25.75
C MET C 25 -4.92 15.28 -25.24
N LEU C 26 -5.07 16.37 -25.97
CA LEU C 26 -5.86 17.51 -25.53
C LEU C 26 -7.16 17.60 -26.31
N VAL C 27 -8.21 18.11 -25.64
CA VAL C 27 -9.52 18.21 -26.27
C VAL C 27 -9.49 19.20 -27.43
N ALA C 28 -8.71 20.27 -27.30
CA ALA C 28 -8.60 21.26 -28.37
C ALA C 28 -7.80 20.73 -29.56
N ALA C 29 -7.11 19.60 -29.41
CA ALA C 29 -6.36 18.96 -30.48
C ALA C 29 -5.32 19.91 -31.07
N LYS C 30 -4.48 20.46 -30.19
CA LYS C 30 -3.43 21.36 -30.61
C LYS C 30 -2.21 21.13 -29.73
N MET C 31 -1.03 21.18 -30.33
CA MET C 31 0.22 20.98 -29.62
C MET C 31 0.47 22.12 -28.64
N LYS C 32 0.46 21.80 -27.35
CA LYS C 32 0.55 22.79 -26.28
C LYS C 32 1.77 22.48 -25.42
N CYS C 33 2.79 23.32 -25.51
CA CYS C 33 4.04 23.11 -24.77
C CYS C 33 3.77 23.74 -23.41
N PHE C 34 3.98 22.96 -22.35
CA PHE C 34 3.90 23.49 -21.00
C PHE C 34 5.33 23.90 -20.64
N GLY C 35 5.43 24.83 -19.70
CA GLY C 35 6.74 25.30 -19.27
C GLY C 35 7.53 24.19 -18.59
N ASN C 36 8.84 24.17 -18.84
CA ASN C 36 9.70 23.16 -18.24
C ASN C 36 9.78 23.33 -16.73
N THR C 37 9.89 24.58 -16.27
CA THR C 37 9.99 24.83 -14.83
C THR C 37 8.73 24.39 -14.10
N ALA C 38 7.56 24.69 -14.66
CA ALA C 38 6.31 24.30 -14.02
C ALA C 38 6.14 22.77 -14.04
N VAL C 39 6.50 22.14 -15.16
CA VAL C 39 6.37 20.69 -15.26
C VAL C 39 7.30 20.00 -14.27
N ALA C 40 8.50 20.54 -14.09
CA ALA C 40 9.47 19.94 -13.18
C ALA C 40 9.07 20.07 -11.71
N LYS C 41 8.02 20.83 -11.41
CA LYS C 41 7.61 21.03 -10.02
C LYS C 41 7.23 19.71 -9.37
N CYS C 42 6.46 18.87 -10.06
CA CYS C 42 6.00 17.60 -9.50
C CYS C 42 6.91 16.44 -9.88
N ASN C 43 8.20 16.58 -9.63
CA ASN C 43 9.09 15.42 -9.67
C ASN C 43 9.07 14.64 -8.37
N LEU C 44 8.45 15.19 -7.32
CA LEU C 44 8.27 14.50 -6.05
C LEU C 44 6.87 14.64 -5.49
N ASN C 45 6.03 15.50 -6.04
CA ASN C 45 4.67 15.68 -5.54
C ASN C 45 3.85 14.42 -5.78
N HIS C 46 3.11 14.00 -4.75
CA HIS C 46 2.21 12.85 -4.84
C HIS C 46 0.76 13.23 -4.70
N ASP C 47 0.45 14.53 -4.65
CA ASP C 47 -0.91 15.03 -4.46
C ASP C 47 -1.28 16.01 -5.56
N SER C 48 -1.01 15.64 -6.81
CA SER C 48 -1.34 16.47 -7.97
C SER C 48 -1.96 15.55 -9.02
N GLU C 49 -3.28 15.65 -9.19
CA GLU C 49 -3.97 14.80 -10.15
C GLU C 49 -3.51 15.08 -11.57
N PHE C 50 -3.14 16.33 -11.86
CA PHE C 50 -2.63 16.66 -13.18
C PHE C 50 -1.37 15.87 -13.49
N CYS C 51 -0.48 15.75 -12.51
CA CYS C 51 0.76 15.00 -12.73
C CYS C 51 0.51 13.50 -12.76
N ASP C 52 -0.52 13.02 -12.06
CA ASP C 52 -0.90 11.61 -12.20
C ASP C 52 -1.36 11.31 -13.62
N MET C 53 -2.18 12.19 -14.19
CA MET C 53 -2.59 12.03 -15.57
C MET C 53 -1.38 12.15 -16.50
N LEU C 54 -0.44 13.03 -16.19
CA LEU C 54 0.77 13.14 -16.99
C LEU C 54 1.57 11.84 -16.98
N ARG C 55 1.70 11.22 -15.81
CA ARG C 55 2.42 9.95 -15.73
C ARG C 55 1.69 8.86 -16.51
N LEU C 56 0.36 8.81 -16.42
CA LEU C 56 -0.40 7.84 -17.20
C LEU C 56 -0.16 8.02 -18.69
N PHE C 57 -0.20 9.27 -19.15
CA PHE C 57 0.00 9.52 -20.57
C PHE C 57 1.43 9.24 -21.01
N ASP C 58 2.41 9.47 -20.14
CA ASP C 58 3.79 9.12 -20.48
C ASP C 58 3.95 7.60 -20.61
N TYR C 59 3.32 6.85 -19.72
CA TYR C 59 3.35 5.39 -19.85
C TYR C 59 2.71 4.95 -21.14
N ASN C 60 1.57 5.57 -21.50
CA ASN C 60 0.93 5.24 -22.77
C ASN C 60 1.85 5.55 -23.94
N LYS C 61 2.55 6.69 -23.90
CA LYS C 61 3.45 7.07 -24.98
C LYS C 61 4.56 6.05 -25.14
N ASN C 62 5.15 5.61 -24.02
CA ASN C 62 6.15 4.55 -24.09
C ASN C 62 5.53 3.27 -24.64
N ALA C 63 4.25 3.04 -24.37
CA ALA C 63 3.57 1.87 -24.92
C ALA C 63 3.50 1.92 -26.43
N ILE C 64 3.13 3.07 -27.00
CA ILE C 64 3.12 3.13 -28.47
C ILE C 64 4.54 3.01 -29.00
N LYS C 65 5.53 3.58 -28.31
CA LYS C 65 6.91 3.46 -28.78
C LYS C 65 7.32 1.99 -28.86
N THR C 66 7.02 1.22 -27.81
CA THR C 66 7.32 -0.21 -27.84
C THR C 66 6.54 -0.93 -28.93
N LEU C 67 5.24 -0.62 -29.06
CA LEU C 67 4.40 -1.34 -30.01
C LEU C 67 4.86 -1.11 -31.45
N ASN C 68 5.19 0.13 -31.80
CA ASN C 68 5.67 0.42 -33.14
C ASN C 68 7.14 0.08 -33.32
N ASP C 69 7.87 -0.20 -32.24
CA ASP C 69 9.22 -0.74 -32.35
C ASP C 69 9.23 -2.24 -32.60
N GLU C 70 8.08 -2.90 -32.49
CA GLU C 70 7.94 -4.34 -32.75
C GLU C 70 8.91 -5.16 -31.88
N THR C 71 8.69 -5.07 -30.57
CA THR C 71 9.50 -5.77 -29.59
C THR C 71 8.73 -6.97 -29.04
N LYS C 72 9.42 -7.74 -28.18
CA LYS C 72 8.84 -8.90 -27.51
C LYS C 72 8.64 -8.66 -26.02
N LYS C 73 8.58 -7.40 -25.60
CA LYS C 73 8.45 -7.08 -24.19
C LYS C 73 7.15 -7.64 -23.62
N GLN C 74 7.26 -8.28 -22.46
CA GLN C 74 6.10 -8.88 -21.78
C GLN C 74 5.45 -7.81 -20.92
N VAL C 75 4.75 -6.90 -21.58
CA VAL C 75 4.12 -5.75 -20.90
C VAL C 75 2.83 -6.24 -20.28
N ASN C 76 2.91 -6.69 -19.02
CA ASN C 76 1.71 -7.12 -18.31
C ASN C 76 0.94 -5.91 -17.80
N LEU C 77 -0.36 -5.90 -18.05
CA LEU C 77 -1.25 -4.86 -17.55
C LEU C 77 -2.19 -5.48 -16.53
N MET C 78 -2.07 -5.06 -15.29
CA MET C 78 -2.85 -5.63 -14.20
C MET C 78 -3.14 -4.54 -13.18
N GLY C 79 -3.90 -4.90 -12.15
CA GLY C 79 -4.27 -3.92 -11.14
C GLY C 79 -3.06 -3.32 -10.45
N GLN C 80 -2.05 -4.14 -10.17
CA GLN C 80 -0.86 -3.67 -9.48
C GLN C 80 -0.10 -2.63 -10.30
N THR C 81 -0.06 -2.81 -11.63
CA THR C 81 0.65 -1.85 -12.47
C THR C 81 0.02 -0.47 -12.39
N ILE C 82 -1.29 -0.38 -12.59
CA ILE C 82 -1.97 0.91 -12.51
C ILE C 82 -1.91 1.47 -11.10
N ASN C 83 -1.99 0.60 -10.09
CA ASN C 83 -1.84 1.06 -8.71
C ASN C 83 -0.46 1.68 -8.49
N ALA C 84 0.57 1.08 -9.09
CA ALA C 84 1.92 1.63 -8.96
C ALA C 84 2.08 2.92 -9.74
N LEU C 85 1.34 3.08 -10.83
CA LEU C 85 1.46 4.28 -11.65
C LEU C 85 0.84 5.50 -10.97
N ILE C 86 -0.47 5.46 -10.74
CA ILE C 86 -1.17 6.57 -10.08
C ILE C 86 -1.00 6.43 -8.58
N SER C 87 -1.35 7.48 -7.84
CA SER C 87 -1.28 7.47 -6.38
C SER C 87 -2.58 6.91 -5.83
N ASP C 88 -2.49 5.74 -5.18
CA ASP C 88 -3.68 5.12 -4.60
C ASP C 88 -4.27 5.99 -3.50
N ASN C 89 -3.41 6.58 -2.67
CA ASN C 89 -3.90 7.39 -1.55
C ASN C 89 -4.69 8.60 -2.05
N LEU C 90 -4.18 9.27 -3.07
CA LEU C 90 -4.86 10.47 -3.57
C LEU C 90 -6.22 10.12 -4.17
N LEU C 91 -6.28 9.07 -4.98
CA LEU C 91 -7.54 8.69 -5.60
C LEU C 91 -8.54 8.20 -4.56
N MET C 92 -8.06 7.46 -3.57
CA MET C 92 -8.94 7.02 -2.48
C MET C 92 -9.49 8.21 -1.71
N LYS C 93 -8.63 9.22 -1.46
CA LYS C 93 -9.10 10.43 -0.80
C LYS C 93 -10.13 11.16 -1.65
N ASN C 94 -9.93 11.18 -2.97
CA ASN C 94 -10.90 11.81 -3.86
C ASN C 94 -12.25 11.10 -3.80
N LYS C 95 -12.23 9.76 -3.80
CA LYS C 95 -13.49 9.02 -3.69
C LYS C 95 -14.14 9.23 -2.33
N ILE C 96 -13.33 9.33 -1.28
CA ILE C 96 -13.86 9.63 0.05
C ILE C 96 -14.57 10.98 0.03
N ARG C 97 -13.91 11.98 -0.56
CA ARG C 97 -14.52 13.30 -0.66
C ARG C 97 -15.74 13.28 -1.58
N GLU C 98 -15.83 12.27 -2.44
CA GLU C 98 -17.02 12.12 -3.27
C GLU C 98 -18.19 11.57 -2.44
N LEU C 99 -17.90 10.65 -1.52
CA LEU C 99 -18.96 10.02 -0.75
C LEU C 99 -19.78 11.04 0.02
N MET C 100 -19.15 11.74 0.97
CA MET C 100 -19.80 12.92 1.54
C MET C 100 -19.84 14.04 0.51
N SER C 101 -20.93 14.80 0.49
CA SER C 101 -21.17 15.78 -0.56
C SER C 101 -20.28 17.01 -0.33
N VAL C 102 -19.03 16.88 -0.74
CA VAL C 102 -18.07 17.99 -0.74
C VAL C 102 -17.38 17.99 -2.09
N PRO C 103 -16.82 19.14 -2.50
CA PRO C 103 -16.23 19.22 -3.84
C PRO C 103 -15.10 18.23 -4.05
N TYR C 104 -15.00 17.73 -5.28
CA TYR C 104 -13.92 16.85 -5.72
C TYR C 104 -13.73 17.08 -7.21
N CYS C 105 -12.84 16.30 -7.84
CA CYS C 105 -12.59 16.46 -9.27
C CYS C 105 -12.27 15.12 -9.89
N ASN C 106 -12.90 14.81 -11.01
CA ASN C 106 -12.73 13.50 -11.64
C ASN C 106 -11.67 13.51 -12.75
N TYR C 107 -10.49 14.07 -12.45
CA TYR C 107 -9.30 13.89 -13.27
C TYR C 107 -9.50 14.26 -14.74
N THR C 108 -10.26 15.32 -15.00
CA THR C 108 -10.52 15.69 -16.39
C THR C 108 -10.40 17.18 -16.70
N LYS C 109 -10.50 18.07 -15.72
CA LYS C 109 -10.49 19.51 -15.98
C LYS C 109 -9.49 20.18 -15.06
N PHE C 110 -8.59 20.97 -15.62
CA PHE C 110 -7.55 21.66 -14.87
C PHE C 110 -7.44 23.09 -15.34
N TRP C 111 -7.11 23.99 -14.41
CA TRP C 111 -7.02 25.42 -14.69
C TRP C 111 -5.76 25.99 -14.05
N TYR C 112 -5.28 27.09 -14.62
CA TYR C 112 -4.05 27.71 -14.17
C TYR C 112 -4.09 29.20 -14.43
N VAL C 113 -3.24 29.94 -13.73
CA VAL C 113 -3.07 31.38 -13.95
C VAL C 113 -1.83 31.59 -14.80
N ASN C 114 -1.98 32.35 -15.88
CA ASN C 114 -0.93 32.54 -16.87
C ASN C 114 -0.45 33.99 -16.84
N HIS C 115 0.87 34.16 -16.82
CA HIS C 115 1.50 35.47 -16.94
C HIS C 115 1.91 35.64 -18.40
N THR C 116 1.10 36.38 -19.16
CA THR C 116 1.21 36.38 -20.62
C THR C 116 2.43 37.13 -21.15
N LEU C 117 3.14 37.88 -20.31
CA LEU C 117 4.26 38.67 -20.84
C LEU C 117 5.54 37.86 -20.92
N SER C 118 5.82 37.01 -19.93
CA SER C 118 7.03 36.20 -19.93
C SER C 118 6.75 34.72 -20.17
N GLY C 119 5.50 34.33 -20.36
CA GLY C 119 5.17 32.95 -20.64
C GLY C 119 5.19 32.04 -19.43
N GLN C 120 5.41 32.57 -18.23
CA GLN C 120 5.44 31.77 -17.02
C GLN C 120 4.02 31.53 -16.53
N HIS C 121 3.74 30.29 -16.14
CA HIS C 121 2.41 29.89 -15.71
C HIS C 121 2.50 29.06 -14.44
N SER C 122 1.41 29.05 -13.68
CA SER C 122 1.33 28.25 -12.48
C SER C 122 1.00 26.81 -12.82
N LEU C 123 1.24 25.93 -11.85
CA LEU C 123 0.89 24.53 -12.03
C LEU C 123 -0.63 24.39 -12.06
N PRO C 124 -1.19 23.68 -13.05
CA PRO C 124 -2.64 23.58 -13.16
C PRO C 124 -3.24 22.75 -12.02
N ARG C 125 -4.06 23.39 -11.21
CA ARG C 125 -4.79 22.69 -10.16
C ARG C 125 -5.97 21.95 -10.77
N CYS C 126 -6.84 21.41 -9.93
CA CYS C 126 -8.01 20.66 -10.38
C CYS C 126 -9.27 21.47 -10.14
N TRP C 127 -10.10 21.61 -11.17
CA TRP C 127 -11.36 22.34 -11.04
C TRP C 127 -12.38 21.45 -10.33
N LEU C 128 -12.67 21.78 -9.08
CA LEU C 128 -13.53 20.94 -8.26
C LEU C 128 -14.96 20.93 -8.81
N ILE C 129 -15.67 19.83 -8.56
CA ILE C 129 -17.02 19.62 -9.06
C ILE C 129 -17.92 19.28 -7.89
N LYS C 130 -19.24 19.36 -8.13
CA LYS C 130 -20.23 19.04 -7.10
C LYS C 130 -21.59 18.88 -7.76
N ASN C 131 -22.29 17.82 -7.37
CA ASN C 131 -23.66 17.56 -7.84
C ASN C 131 -23.73 17.53 -9.37
N ASN C 132 -22.76 16.85 -9.98
CA ASN C 132 -22.68 16.72 -11.44
C ASN C 132 -22.64 18.08 -12.12
N SER C 133 -21.92 19.02 -11.52
CA SER C 133 -21.75 20.35 -12.10
C SER C 133 -20.42 20.92 -11.64
N TYR C 134 -19.91 21.86 -12.42
CA TYR C 134 -18.65 22.51 -12.07
C TYR C 134 -18.89 23.64 -11.06
N LEU C 135 -17.79 24.14 -10.51
CA LEU C 135 -17.84 25.24 -9.57
C LEU C 135 -17.55 26.55 -10.30
N ASN C 136 -18.41 27.54 -10.12
CA ASN C 136 -18.28 28.82 -10.79
C ASN C 136 -17.49 29.80 -9.92
N ILE C 137 -17.39 31.04 -10.41
CA ILE C 137 -16.49 32.01 -9.79
C ILE C 137 -16.99 32.46 -8.43
N SER C 138 -18.30 32.28 -8.15
CA SER C 138 -18.86 32.76 -6.89
C SER C 138 -18.25 32.03 -5.70
N ASP C 139 -18.08 30.71 -5.82
CA ASP C 139 -17.55 29.89 -4.73
C ASP C 139 -16.08 29.54 -4.92
N PHE C 140 -15.40 30.23 -5.83
CA PHE C 140 -14.03 29.88 -6.19
C PHE C 140 -13.09 31.07 -6.33
N ARG C 141 -13.57 32.31 -6.10
CA ARG C 141 -12.74 33.47 -6.40
C ARG C 141 -11.60 33.62 -5.39
N ASN C 142 -11.70 33.00 -4.23
CA ASN C 142 -10.69 33.19 -3.20
C ASN C 142 -9.37 32.50 -3.53
N ASP C 143 -9.34 31.67 -4.57
CA ASP C 143 -8.15 30.87 -4.86
C ASP C 143 -7.24 31.52 -5.89
N TRP C 144 -7.78 31.89 -7.05
CA TRP C 144 -6.91 32.36 -8.14
C TRP C 144 -6.23 33.68 -7.83
N ILE C 145 -6.80 34.51 -6.94
CA ILE C 145 -6.14 35.77 -6.60
C ILE C 145 -4.81 35.50 -5.90
N LEU C 146 -4.84 34.66 -4.86
CA LEU C 146 -3.60 34.31 -4.19
C LEU C 146 -2.71 33.46 -5.08
N GLU C 147 -3.30 32.68 -5.98
CA GLU C 147 -2.49 31.93 -6.92
C GLU C 147 -1.67 32.86 -7.82
N SER C 148 -2.30 33.91 -8.34
CA SER C 148 -1.59 34.87 -9.18
C SER C 148 -0.55 35.65 -8.38
N ASP C 149 -0.89 36.04 -7.14
CA ASP C 149 0.07 36.74 -6.30
C ASP C 149 1.30 35.87 -6.05
N PHE C 150 1.08 34.59 -5.73
CA PHE C 150 2.19 33.67 -5.52
C PHE C 150 2.96 33.44 -6.81
N LEU C 151 2.29 33.44 -7.95
CA LEU C 151 2.99 33.30 -9.23
C LEU C 151 3.96 34.46 -9.45
N ILE C 152 3.49 35.68 -9.20
CA ILE C 152 4.36 36.84 -9.38
C ILE C 152 5.53 36.79 -8.40
N SER C 153 5.25 36.45 -7.14
CA SER C 153 6.31 36.35 -6.14
C SER C 153 7.33 35.29 -6.53
N GLU C 154 6.86 34.13 -6.98
CA GLU C 154 7.76 33.05 -7.37
C GLU C 154 8.60 33.45 -8.58
N MET C 155 8.00 34.15 -9.55
CA MET C 155 8.76 34.60 -10.71
C MET C 155 9.87 35.56 -10.30
N LEU C 156 9.54 36.53 -9.42
CA LEU C 156 10.55 37.47 -8.97
C LEU C 156 11.66 36.75 -8.19
N SER C 157 11.28 35.82 -7.31
CA SER C 157 12.27 35.09 -6.53
C SER C 157 13.18 34.27 -7.43
N LYS C 158 12.61 33.60 -8.44
CA LYS C 158 13.42 32.80 -9.35
C LYS C 158 14.37 33.67 -10.16
N GLU C 159 13.89 34.81 -10.66
CA GLU C 159 14.75 35.71 -11.42
C GLU C 159 15.89 36.23 -10.54
N TYR C 160 15.60 36.51 -9.27
CA TYR C 160 16.67 36.95 -8.37
C TYR C 160 17.66 35.82 -8.13
N SER C 161 17.16 34.62 -7.84
CA SER C 161 18.03 33.50 -7.50
C SER C 161 18.89 33.09 -8.70
N ASP C 162 18.44 33.36 -9.92
CA ASP C 162 19.23 33.04 -11.10
C ASP C 162 20.58 33.74 -11.07
N ARG C 163 20.57 35.05 -10.81
CA ARG C 163 21.82 35.79 -10.66
C ARG C 163 22.46 35.50 -9.31
N GLN C 164 21.64 35.18 -8.30
CA GLN C 164 22.14 34.94 -6.95
C GLN C 164 23.10 33.75 -6.92
N GLY C 165 22.75 32.68 -7.64
CA GLY C 165 23.52 31.46 -7.60
C GLY C 165 24.63 31.40 -8.62
N LYS C 166 25.14 32.56 -9.03
CA LYS C 166 26.23 32.60 -10.00
C LYS C 166 27.30 33.64 -9.65
N THR C 167 27.18 34.31 -8.52
CA THR C 167 28.16 35.28 -8.07
C THR C 167 28.59 34.98 -6.64
N PRO C 168 29.84 35.22 -6.30
CA PRO C 168 30.32 34.88 -4.95
C PRO C 168 30.01 35.96 -3.92
N LEU C 169 29.70 35.53 -2.69
CA LEU C 169 29.43 36.49 -1.62
C LEU C 169 30.68 37.26 -1.23
N THR C 170 31.85 36.62 -1.32
CA THR C 170 33.09 37.29 -0.98
C THR C 170 33.35 38.47 -1.90
N LEU C 171 33.02 38.33 -3.19
CA LEU C 171 33.24 39.41 -4.14
C LEU C 171 32.40 40.64 -3.77
N VAL C 172 31.11 40.44 -3.51
CA VAL C 172 30.25 41.57 -3.20
C VAL C 172 30.63 42.18 -1.84
N ASP C 173 31.05 41.33 -0.89
CA ASP C 173 31.52 41.88 0.38
C ASP C 173 32.76 42.74 0.18
N ILE C 174 33.69 42.28 -0.66
CA ILE C 174 34.88 43.06 -0.96
C ILE C 174 34.50 44.38 -1.62
N CYS C 175 33.56 44.33 -2.56
CA CYS C 175 33.11 45.56 -3.22
C CYS C 175 32.50 46.54 -2.22
N PHE C 176 31.67 46.04 -1.30
CA PHE C 176 31.04 46.90 -0.32
C PHE C 176 32.07 47.55 0.59
N TRP C 177 33.03 46.77 1.09
CA TRP C 177 34.03 47.34 1.99
C TRP C 177 34.94 48.31 1.24
N SER C 178 35.28 48.00 -0.01
CA SER C 178 36.07 48.93 -0.81
C SER C 178 35.31 50.23 -1.04
N THR C 179 34.00 50.15 -1.29
CA THR C 179 33.20 51.35 -1.48
C THR C 179 33.14 52.20 -0.21
N VAL C 180 32.97 51.56 0.95
CA VAL C 180 32.90 52.34 2.18
C VAL C 180 34.25 52.99 2.49
N PHE C 181 35.35 52.29 2.23
CA PHE C 181 36.66 52.91 2.41
C PHE C 181 36.87 54.05 1.42
N PHE C 182 36.40 53.87 0.18
CA PHE C 182 36.49 54.92 -0.83
C PHE C 182 35.76 56.17 -0.36
N THR C 183 34.54 56.01 0.15
CA THR C 183 33.79 57.16 0.65
C THR C 183 34.49 57.81 1.83
N ALA C 184 35.00 57.01 2.76
CA ALA C 184 35.68 57.57 3.93
C ALA C 184 36.90 58.39 3.51
N SER C 185 37.71 57.85 2.60
CA SER C 185 38.91 58.56 2.17
C SER C 185 38.54 59.80 1.35
N LEU C 186 37.47 59.72 0.55
CA LEU C 186 37.01 60.90 -0.17
C LEU C 186 36.65 62.01 0.79
N PHE C 187 35.91 61.69 1.85
CA PHE C 187 35.59 62.69 2.85
C PHE C 187 36.85 63.22 3.51
N LEU C 188 37.81 62.34 3.79
CA LEU C 188 39.06 62.77 4.43
C LEU C 188 39.80 63.78 3.57
N HIS C 189 39.81 63.56 2.26
CA HIS C 189 40.34 64.57 1.35
C HIS C 189 39.51 65.85 1.42
N LEU C 190 38.19 65.71 1.46
CA LEU C 190 37.31 66.85 1.31
C LEU C 190 37.43 67.82 2.47
N VAL C 191 37.33 67.33 3.71
CA VAL C 191 37.33 68.22 4.85
C VAL C 191 38.68 68.93 4.99
N GLY C 192 39.76 68.22 4.67
CA GLY C 192 41.09 68.79 4.77
C GLY C 192 41.65 68.68 6.18
N ILE C 193 42.92 68.31 6.29
CA ILE C 193 43.58 68.12 7.57
C ILE C 193 44.81 69.02 7.59
N PRO C 194 45.00 69.86 8.61
CA PRO C 194 46.12 70.81 8.59
C PRO C 194 47.46 70.09 8.58
N THR C 195 48.41 70.67 7.83
CA THR C 195 49.71 70.03 7.63
C THR C 195 50.75 70.51 8.63
N HIS C 196 51.04 71.81 8.65
CA HIS C 196 52.12 72.34 9.47
C HIS C 196 51.69 73.64 10.13
N ARG C 197 52.51 74.11 11.06
CA ARG C 197 52.17 75.24 11.90
C ARG C 197 52.79 76.52 11.35
N HIS C 198 51.95 77.55 11.21
CA HIS C 198 52.40 78.89 10.87
C HIS C 198 52.37 79.76 12.12
N ILE C 199 53.33 80.67 12.23
CA ILE C 199 53.35 81.61 13.34
C ILE C 199 52.18 82.58 13.19
N ARG C 200 51.44 82.78 14.28
CA ARG C 200 50.33 83.71 14.26
C ARG C 200 50.81 85.11 13.90
N GLY C 201 50.27 85.67 12.82
CA GLY C 201 50.68 86.97 12.34
C GLY C 201 51.88 86.97 11.43
N GLU C 202 52.40 85.80 11.06
CA GLU C 202 53.57 85.73 10.19
C GLU C 202 53.31 84.83 8.98
N ALA C 203 54.35 84.57 8.20
CA ALA C 203 54.23 83.77 6.99
C ALA C 203 54.60 82.32 7.28
N CYS C 204 54.70 81.51 6.23
CA CYS C 204 55.03 80.10 6.38
C CYS C 204 56.52 79.93 6.66
N PRO C 205 56.89 79.23 7.74
CA PRO C 205 58.33 79.07 8.05
C PRO C 205 59.03 78.05 7.19
N LEU C 206 58.32 77.27 6.37
CA LEU C 206 58.95 76.23 5.59
C LEU C 206 59.95 76.83 4.60
N PRO C 207 61.07 76.15 4.34
CA PRO C 207 61.49 74.84 4.86
C PRO C 207 62.11 74.92 6.25
N HIS C 208 62.67 76.07 6.64
CA HIS C 208 63.27 76.23 7.96
C HIS C 208 62.16 76.41 9.00
N ARG C 209 61.52 75.30 9.33
CA ARG C 209 60.31 75.30 10.12
C ARG C 209 60.61 75.19 11.62
N LEU C 210 59.77 75.84 12.41
CA LEU C 210 59.91 75.87 13.86
C LEU C 210 59.65 74.50 14.47
N ASN C 211 60.30 74.25 15.62
CA ASN C 211 60.25 72.98 16.31
C ASN C 211 59.13 72.99 17.35
N SER C 212 59.13 71.98 18.24
CA SER C 212 58.03 71.82 19.20
C SER C 212 57.90 73.03 20.11
N LEU C 213 59.02 73.56 20.61
CA LEU C 213 58.97 74.70 21.52
C LEU C 213 59.05 76.04 20.79
N GLY C 214 58.74 76.07 19.49
CA GLY C 214 58.70 77.33 18.75
C GLY C 214 60.08 77.91 18.49
N GLY C 215 60.93 77.17 17.79
CA GLY C 215 62.25 77.65 17.48
C GLY C 215 62.96 76.66 16.58
N CYS C 216 64.26 76.89 16.41
CA CYS C 216 65.11 76.03 15.60
C CYS C 216 66.38 75.71 16.36
N ARG C 217 66.92 74.50 16.12
CA ARG C 217 68.16 74.09 16.76
C ARG C 217 69.38 74.75 16.12
N CYS C 218 69.23 75.30 14.91
CA CYS C 218 70.35 75.96 14.24
C CYS C 218 70.50 77.42 14.65
N GLY C 219 69.53 77.97 15.39
CA GLY C 219 69.64 79.32 15.90
C GLY C 219 69.06 80.40 15.01
N LYS C 220 68.64 80.07 13.79
CA LYS C 220 68.06 81.08 12.91
C LYS C 220 66.72 81.57 13.44
N TYR C 221 65.87 80.66 13.92
CA TYR C 221 64.58 81.04 14.48
C TYR C 221 64.66 80.98 16.00
N PRO C 222 64.51 82.11 16.70
CA PRO C 222 64.63 82.07 18.16
C PRO C 222 63.57 81.19 18.80
N ASN C 223 63.96 80.53 19.90
CA ASN C 223 63.06 79.67 20.66
C ASN C 223 62.29 80.52 21.66
N LEU C 224 61.31 81.26 21.14
CA LEU C 224 60.52 82.18 21.94
C LEU C 224 59.16 81.62 22.34
N LYS C 225 58.88 80.35 22.03
CA LYS C 225 57.57 79.74 22.29
C LYS C 225 56.46 80.57 21.67
N LYS C 226 56.67 81.00 20.44
CA LYS C 226 55.68 81.83 19.76
C LYS C 226 54.45 80.99 19.41
N PRO C 227 53.25 81.58 19.47
CA PRO C 227 52.04 80.81 19.18
C PRO C 227 51.98 80.36 17.73
N THR C 228 51.40 79.17 17.52
CA THR C 228 51.34 78.56 16.20
C THR C 228 49.91 78.12 15.90
N VAL C 229 49.58 78.14 14.61
CA VAL C 229 48.28 77.68 14.13
C VAL C 229 48.49 76.66 13.02
N TRP C 230 47.79 75.53 13.10
CA TRP C 230 47.98 74.45 12.15
C TRP C 230 47.15 74.72 10.89
N ARG C 231 47.81 74.73 9.73
CA ARG C 231 47.16 74.95 8.45
C ARG C 231 47.67 73.92 7.44
N ARG C 232 47.03 73.91 6.28
CA ARG C 232 47.37 73.01 5.18
C ARG C 232 48.33 73.69 4.20
N GLY C 233 47.98 74.86 3.71
CA GLY C 233 48.78 75.54 2.71
C GLY C 233 49.94 76.31 3.32
N HIS C 234 50.60 77.08 2.48
CA HIS C 234 51.71 77.91 2.90
C HIS C 234 51.27 79.37 3.05
N GLN D 1 -40.89 -31.28 -11.23
CA GLN D 1 -42.11 -31.34 -12.02
C GLN D 1 -43.24 -30.60 -11.33
N ILE D 2 -43.28 -29.29 -11.51
CA ILE D 2 -44.30 -28.47 -10.88
C ILE D 2 -45.65 -28.73 -11.54
N VAL D 3 -46.67 -28.96 -10.72
CA VAL D 3 -48.04 -29.10 -11.20
C VAL D 3 -48.84 -27.91 -10.74
N LEU D 4 -49.85 -27.54 -11.53
CA LEU D 4 -50.68 -26.37 -11.26
C LEU D 4 -52.13 -26.81 -11.14
N THR D 5 -52.81 -26.34 -10.10
CA THR D 5 -54.23 -26.61 -9.89
C THR D 5 -54.99 -25.29 -9.97
N GLN D 6 -55.99 -25.25 -10.83
CA GLN D 6 -56.80 -24.05 -11.03
C GLN D 6 -58.13 -24.18 -10.31
N SER D 7 -58.69 -23.05 -9.92
CA SER D 7 -59.95 -23.06 -9.20
C SER D 7 -60.74 -21.78 -9.45
N PRO D 8 -62.04 -21.91 -9.75
CA PRO D 8 -62.77 -23.15 -10.03
C PRO D 8 -62.85 -23.42 -11.53
N ALA D 9 -63.29 -24.61 -11.93
CA ALA D 9 -63.26 -24.97 -13.35
C ALA D 9 -64.33 -24.20 -14.14
N ILE D 10 -65.49 -23.96 -13.54
CA ILE D 10 -66.64 -23.40 -14.25
C ILE D 10 -67.03 -22.11 -13.56
N MET D 11 -67.21 -21.05 -14.34
CA MET D 11 -67.73 -19.77 -13.85
C MET D 11 -68.98 -19.36 -14.62
N SER D 12 -69.87 -18.66 -13.94
CA SER D 12 -71.04 -18.04 -14.57
C SER D 12 -71.34 -16.76 -13.79
N ALA D 13 -70.80 -15.65 -14.25
CA ALA D 13 -70.91 -14.38 -13.54
C ALA D 13 -72.13 -13.61 -14.04
N SER D 14 -72.23 -12.34 -13.65
CA SER D 14 -73.32 -11.44 -13.99
C SER D 14 -72.83 -10.30 -14.89
N PRO D 15 -73.70 -9.72 -15.73
CA PRO D 15 -73.22 -8.80 -16.76
C PRO D 15 -72.65 -7.52 -16.15
N GLY D 16 -71.43 -7.66 -15.62
CA GLY D 16 -70.78 -6.61 -14.87
C GLY D 16 -70.65 -7.01 -13.42
N GLU D 17 -69.49 -7.53 -13.06
CA GLU D 17 -69.21 -7.95 -11.68
C GLU D 17 -67.70 -8.09 -11.55
N LYS D 18 -67.28 -8.40 -10.32
CA LYS D 18 -65.88 -8.63 -9.98
C LYS D 18 -65.66 -10.12 -9.72
N VAL D 19 -64.71 -10.71 -10.44
CA VAL D 19 -64.48 -12.15 -10.35
C VAL D 19 -63.00 -12.41 -10.10
N THR D 20 -62.71 -13.52 -9.44
CA THR D 20 -61.37 -13.89 -9.07
C THR D 20 -61.10 -15.34 -9.48
N ILE D 21 -59.86 -15.60 -9.89
CA ILE D 21 -59.42 -16.91 -10.37
C ILE D 21 -58.20 -17.31 -9.55
N THR D 22 -58.28 -18.47 -8.90
CA THR D 22 -57.20 -18.94 -8.04
C THR D 22 -56.35 -19.96 -8.79
N CYS D 23 -55.03 -19.86 -8.63
CA CYS D 23 -54.10 -20.76 -9.30
C CYS D 23 -53.02 -21.14 -8.31
N SER D 24 -53.06 -22.37 -7.82
CA SER D 24 -52.10 -22.86 -6.83
C SER D 24 -51.09 -23.76 -7.52
N ALA D 25 -49.89 -23.82 -6.94
CA ALA D 25 -48.82 -24.64 -7.46
C ALA D 25 -48.53 -25.79 -6.52
N SER D 26 -47.67 -26.71 -6.98
CA SER D 26 -47.22 -27.81 -6.13
C SER D 26 -46.10 -27.34 -5.21
N SER D 27 -45.12 -26.63 -5.75
CA SER D 27 -44.03 -26.03 -5.01
C SER D 27 -44.06 -24.52 -5.22
N ILE D 28 -43.02 -23.84 -4.72
CA ILE D 28 -42.97 -22.38 -4.81
C ILE D 28 -42.60 -21.98 -6.24
N VAL D 29 -43.30 -20.96 -6.75
CA VAL D 29 -43.04 -20.42 -8.08
C VAL D 29 -42.89 -18.90 -7.95
N SER D 30 -41.92 -18.34 -8.67
CA SER D 30 -41.63 -16.92 -8.52
C SER D 30 -42.57 -16.06 -9.36
N TYR D 31 -42.76 -16.41 -10.63
CA TYR D 31 -43.58 -15.62 -11.53
C TYR D 31 -44.46 -16.54 -12.37
N MET D 32 -45.60 -15.99 -12.81
CA MET D 32 -46.65 -16.76 -13.45
C MET D 32 -47.31 -15.92 -14.54
N HIS D 33 -47.72 -16.57 -15.62
CA HIS D 33 -48.33 -15.90 -16.76
C HIS D 33 -49.75 -16.43 -16.98
N TRP D 34 -50.59 -15.59 -17.57
CA TRP D 34 -51.98 -15.91 -17.85
C TRP D 34 -52.26 -15.74 -19.34
N PHE D 35 -52.84 -16.77 -19.94
CA PHE D 35 -53.22 -16.75 -21.35
C PHE D 35 -54.72 -16.89 -21.49
N GLN D 36 -55.28 -16.28 -22.53
CA GLN D 36 -56.70 -16.32 -22.80
C GLN D 36 -56.98 -16.97 -24.13
N GLN D 37 -58.10 -17.68 -24.22
CA GLN D 37 -58.48 -18.40 -25.43
C GLN D 37 -59.98 -18.35 -25.61
N LYS D 38 -60.41 -18.14 -26.85
CA LYS D 38 -61.79 -18.18 -27.31
C LYS D 38 -62.05 -19.49 -28.05
N PRO D 39 -63.28 -20.01 -28.00
CA PRO D 39 -63.56 -21.28 -28.67
C PRO D 39 -63.27 -21.20 -30.16
N GLY D 40 -62.64 -22.25 -30.68
CA GLY D 40 -62.31 -22.31 -32.09
C GLY D 40 -61.21 -21.37 -32.52
N THR D 41 -60.31 -20.99 -31.61
CA THR D 41 -59.21 -20.08 -31.94
C THR D 41 -57.95 -20.57 -31.24
N SER D 42 -56.94 -19.71 -31.21
CA SER D 42 -55.66 -20.00 -30.61
C SER D 42 -55.40 -19.06 -29.42
N PRO D 43 -54.69 -19.54 -28.39
CA PRO D 43 -54.48 -18.71 -27.21
C PRO D 43 -53.71 -17.44 -27.52
N LYS D 44 -54.03 -16.38 -26.79
CA LYS D 44 -53.36 -15.09 -26.88
C LYS D 44 -52.85 -14.69 -25.51
N LEU D 45 -51.62 -14.15 -25.47
CA LEU D 45 -51.03 -13.71 -24.22
C LEU D 45 -51.84 -12.59 -23.60
N TRP D 46 -52.12 -12.69 -22.30
CA TRP D 46 -52.90 -11.65 -21.65
C TRP D 46 -52.20 -11.02 -20.46
N ILE D 47 -51.54 -11.79 -19.60
CA ILE D 47 -50.86 -11.23 -18.43
C ILE D 47 -49.49 -11.88 -18.31
N TYR D 48 -48.47 -11.06 -18.11
CA TYR D 48 -47.12 -11.55 -17.86
C TYR D 48 -46.54 -10.86 -16.63
N GLY D 49 -45.75 -11.60 -15.86
CA GLY D 49 -45.17 -11.07 -14.65
C GLY D 49 -46.09 -10.99 -13.46
N THR D 50 -47.29 -11.58 -13.56
CA THR D 50 -48.29 -11.57 -12.49
C THR D 50 -48.77 -10.15 -12.19
N SER D 51 -48.18 -9.16 -12.84
CA SER D 51 -48.59 -7.79 -12.62
C SER D 51 -48.57 -6.91 -13.86
N ASN D 52 -48.23 -7.46 -15.03
CA ASN D 52 -48.09 -6.67 -16.25
C ASN D 52 -49.22 -7.03 -17.20
N LEU D 53 -50.01 -6.02 -17.58
CA LEU D 53 -51.10 -6.21 -18.51
C LEU D 53 -50.57 -6.37 -19.93
N ALA D 54 -51.35 -7.03 -20.77
CA ALA D 54 -50.95 -7.26 -22.15
C ALA D 54 -51.24 -6.03 -23.01
N SER D 55 -50.61 -5.99 -24.17
CA SER D 55 -50.81 -4.88 -25.10
C SER D 55 -52.21 -4.98 -25.68
N GLY D 56 -53.13 -4.21 -25.12
CA GLY D 56 -54.49 -4.16 -25.60
C GLY D 56 -55.55 -4.80 -24.71
N VAL D 57 -55.33 -4.91 -23.41
CA VAL D 57 -56.33 -5.41 -22.48
C VAL D 57 -56.98 -4.22 -21.79
N PRO D 58 -58.30 -4.18 -21.66
CA PRO D 58 -58.95 -3.06 -20.96
C PRO D 58 -58.51 -2.95 -19.52
N ALA D 59 -58.48 -1.72 -19.02
CA ALA D 59 -57.96 -1.44 -17.68
C ALA D 59 -58.95 -1.86 -16.60
N ARG D 60 -59.32 -3.14 -16.66
CA ARG D 60 -60.13 -3.77 -15.63
C ARG D 60 -59.56 -5.12 -15.21
N PHE D 61 -58.50 -5.60 -15.87
CA PHE D 61 -57.86 -6.85 -15.53
C PHE D 61 -56.66 -6.60 -14.63
N SER D 62 -56.39 -7.53 -13.72
CA SER D 62 -55.25 -7.41 -12.84
C SER D 62 -54.82 -8.79 -12.36
N GLY D 63 -53.60 -8.86 -11.84
CA GLY D 63 -53.08 -10.09 -11.30
C GLY D 63 -52.27 -9.85 -10.05
N SER D 64 -52.12 -10.90 -9.26
CA SER D 64 -51.33 -10.83 -8.04
C SER D 64 -50.84 -12.24 -7.71
N GLY D 65 -49.86 -12.32 -6.82
CA GLY D 65 -49.34 -13.62 -6.44
C GLY D 65 -48.47 -13.54 -5.22
N SER D 66 -48.25 -14.71 -4.62
CA SER D 66 -47.38 -14.83 -3.46
C SER D 66 -46.98 -16.28 -3.32
N GLY D 67 -45.68 -16.56 -3.36
CA GLY D 67 -45.21 -17.91 -3.11
C GLY D 67 -45.82 -18.93 -4.04
N THR D 68 -46.76 -19.71 -3.51
CA THR D 68 -47.39 -20.80 -4.24
C THR D 68 -48.75 -20.43 -4.81
N SER D 69 -49.42 -19.41 -4.27
CA SER D 69 -50.79 -19.08 -4.65
C SER D 69 -50.83 -17.78 -5.44
N TYR D 70 -51.49 -17.80 -6.60
CA TYR D 70 -51.61 -16.64 -7.46
C TYR D 70 -53.08 -16.43 -7.81
N SER D 71 -53.42 -15.20 -8.17
CA SER D 71 -54.81 -14.84 -8.42
C SER D 71 -54.92 -13.88 -9.59
N LEU D 72 -56.01 -14.05 -10.34
CA LEU D 72 -56.39 -13.14 -11.42
C LEU D 72 -57.70 -12.47 -11.04
N THR D 73 -57.85 -11.19 -11.39
CA THR D 73 -58.99 -10.40 -10.93
C THR D 73 -59.56 -9.56 -12.06
N ILE D 74 -60.88 -9.60 -12.21
CA ILE D 74 -61.61 -8.73 -13.12
C ILE D 74 -62.54 -7.85 -12.29
N SER D 75 -62.45 -6.54 -12.48
CA SER D 75 -63.22 -5.60 -11.66
C SER D 75 -64.67 -5.51 -12.12
N ARG D 76 -64.89 -5.10 -13.36
CA ARG D 76 -66.23 -4.96 -13.94
C ARG D 76 -66.22 -5.62 -15.31
N MET D 77 -66.77 -6.83 -15.41
CA MET D 77 -66.69 -7.60 -16.64
C MET D 77 -67.96 -7.43 -17.47
N GLU D 78 -67.80 -7.56 -18.79
CA GLU D 78 -68.90 -7.51 -19.74
C GLU D 78 -69.01 -8.85 -20.47
N ALA D 79 -69.91 -8.89 -21.46
CA ALA D 79 -70.16 -10.15 -22.18
C ALA D 79 -68.91 -10.64 -22.89
N GLU D 80 -68.10 -9.71 -23.43
CA GLU D 80 -66.86 -10.10 -24.10
C GLU D 80 -65.98 -10.94 -23.19
N ASP D 81 -66.08 -10.73 -21.88
CA ASP D 81 -65.37 -11.56 -20.90
C ASP D 81 -66.17 -12.85 -20.69
N ALA D 82 -65.99 -13.78 -21.63
CA ALA D 82 -66.51 -15.14 -21.48
C ALA D 82 -65.62 -16.06 -22.32
N ALA D 83 -64.69 -16.75 -21.68
CA ALA D 83 -63.64 -17.45 -22.41
C ALA D 83 -62.91 -18.40 -21.47
N THR D 84 -61.79 -18.97 -21.93
CA THR D 84 -61.01 -19.91 -21.15
C THR D 84 -59.66 -19.29 -20.82
N TYR D 85 -59.18 -19.54 -19.61
CA TYR D 85 -57.92 -18.98 -19.13
C TYR D 85 -56.98 -20.10 -18.72
N TYR D 86 -55.69 -19.88 -18.97
CA TYR D 86 -54.64 -20.87 -18.71
C TYR D 86 -53.52 -20.23 -17.89
N CYS D 87 -53.15 -20.89 -16.80
CA CYS D 87 -51.94 -20.56 -16.07
C CYS D 87 -50.72 -21.10 -16.81
N GLN D 88 -49.57 -20.45 -16.58
CA GLN D 88 -48.33 -20.96 -17.12
C GLN D 88 -47.18 -20.56 -16.20
N GLN D 89 -46.29 -21.51 -15.93
CA GLN D 89 -45.07 -21.24 -15.19
C GLN D 89 -43.89 -21.81 -15.96
N ARG D 90 -42.76 -21.10 -15.92
CA ARG D 90 -41.55 -21.48 -16.66
C ARG D 90 -40.34 -21.40 -15.74
N ASN D 91 -40.46 -21.92 -14.53
CA ASN D 91 -39.34 -21.88 -13.59
C ASN D 91 -38.49 -23.13 -13.66
N SER D 92 -39.12 -24.31 -13.71
CA SER D 92 -38.39 -25.57 -13.83
C SER D 92 -38.90 -26.32 -15.04
N TYR D 93 -37.98 -26.69 -15.93
CA TYR D 93 -38.37 -27.39 -17.14
C TYR D 93 -38.89 -28.78 -16.80
N PRO D 94 -39.90 -29.28 -17.53
CA PRO D 94 -40.60 -28.62 -18.64
C PRO D 94 -41.56 -27.54 -18.15
N PRO D 95 -41.73 -26.47 -18.91
CA PRO D 95 -42.75 -25.48 -18.56
C PRO D 95 -44.13 -26.12 -18.54
N THR D 96 -44.93 -25.76 -17.55
CA THR D 96 -46.20 -26.43 -17.33
C THR D 96 -47.34 -25.42 -17.33
N PHE D 97 -48.48 -25.84 -17.87
CA PHE D 97 -49.68 -25.02 -17.93
C PHE D 97 -50.64 -25.46 -16.84
N GLY D 98 -51.73 -24.72 -16.71
CA GLY D 98 -52.80 -25.11 -15.82
C GLY D 98 -53.77 -26.07 -16.48
N GLY D 99 -54.78 -26.48 -15.72
CA GLY D 99 -55.82 -27.31 -16.27
C GLY D 99 -56.87 -26.59 -17.06
N GLY D 100 -56.81 -25.25 -17.10
CA GLY D 100 -57.76 -24.48 -17.86
C GLY D 100 -59.03 -24.18 -17.10
N THR D 101 -59.49 -22.94 -17.15
CA THR D 101 -60.71 -22.54 -16.48
C THR D 101 -61.64 -21.88 -17.49
N LYS D 102 -62.90 -22.32 -17.53
CA LYS D 102 -63.90 -21.77 -18.42
C LYS D 102 -64.80 -20.82 -17.64
N LEU D 103 -65.01 -19.62 -18.17
CA LEU D 103 -65.84 -18.61 -17.52
C LEU D 103 -66.91 -18.15 -18.51
N GLU D 104 -68.17 -18.22 -18.08
CA GLU D 104 -69.32 -17.89 -18.90
C GLU D 104 -70.20 -16.87 -18.18
N ILE D 105 -70.98 -16.15 -18.98
CA ILE D 105 -71.85 -15.10 -18.47
C ILE D 105 -73.27 -15.63 -18.39
N LYS D 106 -73.90 -15.46 -17.23
CA LYS D 106 -75.30 -15.86 -17.06
C LYS D 106 -76.21 -14.83 -17.72
N VAL E 1 -47.04 -9.49 -38.42
CA VAL E 1 -46.45 -10.82 -38.34
C VAL E 1 -47.52 -11.87 -38.56
N ALA E 2 -47.23 -12.85 -39.41
CA ALA E 2 -48.18 -13.91 -39.71
C ALA E 2 -47.47 -15.25 -39.74
N LEU E 3 -48.22 -16.31 -39.44
CA LEU E 3 -47.70 -17.67 -39.41
C LEU E 3 -48.73 -18.62 -40.00
N VAL E 4 -48.26 -19.55 -40.82
CA VAL E 4 -49.11 -20.54 -41.46
C VAL E 4 -48.54 -21.91 -41.16
N GLU E 5 -49.40 -22.93 -41.19
CA GLU E 5 -49.01 -24.30 -40.89
C GLU E 5 -49.50 -25.25 -41.97
N SER E 6 -48.75 -26.34 -42.15
CA SER E 6 -49.10 -27.34 -43.16
C SER E 6 -48.46 -28.67 -42.79
N GLY E 7 -48.99 -29.74 -43.39
CA GLY E 7 -48.48 -31.08 -43.18
C GLY E 7 -49.33 -31.95 -42.27
N GLY E 8 -50.38 -31.40 -41.66
CA GLY E 8 -51.21 -32.17 -40.76
C GLY E 8 -52.16 -33.11 -41.49
N GLY E 9 -52.86 -33.92 -40.72
CA GLY E 9 -53.79 -34.88 -41.27
C GLY E 9 -53.81 -36.15 -40.44
N LEU E 10 -54.26 -37.23 -41.07
CA LEU E 10 -54.45 -38.52 -40.42
C LEU E 10 -53.34 -39.47 -40.88
N VAL E 11 -52.75 -40.19 -39.92
CA VAL E 11 -51.64 -41.09 -40.19
C VAL E 11 -51.76 -42.34 -39.32
N GLN E 12 -51.27 -43.45 -39.85
CA GLN E 12 -51.35 -44.73 -39.17
C GLN E 12 -50.49 -44.74 -37.90
N PRO E 13 -50.87 -45.55 -36.90
CA PRO E 13 -50.16 -45.52 -35.61
C PRO E 13 -48.77 -46.16 -35.66
N GLY E 14 -47.78 -45.37 -36.05
CA GLY E 14 -46.43 -45.88 -36.19
C GLY E 14 -45.66 -45.24 -37.32
N GLY E 15 -46.28 -44.31 -38.03
CA GLY E 15 -45.63 -43.60 -39.11
C GLY E 15 -44.70 -42.51 -38.62
N SER E 16 -44.36 -41.62 -39.55
CA SER E 16 -43.54 -40.44 -39.26
C SER E 16 -44.13 -39.24 -39.97
N LEU E 17 -43.95 -38.06 -39.37
CA LEU E 17 -44.53 -36.83 -39.87
C LEU E 17 -43.49 -35.73 -39.94
N LYS E 18 -43.73 -34.80 -40.87
CA LYS E 18 -42.95 -33.57 -40.99
C LYS E 18 -43.92 -32.41 -41.11
N LEU E 19 -44.01 -31.60 -40.06
CA LEU E 19 -44.91 -30.46 -40.01
C LEU E 19 -44.15 -29.19 -40.33
N SER E 20 -44.75 -28.33 -41.16
CA SER E 20 -44.10 -27.10 -41.60
C SER E 20 -44.87 -25.90 -41.07
N CYS E 21 -44.13 -24.94 -40.52
CA CYS E 21 -44.69 -23.66 -40.09
C CYS E 21 -43.90 -22.55 -40.77
N ALA E 22 -43.26 -18.53 -41.53
CA ALA E 22 -43.38 -17.25 -40.83
C ALA E 22 -43.16 -16.10 -41.79
N SER E 23 -43.79 -14.96 -41.50
CA SER E 23 -43.63 -13.77 -42.31
C SER E 23 -43.88 -12.54 -41.44
N GLY E 24 -43.45 -11.39 -41.94
CA GLY E 24 -43.55 -10.15 -41.21
C GLY E 24 -42.32 -9.78 -40.42
N ALA E 25 -42.04 -10.54 -39.36
CA ALA E 25 -40.91 -10.24 -38.49
C ALA E 25 -39.65 -10.95 -38.97
N SER E 26 -38.51 -10.29 -38.76
CA SER E 26 -37.24 -10.85 -39.22
C SER E 26 -36.98 -12.21 -38.59
N PHE E 27 -37.55 -12.49 -37.43
CA PHE E 27 -37.65 -13.83 -36.87
C PHE E 27 -36.27 -14.44 -36.60
N SER E 28 -35.22 -13.81 -37.11
CA SER E 28 -33.86 -14.20 -36.80
C SER E 28 -33.45 -13.64 -35.45
N ASN E 29 -34.30 -12.81 -34.86
CA ASN E 29 -34.08 -12.29 -33.52
C ASN E 29 -35.17 -12.77 -32.55
N ALA E 30 -35.73 -13.95 -32.79
CA ALA E 30 -36.76 -14.49 -31.91
C ALA E 30 -36.57 -16.00 -31.76
N GLY E 31 -36.94 -16.53 -30.60
CA GLY E 31 -36.85 -17.96 -30.34
C GLY E 31 -38.26 -18.53 -30.29
N MET E 32 -38.46 -19.72 -30.84
CA MET E 32 -39.83 -20.14 -31.07
C MET E 32 -40.09 -21.49 -30.43
N SER E 33 -41.34 -21.95 -30.51
CA SER E 33 -41.74 -23.16 -29.83
C SER E 33 -42.95 -23.77 -30.52
N TRP E 34 -43.21 -25.03 -30.18
CA TRP E 34 -44.36 -25.78 -30.66
C TRP E 34 -45.04 -26.43 -29.48
N VAL E 35 -46.37 -26.31 -29.42
CA VAL E 35 -47.16 -26.80 -28.29
C VAL E 35 -48.32 -27.63 -28.79
N ARG E 36 -48.79 -28.52 -27.90
CA ARG E 36 -49.86 -29.47 -28.20
C ARG E 36 -51.09 -29.17 -27.36
N GLN E 37 -52.26 -29.33 -27.98
CA GLN E 37 -53.54 -29.21 -27.29
C GLN E 37 -54.38 -30.44 -27.61
N THR E 38 -54.59 -31.29 -26.61
CA THR E 38 -55.29 -32.55 -26.79
C THR E 38 -56.80 -32.31 -26.97
N PRO E 39 -57.52 -33.28 -27.54
CA PRO E 39 -58.97 -33.09 -27.75
C PRO E 39 -59.71 -32.65 -26.50
N ASP E 40 -59.34 -33.17 -25.34
CA ASP E 40 -59.66 -32.47 -24.10
C ASP E 40 -58.74 -31.27 -23.96
N ARG E 41 -59.28 -30.18 -23.43
CA ARG E 41 -58.54 -28.92 -23.43
C ARG E 41 -57.40 -28.99 -22.43
N ARG E 42 -56.23 -29.41 -22.88
CA ARG E 42 -55.03 -29.46 -22.06
C ARG E 42 -53.83 -29.10 -22.93
N LEU E 43 -52.94 -28.27 -22.39
CA LEU E 43 -51.80 -27.76 -23.13
C LEU E 43 -50.51 -28.39 -22.63
N GLU E 44 -49.53 -28.51 -23.52
CA GLU E 44 -48.22 -29.03 -23.16
C GLU E 44 -47.22 -28.59 -24.22
N LEU E 45 -46.06 -28.12 -23.76
CA LEU E 45 -45.00 -27.70 -24.66
C LEU E 45 -44.20 -28.92 -25.11
N VAL E 46 -44.00 -29.06 -26.42
CA VAL E 46 -43.32 -30.21 -26.98
C VAL E 46 -42.00 -29.83 -27.64
N ALA E 47 -41.91 -28.67 -28.28
CA ALA E 47 -40.67 -28.27 -28.94
C ALA E 47 -40.30 -26.85 -28.56
N ALA E 48 -39.01 -26.61 -28.36
CA ALA E 48 -38.50 -25.27 -28.07
C ALA E 48 -37.17 -25.08 -28.78
N ILE E 49 -37.09 -24.09 -29.65
CA ILE E 49 -35.92 -23.85 -30.48
C ILE E 49 -35.38 -22.46 -30.19
N ASN E 50 -34.08 -22.38 -29.93
CA ASN E 50 -33.41 -21.13 -29.62
C ASN E 50 -33.20 -20.30 -30.88
N ARG E 51 -33.17 -18.97 -30.70
CA ARG E 51 -32.91 -18.02 -31.77
C ARG E 51 -31.86 -18.53 -32.74
N ASP E 52 -30.69 -18.93 -32.22
CA ASP E 52 -29.76 -19.74 -32.97
C ASP E 52 -30.12 -21.20 -32.81
N GLY E 53 -30.14 -21.93 -33.92
CA GLY E 53 -30.50 -23.33 -33.89
C GLY E 53 -29.50 -24.24 -33.20
N ASP E 54 -28.54 -23.65 -32.48
CA ASP E 54 -27.55 -24.45 -31.78
C ASP E 54 -28.15 -25.20 -30.58
N ILE E 55 -29.11 -24.60 -29.90
CA ILE E 55 -29.73 -25.19 -28.72
C ILE E 55 -31.17 -25.53 -29.06
N THR E 56 -31.54 -26.80 -28.86
CA THR E 56 -32.88 -27.28 -29.12
C THR E 56 -33.28 -28.22 -28.00
N TYR E 57 -34.52 -28.09 -27.50
CA TYR E 57 -34.96 -28.86 -26.36
C TYR E 57 -36.35 -29.42 -26.59
N HIS E 58 -36.57 -30.64 -26.10
CA HIS E 58 -37.88 -31.28 -26.06
C HIS E 58 -38.02 -32.00 -24.72
N PRO E 59 -39.23 -32.11 -24.19
CA PRO E 59 -39.45 -32.79 -22.92
C PRO E 59 -39.45 -34.32 -23.08
N ASP E 60 -39.64 -34.99 -21.95
CA ASP E 60 -39.54 -36.45 -21.90
C ASP E 60 -40.60 -37.11 -22.79
N SER E 61 -41.82 -36.57 -22.79
CA SER E 61 -42.91 -37.19 -23.54
C SER E 61 -42.64 -37.25 -25.03
N VAL E 62 -41.70 -36.46 -25.53
CA VAL E 62 -41.33 -36.49 -26.94
C VAL E 62 -39.85 -36.74 -27.16
N LYS E 63 -39.08 -36.96 -26.09
CA LYS E 63 -37.65 -37.17 -26.21
C LYS E 63 -37.35 -38.40 -27.07
N GLY E 64 -36.44 -38.23 -28.03
CA GLY E 64 -36.06 -39.30 -28.91
C GLY E 64 -37.00 -39.55 -30.08
N ARG E 65 -38.10 -38.78 -30.18
CA ARG E 65 -39.03 -38.96 -31.29
C ARG E 65 -39.40 -37.66 -31.99
N PHE E 66 -39.23 -36.50 -31.35
CA PHE E 66 -39.61 -35.22 -31.92
C PHE E 66 -38.36 -34.36 -32.08
N THR E 67 -38.14 -33.82 -33.27
CA THR E 67 -37.05 -32.89 -33.53
C THR E 67 -37.59 -31.71 -34.32
N ILE E 68 -37.00 -30.54 -34.09
CA ILE E 68 -37.43 -29.31 -34.73
C ILE E 68 -36.21 -28.57 -35.27
N SER E 69 -36.28 -28.16 -36.54
CA SER E 69 -35.19 -27.43 -37.17
C SER E 69 -35.76 -26.31 -38.00
N ARG E 70 -35.14 -25.12 -37.92
CA ARG E 70 -35.64 -23.93 -38.58
C ARG E 70 -34.74 -23.57 -39.75
N ASP E 71 -35.36 -23.33 -40.91
CA ASP E 71 -34.68 -22.79 -42.08
C ASP E 71 -34.81 -21.27 -42.04
N ASN E 72 -33.77 -20.61 -41.56
CA ASN E 72 -33.78 -19.15 -41.46
C ASN E 72 -33.90 -18.51 -42.83
N ALA E 73 -33.24 -19.08 -43.83
CA ALA E 73 -33.29 -18.51 -45.17
C ALA E 73 -34.73 -18.44 -45.69
N LYS E 74 -35.52 -19.46 -45.39
CA LYS E 74 -36.93 -19.47 -45.77
C LYS E 74 -37.85 -18.99 -44.66
N ASN E 75 -37.30 -18.65 -43.49
CA ASN E 75 -38.09 -18.24 -42.34
C ASN E 75 -39.15 -19.28 -42.00
N THR E 76 -38.77 -20.56 -42.03
CA THR E 76 -39.70 -21.66 -41.84
C THR E 76 -39.18 -22.58 -40.75
N LEU E 77 -40.05 -23.48 -40.29
CA LEU E 77 -39.67 -24.52 -39.34
C LEU E 77 -40.23 -25.85 -39.81
N TYR E 78 -39.38 -26.88 -39.78
CA TYR E 78 -39.78 -28.26 -40.05
C TYR E 78 -39.61 -29.05 -38.78
N LEU E 79 -40.69 -29.69 -38.33
CA LEU E 79 -40.65 -30.55 -37.16
C LEU E 79 -40.88 -31.99 -37.64
N GLN E 80 -39.86 -32.83 -37.46
CA GLN E 80 -39.90 -34.22 -37.86
C GLN E 80 -40.07 -35.08 -36.62
N MET E 81 -41.09 -35.93 -36.63
CA MET E 81 -41.44 -36.72 -35.45
C MET E 81 -41.91 -38.10 -35.89
N SER E 82 -41.29 -39.13 -35.36
CA SER E 82 -41.53 -40.50 -35.78
C SER E 82 -42.28 -41.27 -34.69
N SER E 83 -42.61 -42.51 -35.01
CA SER E 83 -43.30 -43.42 -34.09
C SER E 83 -44.62 -42.83 -33.61
N LEU E 84 -45.54 -42.68 -34.55
CA LEU E 84 -46.85 -42.12 -34.24
C LEU E 84 -47.59 -42.99 -33.23
N LYS E 85 -48.21 -42.34 -32.25
CA LYS E 85 -49.02 -43.01 -31.25
C LYS E 85 -50.37 -42.32 -31.15
N SER E 86 -51.38 -43.07 -30.68
CA SER E 86 -52.73 -42.53 -30.60
C SER E 86 -52.79 -41.31 -29.69
N GLU E 87 -52.10 -41.36 -28.55
CA GLU E 87 -52.08 -40.24 -27.63
C GLU E 87 -51.54 -38.97 -28.27
N ASP E 88 -50.75 -39.09 -29.34
CA ASP E 88 -50.25 -37.93 -30.06
C ASP E 88 -51.19 -37.52 -31.19
N THR E 89 -52.47 -37.40 -30.87
CA THR E 89 -53.49 -36.86 -31.79
C THR E 89 -54.07 -35.62 -31.14
N ALA E 90 -53.80 -34.46 -31.74
CA ALA E 90 -54.11 -33.19 -31.08
C ALA E 90 -53.91 -32.06 -32.08
N MET E 91 -54.10 -30.83 -31.59
CA MET E 91 -53.78 -29.63 -32.35
C MET E 91 -52.37 -29.17 -32.01
N TYR E 92 -51.63 -28.73 -33.03
CA TYR E 92 -50.25 -28.29 -32.86
C TYR E 92 -50.15 -26.82 -33.23
N TYR E 93 -49.55 -26.03 -32.34
CA TYR E 93 -49.35 -24.60 -32.56
C TYR E 93 -47.87 -24.29 -32.63
N CYS E 94 -47.48 -23.47 -33.61
CA CYS E 94 -46.14 -22.88 -33.65
C CYS E 94 -46.25 -21.44 -33.20
N ALA E 95 -45.46 -21.08 -32.19
CA ALA E 95 -45.57 -19.80 -31.52
C ALA E 95 -44.21 -19.12 -31.40
N ARG E 96 -44.21 -17.81 -31.61
CA ARG E 96 -43.00 -17.02 -31.40
C ARG E 96 -42.70 -16.92 -29.91
N GLU E 97 -41.54 -16.36 -29.58
CA GLU E 97 -41.09 -16.27 -28.20
C GLU E 97 -40.04 -15.18 -28.11
N ASP E 98 -40.32 -14.18 -27.28
CA ASP E 98 -39.51 -12.97 -27.17
C ASP E 98 -39.58 -12.43 -25.76
N TYR E 99 -38.73 -11.45 -25.47
CA TYR E 99 -38.61 -10.85 -24.14
C TYR E 99 -39.63 -9.73 -24.01
N TYR E 100 -40.61 -9.91 -23.12
CA TYR E 100 -41.56 -8.84 -22.76
C TYR E 100 -41.32 -8.49 -21.30
N GLY E 101 -40.63 -7.39 -21.06
CA GLY E 101 -40.17 -7.07 -19.73
C GLY E 101 -38.69 -7.36 -19.60
N LEU E 102 -37.96 -6.52 -18.87
CA LEU E 102 -36.51 -6.60 -18.87
C LEU E 102 -35.99 -8.01 -18.60
N TYR E 103 -36.80 -8.89 -18.02
CA TYR E 103 -36.33 -10.22 -17.68
C TYR E 103 -37.27 -11.35 -18.06
N PHE E 104 -38.44 -11.06 -18.61
CA PHE E 104 -39.44 -12.09 -18.88
C PHE E 104 -39.35 -12.55 -20.32
N TYR E 105 -39.23 -13.87 -20.51
CA TYR E 105 -39.12 -14.49 -21.82
C TYR E 105 -40.35 -15.37 -22.03
N VAL E 106 -41.35 -14.82 -22.73
CA VAL E 106 -42.65 -15.47 -22.82
C VAL E 106 -43.02 -15.65 -24.29
N MET E 107 -43.94 -16.59 -24.52
CA MET E 107 -44.41 -16.88 -25.87
C MET E 107 -45.22 -15.72 -26.42
N ASP E 108 -45.13 -15.53 -27.74
CA ASP E 108 -45.88 -14.49 -28.42
C ASP E 108 -46.44 -15.07 -29.72
N TYR E 109 -47.61 -14.58 -30.09
CA TYR E 109 -48.24 -14.87 -31.38
C TYR E 109 -48.30 -16.37 -31.65
N TRP E 110 -49.14 -17.04 -30.87
CA TRP E 110 -49.47 -18.42 -31.15
C TRP E 110 -50.17 -18.51 -32.51
N GLY E 111 -49.73 -19.44 -33.34
CA GLY E 111 -50.23 -19.55 -34.69
C GLY E 111 -51.61 -20.21 -34.73
N GLN E 112 -52.12 -20.35 -35.96
CA GLN E 112 -53.43 -20.95 -36.15
C GLN E 112 -53.42 -22.43 -35.76
N GLY E 113 -52.34 -23.14 -36.05
CA GLY E 113 -52.21 -24.53 -35.67
C GLY E 113 -52.80 -25.48 -36.70
N THR E 114 -52.38 -26.73 -36.62
CA THR E 114 -52.84 -27.77 -37.53
C THR E 114 -53.18 -29.03 -36.74
N SER E 115 -54.05 -29.85 -37.33
CA SER E 115 -54.58 -31.04 -36.66
C SER E 115 -53.81 -32.27 -37.06
N VAL E 116 -53.41 -33.08 -36.08
CA VAL E 116 -52.73 -34.35 -36.31
C VAL E 116 -53.56 -35.44 -35.67
N THR E 117 -53.85 -36.49 -36.45
CA THR E 117 -54.71 -37.57 -36.00
C THR E 117 -54.05 -38.91 -36.27
N VAL E 118 -54.24 -39.85 -35.35
CA VAL E 118 -53.73 -41.22 -35.48
C VAL E 118 -54.93 -42.16 -35.49
N ALA E 119 -55.09 -42.89 -36.58
CA ALA E 119 -56.20 -43.83 -36.70
C ALA E 119 -55.95 -44.73 -37.89
N GLY F 1 8.50 49.98 12.18
CA GLY F 1 7.95 49.18 13.26
C GLY F 1 8.89 48.07 13.71
N GLN F 2 9.51 47.41 12.75
CA GLN F 2 10.47 46.35 13.07
C GLN F 2 11.72 46.89 13.72
N PHE F 3 11.93 48.21 13.69
CA PHE F 3 13.08 48.81 14.36
C PHE F 3 13.01 48.59 15.86
N ILE F 4 11.82 48.72 16.45
CA ILE F 4 11.67 48.49 17.89
C ILE F 4 11.97 47.04 18.23
N SER F 5 11.48 46.11 17.42
CA SER F 5 11.84 44.71 17.63
C SER F 5 13.34 44.49 17.48
N PHE F 6 13.98 45.25 16.59
CA PHE F 6 15.44 45.17 16.48
C PHE F 6 16.12 45.61 17.77
N MET F 7 15.66 46.71 18.36
CA MET F 7 16.23 47.13 19.65
C MET F 7 15.98 46.07 20.72
N GLN F 8 14.80 45.44 20.69
CA GLN F 8 14.52 44.37 21.66
C GLN F 8 15.47 43.20 21.47
N GLU F 9 15.76 42.83 20.23
CA GLU F 9 16.58 41.67 19.90
C GLU F 9 18.06 41.99 19.80
N ILE F 10 18.48 43.22 20.05
CA ILE F 10 19.88 43.63 19.94
C ILE F 10 20.83 42.67 20.65
N PRO F 11 20.61 42.27 21.91
CA PRO F 11 21.59 41.37 22.54
C PRO F 11 21.35 39.91 22.20
N THR F 12 21.03 39.63 20.94
CA THR F 12 20.91 38.26 20.45
C THR F 12 21.85 38.01 19.27
N PHE F 13 21.85 38.89 18.28
CA PHE F 13 22.78 38.81 17.16
C PHE F 13 23.98 39.72 17.33
N LEU F 14 24.12 40.38 18.48
CA LEU F 14 25.27 41.24 18.72
C LEU F 14 26.57 40.45 18.81
N GLN F 15 26.48 39.13 18.95
CA GLN F 15 27.66 38.27 19.03
C GLN F 15 28.07 37.81 17.64
N GLU F 16 28.34 38.80 16.78
CA GLU F 16 28.82 38.55 15.42
C GLU F 16 29.69 39.72 14.99
N ALA F 17 30.90 39.41 14.51
CA ALA F 17 31.85 40.46 14.15
C ALA F 17 31.30 41.35 13.04
N LEU F 18 30.66 40.73 12.04
CA LEU F 18 30.06 41.51 10.96
C LEU F 18 28.96 42.42 11.48
N ASN F 19 28.19 41.97 12.48
CA ASN F 19 27.11 42.77 13.02
C ASN F 19 27.65 44.02 13.71
N ILE F 20 28.67 43.87 14.57
CA ILE F 20 29.23 45.03 15.24
C ILE F 20 29.90 45.95 14.24
N ALA F 21 30.56 45.37 13.22
CA ALA F 21 31.18 46.20 12.20
C ALA F 21 30.13 47.04 11.47
N LEU F 22 29.01 46.42 11.10
CA LEU F 22 27.96 47.14 10.39
C LEU F 22 27.32 48.22 11.26
N VAL F 23 27.05 47.91 12.54
CA VAL F 23 26.44 48.92 13.39
C VAL F 23 27.42 50.06 13.64
N ALA F 24 28.71 49.76 13.77
CA ALA F 24 29.70 50.81 13.98
C ALA F 24 29.82 51.71 12.76
N VAL F 25 29.83 51.12 11.56
CA VAL F 25 29.94 51.94 10.36
C VAL F 25 28.68 52.77 10.17
N SER F 26 27.51 52.20 10.49
CA SER F 26 26.27 52.98 10.39
C SER F 26 26.29 54.17 11.35
N LEU F 27 26.71 53.93 12.60
CA LEU F 27 26.74 55.01 13.58
C LEU F 27 27.73 56.09 13.20
N ILE F 28 28.93 55.70 12.77
CA ILE F 28 29.93 56.69 12.40
C ILE F 28 29.49 57.46 11.15
N ALA F 29 28.84 56.78 10.22
CA ALA F 29 28.32 57.47 9.04
C ALA F 29 27.27 58.49 9.43
N ILE F 30 26.35 58.12 10.32
CA ILE F 30 25.29 59.05 10.73
C ILE F 30 25.90 60.26 11.43
N ILE F 31 26.81 60.03 12.37
CA ILE F 31 27.34 61.13 13.16
C ILE F 31 28.18 62.05 12.30
N LYS F 32 29.00 61.50 11.39
CA LYS F 32 29.82 62.38 10.57
C LYS F 32 28.99 63.03 9.48
N GLY F 33 27.89 62.41 9.04
CA GLY F 33 26.97 63.11 8.18
C GLY F 33 26.37 64.33 8.86
N VAL F 34 25.98 64.18 10.13
CA VAL F 34 25.42 65.31 10.86
C VAL F 34 26.46 66.41 11.03
N VAL F 35 27.68 66.05 11.42
CA VAL F 35 28.72 67.05 11.64
C VAL F 35 29.12 67.71 10.32
N ASN F 36 29.17 66.94 9.24
CA ASN F 36 29.52 67.48 7.94
C ASN F 36 28.44 68.45 7.46
N LEU F 37 27.18 68.11 7.66
CA LEU F 37 26.10 69.02 7.29
C LEU F 37 26.15 70.29 8.12
N TYR F 38 26.48 70.17 9.41
CA TYR F 38 26.68 71.36 10.24
C TYR F 38 27.85 72.19 9.73
N LYS F 39 28.86 71.53 9.15
CA LYS F 39 29.95 72.25 8.49
C LYS F 39 29.52 72.87 7.17
N SER F 40 28.44 72.36 6.55
CA SER F 40 27.99 72.87 5.27
C SER F 40 27.44 74.28 5.41
N GLY F 41 26.38 74.45 6.20
CA GLY F 41 25.89 75.78 6.51
C GLY F 41 24.41 76.02 6.28
N LEU F 42 23.62 74.96 6.09
CA LEU F 42 22.19 75.14 5.92
C LEU F 42 21.57 75.79 7.15
N PHE F 43 21.93 75.30 8.34
CA PHE F 43 21.48 75.95 9.57
C PHE F 43 22.16 77.30 9.75
N GLN F 44 23.36 77.47 9.17
CA GLN F 44 23.97 78.80 9.14
C GLN F 44 23.11 79.76 8.33
N PHE F 45 22.55 79.31 7.20
CA PHE F 45 21.61 80.16 6.48
C PHE F 45 20.32 80.36 7.25
N PHE F 46 19.91 79.36 8.04
CA PHE F 46 18.75 79.53 8.90
C PHE F 46 18.95 80.68 9.87
N VAL F 47 20.08 80.68 10.58
CA VAL F 47 20.36 81.76 11.52
C VAL F 47 20.62 83.07 10.77
N PHE F 48 21.12 83.00 9.54
CA PHE F 48 21.30 84.19 8.72
C PHE F 48 19.97 84.86 8.42
N LEU F 49 18.99 84.08 7.94
CA LEU F 49 17.69 84.65 7.61
C LEU F 49 16.93 85.05 8.88
N ALA F 50 17.20 84.36 9.99
CA ALA F 50 16.61 84.77 11.26
C ALA F 50 17.16 86.12 11.70
N LEU F 51 18.47 86.33 11.55
CA LEU F 51 19.13 87.58 11.93
C LEU F 51 18.92 88.68 10.90
N ALA F 52 18.46 88.35 9.70
CA ALA F 52 18.31 89.32 8.63
C ALA F 52 17.39 90.47 9.01
N GLY F 53 17.93 91.69 9.03
CA GLY F 53 17.16 92.89 9.25
C GLY F 53 16.95 93.27 10.71
N ARG F 54 16.71 92.30 11.58
CA ARG F 54 16.40 92.61 12.97
C ARG F 54 17.58 93.27 13.67
N SER F 55 18.79 92.79 13.43
CA SER F 55 19.99 93.29 14.09
C SER F 55 21.03 93.69 13.06
N CYS F 56 21.68 94.82 13.30
CA CYS F 56 22.77 95.26 12.41
C CYS F 56 23.93 94.28 12.46
N THR F 57 24.29 93.82 13.65
CA THR F 57 25.41 92.89 13.80
C THR F 57 24.94 91.45 13.72
N ALA G 1 36.14 6.95 -12.78
CA ALA G 1 36.52 8.12 -12.01
C ALA G 1 37.54 8.97 -12.76
N PHE G 2 37.14 10.17 -13.15
CA PHE G 2 38.03 11.06 -13.89
C PHE G 2 37.61 12.50 -13.69
N LYS G 3 38.52 13.41 -14.03
CA LYS G 3 38.25 14.83 -13.87
C LYS G 3 37.22 15.31 -14.89
N ILE G 4 36.19 15.99 -14.40
CA ILE G 4 35.13 16.55 -15.24
C ILE G 4 34.97 18.02 -14.89
N GLY G 5 34.99 18.88 -15.91
CA GLY G 5 34.93 20.31 -15.68
C GLY G 5 36.33 20.87 -15.46
N LEU G 6 36.51 21.59 -14.35
CA LEU G 6 37.80 22.18 -14.04
C LEU G 6 38.29 21.89 -12.62
N HIS G 7 37.40 21.73 -11.63
CA HIS G 7 37.77 21.30 -10.30
C HIS G 7 37.02 20.07 -9.81
N THR G 8 36.04 19.57 -10.57
CA THR G 8 35.18 18.50 -10.12
C THR G 8 35.64 17.16 -10.67
N GLU G 9 35.29 16.09 -9.96
CA GLU G 9 35.65 14.74 -10.35
C GLU G 9 34.40 13.87 -10.38
N PHE G 10 34.43 12.84 -11.21
CA PHE G 10 33.35 11.87 -11.33
C PHE G 10 33.85 10.53 -10.84
N GLN G 11 33.23 10.02 -9.79
CA GLN G 11 33.61 8.73 -9.21
C GLN G 11 32.37 8.05 -8.66
N THR G 12 32.45 6.73 -8.53
CA THR G 12 31.30 5.90 -8.21
C THR G 12 31.56 5.09 -6.94
N VAL G 13 30.47 4.65 -6.31
CA VAL G 13 30.51 3.82 -5.12
C VAL G 13 29.64 2.59 -5.34
N SER G 14 30.16 1.42 -5.01
CA SER G 14 29.45 0.16 -5.17
C SER G 14 29.27 -0.49 -3.80
N PHE G 15 28.06 -0.98 -3.55
CA PHE G 15 27.71 -1.57 -2.26
C PHE G 15 28.00 -3.07 -2.26
N SER G 16 28.49 -3.57 -1.12
CA SER G 16 28.75 -4.99 -0.97
C SER G 16 27.44 -5.76 -0.85
N MET G 17 27.51 -7.06 -1.11
CA MET G 17 26.34 -7.91 -1.06
C MET G 17 26.47 -9.06 -0.08
N VAL G 18 27.64 -9.70 -0.02
CA VAL G 18 27.81 -10.87 0.85
C VAL G 18 27.70 -10.48 2.31
N GLY G 19 28.18 -9.29 2.67
CA GLY G 19 28.09 -8.84 4.05
C GLY G 19 26.66 -8.62 4.48
N LEU G 20 25.85 -7.98 3.62
CA LEU G 20 24.46 -7.71 3.96
C LEU G 20 23.69 -9.02 4.15
N PHE G 21 23.91 -9.99 3.26
CA PHE G 21 23.20 -11.25 3.37
C PHE G 21 23.65 -12.06 4.59
N SER G 22 24.96 -12.15 4.81
CA SER G 22 25.47 -12.93 5.94
C SER G 22 25.25 -12.21 7.26
N ASN G 23 24.83 -10.95 7.23
CA ASN G 23 24.71 -10.13 8.43
C ASN G 23 23.29 -9.94 8.90
N ASN G 24 22.30 -10.38 8.13
CA ASN G 24 20.90 -10.21 8.52
C ASN G 24 20.60 -11.06 9.75
N PRO G 25 19.79 -10.58 10.69
CA PRO G 25 19.48 -11.39 11.88
C PRO G 25 18.82 -12.73 11.57
N HIS G 26 18.04 -12.81 10.51
CA HIS G 26 17.38 -14.04 10.12
C HIS G 26 18.06 -14.65 8.90
N ASP G 27 17.51 -15.76 8.42
CA ASP G 27 17.98 -16.41 7.20
C ASP G 27 17.01 -16.08 6.07
N LEU G 28 17.55 -15.51 4.99
CA LEU G 28 16.68 -15.05 3.92
C LEU G 28 16.66 -16.05 2.78
N PRO G 29 15.49 -16.32 2.19
CA PRO G 29 15.47 -17.15 0.97
C PRO G 29 15.94 -16.35 -0.22
N LEU G 30 16.89 -16.90 -0.95
CA LEU G 30 17.50 -16.20 -2.07
C LEU G 30 17.27 -16.95 -3.37
N LEU G 31 16.93 -16.20 -4.42
CA LEU G 31 16.69 -16.74 -5.75
C LEU G 31 17.86 -16.40 -6.65
N CYS G 32 18.12 -17.28 -7.61
CA CYS G 32 19.28 -17.12 -8.48
C CYS G 32 18.96 -17.74 -9.83
N THR G 33 19.71 -17.31 -10.85
CA THR G 33 19.63 -17.88 -12.19
C THR G 33 21.04 -18.06 -12.71
N LEU G 34 21.42 -19.29 -13.00
CA LEU G 34 22.78 -19.56 -13.48
C LEU G 34 22.74 -20.08 -14.91
N ASN G 35 23.84 -19.78 -15.62
CA ASN G 35 23.95 -19.87 -17.07
C ASN G 35 22.80 -19.06 -17.66
N LYS G 36 22.02 -19.59 -18.60
CA LYS G 36 20.85 -18.92 -19.11
C LYS G 36 19.58 -19.73 -18.89
N SER G 37 19.67 -20.84 -18.18
CA SER G 37 18.51 -21.71 -18.04
C SER G 37 18.20 -22.09 -16.60
N HIS G 38 19.21 -22.31 -15.76
CA HIS G 38 18.98 -23.06 -14.53
C HIS G 38 18.49 -22.12 -13.44
N LEU G 39 17.25 -22.31 -12.97
CA LEU G 39 16.75 -21.44 -11.92
C LEU G 39 16.94 -22.12 -10.58
N TYR G 40 17.21 -21.33 -9.54
CA TYR G 40 17.51 -21.88 -8.24
C TYR G 40 16.82 -21.06 -7.16
N ILE G 41 16.29 -21.74 -6.14
CA ILE G 41 15.72 -21.07 -4.98
C ILE G 41 16.26 -21.77 -3.74
N LYS G 42 16.87 -21.00 -2.84
CA LYS G 42 17.43 -21.55 -1.62
C LYS G 42 16.74 -20.94 -0.41
N GLY G 43 16.08 -21.79 0.37
CA GLY G 43 15.44 -21.38 1.60
C GLY G 43 16.34 -21.58 2.80
N GLY G 44 15.75 -22.16 3.85
CA GLY G 44 16.54 -22.48 5.03
C GLY G 44 17.57 -23.56 4.77
N ASN G 45 17.12 -24.76 4.39
CA ASN G 45 18.00 -25.87 4.08
C ASN G 45 17.51 -26.66 2.87
N ALA G 46 16.88 -25.98 1.91
CA ALA G 46 16.20 -26.67 0.82
C ALA G 46 16.92 -25.80 -0.21
N SER G 47 17.58 -26.43 -1.18
CA SER G 47 18.36 -25.73 -2.22
C SER G 47 17.65 -26.44 -3.37
N PHE G 48 16.55 -25.83 -3.81
CA PHE G 48 15.73 -26.38 -4.89
C PHE G 48 16.19 -25.84 -6.24
N LYS G 49 16.13 -26.69 -7.25
CA LYS G 49 16.48 -26.35 -8.62
C LYS G 49 15.27 -26.51 -9.51
N ILE G 50 15.05 -25.52 -10.38
CA ILE G 50 13.86 -25.41 -11.20
C ILE G 50 14.27 -25.36 -12.66
N SER G 51 13.58 -26.16 -13.48
CA SER G 51 13.79 -26.22 -14.92
C SER G 51 12.44 -26.32 -15.62
N PHE G 52 12.43 -26.00 -16.91
CA PHE G 52 11.21 -26.00 -17.72
C PHE G 52 11.44 -26.82 -18.97
N ASP G 53 10.54 -27.75 -19.26
CA ASP G 53 10.57 -28.50 -20.51
C ASP G 53 9.27 -29.28 -20.66
N ASP G 54 9.06 -29.81 -21.87
CA ASP G 54 7.84 -30.52 -22.21
C ASP G 54 7.95 -32.03 -21.96
N ILE G 55 8.52 -32.38 -20.82
CA ILE G 55 8.69 -33.77 -20.41
C ILE G 55 7.77 -34.00 -19.23
N ALA G 56 6.86 -34.95 -19.37
CA ALA G 56 5.88 -35.28 -18.33
C ALA G 56 6.39 -36.47 -17.54
N VAL G 57 6.91 -36.20 -16.34
CA VAL G 57 7.40 -37.25 -15.46
C VAL G 57 6.35 -37.67 -14.42
N LEU G 58 5.26 -36.92 -14.29
CA LEU G 58 4.21 -37.21 -13.32
C LEU G 58 2.87 -37.23 -14.03
N LEU G 59 1.94 -38.05 -13.51
CA LEU G 59 0.63 -38.19 -14.13
C LEU G 59 -0.45 -38.14 -13.05
N PRO G 60 -1.61 -37.55 -13.34
CA PRO G 60 -2.66 -37.45 -12.30
C PRO G 60 -3.21 -38.78 -11.85
N GLU G 61 -3.19 -39.80 -12.71
CA GLU G 61 -3.83 -41.07 -12.37
C GLU G 61 -3.10 -41.77 -11.23
N TYR G 62 -1.77 -41.72 -11.22
CA TYR G 62 -0.96 -42.43 -10.24
C TYR G 62 0.02 -41.44 -9.62
N ASP G 63 -0.44 -40.73 -8.60
CA ASP G 63 0.35 -39.71 -7.92
C ASP G 63 -0.45 -39.24 -6.71
N VAL G 64 0.07 -38.21 -6.04
CA VAL G 64 -0.72 -37.47 -5.06
C VAL G 64 -1.02 -36.10 -5.65
N ILE G 65 -2.29 -35.73 -5.66
CA ILE G 65 -2.76 -34.48 -6.25
C ILE G 65 -2.92 -33.51 -5.08
N ILE G 66 -1.84 -32.80 -4.76
CA ILE G 66 -1.85 -31.88 -3.63
C ILE G 66 -2.74 -30.70 -3.96
N GLN G 67 -3.74 -30.47 -3.11
CA GLN G 67 -4.61 -29.30 -3.14
C GLN G 67 -4.45 -28.41 -1.93
N HIS G 68 -4.00 -28.94 -0.79
CA HIS G 68 -3.90 -28.24 0.47
C HIS G 68 -2.52 -28.51 1.07
N PRO G 69 -1.97 -27.57 1.84
CA PRO G 69 -0.68 -27.83 2.50
C PRO G 69 -0.72 -28.97 3.49
N ALA G 70 -1.91 -29.35 3.97
CA ALA G 70 -2.01 -30.49 4.88
C ALA G 70 -1.57 -31.77 4.19
N ASP G 71 -1.97 -31.96 2.94
CA ASP G 71 -1.57 -33.15 2.20
C ASP G 71 -0.09 -33.15 1.86
N MET G 72 0.57 -31.99 1.90
CA MET G 72 1.98 -31.91 1.54
C MET G 72 2.84 -32.77 2.46
N SER G 73 2.33 -33.09 3.66
CA SER G 73 3.06 -33.95 4.59
C SER G 73 3.25 -35.36 4.05
N TRP G 74 2.50 -35.73 3.00
CA TRP G 74 2.59 -37.07 2.43
C TRP G 74 3.64 -37.17 1.33
N CYS G 75 4.45 -36.13 1.13
CA CYS G 75 5.43 -36.11 0.04
C CYS G 75 6.87 -36.21 0.52
N SER G 76 7.28 -35.38 1.48
CA SER G 76 8.65 -35.36 1.94
C SER G 76 8.70 -35.65 3.44
N LYS G 77 9.85 -36.16 3.88
CA LYS G 77 10.07 -36.51 5.28
C LYS G 77 10.61 -35.34 6.10
N SER G 78 11.12 -34.29 5.46
CA SER G 78 11.72 -33.15 6.15
C SER G 78 10.79 -31.95 6.05
N ASP G 79 10.56 -31.28 7.17
CA ASP G 79 9.64 -30.15 7.20
C ASP G 79 10.15 -28.95 6.42
N ASP G 80 11.47 -28.79 6.27
CA ASP G 80 12.01 -27.65 5.55
C ASP G 80 11.61 -27.67 4.08
N GLN G 81 11.63 -28.84 3.45
CA GLN G 81 11.20 -28.94 2.05
C GLN G 81 9.72 -28.57 1.91
N ILE G 82 8.90 -29.03 2.86
CA ILE G 82 7.47 -28.69 2.83
C ILE G 82 7.28 -27.19 2.96
N TRP G 83 7.99 -26.57 3.91
CA TRP G 83 7.90 -25.13 4.10
C TRP G 83 8.30 -24.39 2.83
N LEU G 84 9.41 -24.79 2.22
CA LEU G 84 9.91 -24.10 1.04
C LEU G 84 8.91 -24.22 -0.11
N SER G 85 8.42 -25.43 -0.36
CA SER G 85 7.48 -25.62 -1.47
C SER G 85 6.21 -24.82 -1.25
N GLN G 86 5.63 -24.91 -0.05
CA GLN G 86 4.38 -24.22 0.23
C GLN G 86 4.55 -22.72 0.08
N TRP G 87 5.63 -22.17 0.63
CA TRP G 87 5.78 -20.71 0.60
C TRP G 87 6.18 -20.22 -0.78
N PHE G 88 6.91 -21.01 -1.57
CA PHE G 88 7.20 -20.60 -2.94
C PHE G 88 5.93 -20.55 -3.76
N MET G 89 5.07 -21.58 -3.64
CA MET G 89 3.81 -21.56 -4.36
C MET G 89 2.90 -20.43 -3.88
N ASN G 90 2.96 -20.10 -2.59
CA ASN G 90 2.20 -18.97 -2.07
C ASN G 90 2.73 -17.65 -2.61
N ALA G 91 4.05 -17.53 -2.75
CA ALA G 91 4.64 -16.28 -3.22
C ALA G 91 4.34 -16.05 -4.70
N VAL G 92 4.45 -17.09 -5.53
CA VAL G 92 4.12 -16.92 -6.94
C VAL G 92 2.63 -16.66 -7.12
N GLY G 93 1.81 -17.08 -6.16
CA GLY G 93 0.38 -16.86 -6.16
C GLY G 93 -0.35 -18.11 -6.60
N HIS G 94 -0.76 -18.92 -5.62
CA HIS G 94 -1.45 -20.18 -5.87
C HIS G 94 -2.51 -20.43 -4.81
N ASP G 95 -3.35 -19.42 -4.54
CA ASP G 95 -4.39 -19.59 -3.52
C ASP G 95 -5.10 -20.93 -3.72
N TRP G 96 -4.96 -21.80 -2.72
CA TRP G 96 -5.09 -23.24 -2.91
C TRP G 96 -6.52 -23.71 -3.11
N TYR G 97 -7.51 -22.83 -2.93
CA TYR G 97 -8.89 -23.28 -3.00
C TYR G 97 -9.58 -22.93 -4.31
N LEU G 98 -9.08 -21.97 -5.08
CA LEU G 98 -9.57 -21.71 -6.43
C LEU G 98 -8.37 -21.65 -7.38
N ASP G 99 -7.93 -22.83 -7.83
CA ASP G 99 -6.88 -23.09 -8.81
C ASP G 99 -6.76 -24.60 -9.00
N PRO G 100 -6.25 -25.06 -10.14
CA PRO G 100 -5.97 -26.48 -10.29
C PRO G 100 -4.90 -26.92 -9.31
N PRO G 101 -4.95 -28.17 -8.85
CA PRO G 101 -3.96 -28.67 -7.90
C PRO G 101 -2.64 -28.95 -8.60
N PHE G 102 -1.65 -29.39 -7.82
CA PHE G 102 -0.37 -29.75 -8.41
C PHE G 102 0.08 -31.11 -7.89
N LEU G 103 0.85 -31.81 -8.70
CA LEU G 103 1.15 -33.21 -8.48
C LEU G 103 2.51 -33.51 -7.87
N CYS G 104 2.51 -34.45 -6.92
CA CYS G 104 3.73 -34.92 -6.30
C CYS G 104 3.72 -36.43 -6.08
N ARG G 105 4.79 -36.95 -5.48
CA ARG G 105 4.98 -38.37 -5.28
C ARG G 105 4.68 -38.76 -3.84
N ASN G 106 4.22 -39.99 -3.65
CA ASN G 106 4.12 -40.56 -2.31
C ASN G 106 5.52 -40.67 -1.73
N ARG G 107 5.64 -40.43 -0.42
CA ARG G 107 6.97 -40.40 0.20
C ARG G 107 7.58 -41.79 0.26
N THR G 108 6.77 -42.83 0.49
CA THR G 108 7.32 -44.18 0.63
C THR G 108 7.87 -44.71 -0.69
N LYS G 109 7.54 -44.07 -1.82
CA LYS G 109 8.10 -44.49 -3.10
C LYS G 109 9.59 -44.21 -3.14
N THR G 110 10.34 -45.11 -3.76
CA THR G 110 11.80 -45.03 -3.79
C THR G 110 12.28 -44.32 -5.05
N GLU G 111 11.84 -43.07 -5.22
CA GLU G 111 12.26 -42.28 -6.38
C GLU G 111 12.52 -40.83 -6.00
N GLY G 112 12.92 -40.58 -4.75
CA GLY G 112 13.29 -39.24 -4.34
C GLY G 112 12.10 -38.32 -4.18
N PHE G 113 12.38 -37.02 -4.32
CA PHE G 113 11.39 -35.96 -4.16
C PHE G 113 11.40 -35.08 -5.40
N ILE G 114 10.22 -34.68 -5.85
CA ILE G 114 10.10 -33.82 -7.03
C ILE G 114 8.68 -33.28 -7.08
N PHE G 115 8.51 -32.03 -7.53
CA PHE G 115 7.16 -31.56 -7.79
C PHE G 115 7.17 -30.80 -9.11
N GLN G 116 6.05 -30.87 -9.82
CA GLN G 116 5.94 -30.36 -11.18
C GLN G 116 4.59 -29.72 -11.38
N VAL G 117 4.56 -28.67 -12.19
CA VAL G 117 3.32 -27.96 -12.55
C VAL G 117 3.29 -27.75 -14.05
N ASN G 118 2.15 -28.02 -14.67
CA ASN G 118 2.00 -27.80 -16.11
C ASN G 118 1.48 -26.38 -16.36
N THR G 119 2.14 -25.67 -17.26
CA THR G 119 1.79 -24.29 -17.60
C THR G 119 1.79 -24.10 -19.11
N SER G 120 1.36 -25.12 -19.85
CA SER G 120 1.28 -25.00 -21.29
C SER G 120 0.21 -23.98 -21.69
N LYS G 121 0.54 -23.13 -22.65
CA LYS G 121 -0.36 -22.05 -23.07
C LYS G 121 -1.36 -22.59 -24.08
N THR G 122 -2.31 -23.36 -23.58
CA THR G 122 -3.39 -23.93 -24.37
C THR G 122 -4.72 -23.44 -23.82
N GLY G 123 -5.81 -23.89 -24.46
CA GLY G 123 -7.16 -23.48 -24.11
C GLY G 123 -7.45 -23.52 -22.62
N ILE G 124 -7.39 -24.73 -22.04
CA ILE G 124 -7.52 -24.85 -20.60
C ILE G 124 -6.17 -24.51 -19.96
N ASN G 125 -6.22 -23.98 -18.74
CA ASN G 125 -5.05 -23.56 -17.97
C ASN G 125 -4.30 -22.41 -18.64
N GLU G 126 -4.97 -21.70 -19.56
CA GLU G 126 -4.37 -20.51 -20.15
C GLU G 126 -4.24 -19.40 -19.11
N ASN G 127 -5.29 -19.18 -18.32
CA ASN G 127 -5.24 -18.16 -17.28
C ASN G 127 -4.19 -18.50 -16.23
N TYR G 128 -4.12 -19.77 -15.84
CA TYR G 128 -3.08 -20.19 -14.90
C TYR G 128 -1.70 -20.02 -15.50
N ALA G 129 -1.56 -20.32 -16.80
CA ALA G 129 -0.27 -20.14 -17.45
C ALA G 129 0.16 -18.68 -17.43
N LYS G 130 -0.76 -17.76 -17.74
CA LYS G 130 -0.42 -16.35 -17.73
C LYS G 130 -0.11 -15.86 -16.33
N LYS G 131 -0.87 -16.31 -15.34
CA LYS G 131 -0.60 -15.93 -13.96
C LYS G 131 0.77 -16.41 -13.52
N PHE G 132 1.13 -17.64 -13.87
CA PHE G 132 2.45 -18.16 -13.52
C PHE G 132 3.54 -17.41 -14.26
N LYS G 133 3.29 -17.02 -15.51
CA LYS G 133 4.27 -16.23 -16.24
C LYS G 133 4.52 -14.90 -15.55
N THR G 134 3.45 -14.23 -15.13
CA THR G 134 3.61 -12.96 -14.42
C THR G 134 4.36 -13.15 -13.10
N GLY G 135 4.03 -14.22 -12.37
CA GLY G 135 4.73 -14.49 -11.12
C GLY G 135 6.21 -14.76 -11.33
N MET G 136 6.52 -15.54 -12.36
CA MET G 136 7.92 -15.84 -12.66
C MET G 136 8.66 -14.58 -13.06
N HIS G 137 8.01 -13.71 -13.85
CA HIS G 137 8.63 -12.45 -14.24
C HIS G 137 8.90 -11.58 -13.04
N HIS G 138 7.97 -11.53 -12.09
CA HIS G 138 8.15 -10.70 -10.90
C HIS G 138 9.20 -11.27 -9.95
N LEU G 139 9.32 -12.60 -9.88
CA LEU G 139 10.21 -13.25 -8.93
C LEU G 139 11.59 -13.54 -9.49
N TYR G 140 11.84 -13.24 -10.76
CA TYR G 140 13.15 -13.41 -11.36
C TYR G 140 13.41 -12.23 -12.29
N ARG G 141 14.57 -11.59 -12.12
CA ARG G 141 14.85 -10.34 -12.81
C ARG G 141 14.84 -10.52 -14.33
N GLU G 142 15.79 -11.30 -14.84
CA GLU G 142 15.87 -11.58 -16.28
C GLU G 142 15.37 -13.01 -16.50
N TYR G 143 14.05 -13.13 -16.60
CA TYR G 143 13.44 -14.44 -16.79
C TYR G 143 13.71 -14.94 -18.20
N PRO G 144 14.36 -16.10 -18.38
CA PRO G 144 14.54 -16.63 -19.74
C PRO G 144 13.24 -16.91 -20.45
N ASP G 145 12.20 -17.31 -19.72
CA ASP G 145 10.88 -17.60 -20.27
C ASP G 145 10.96 -18.67 -21.35
N SER G 146 11.35 -19.87 -20.92
CA SER G 146 11.39 -21.02 -21.82
C SER G 146 9.97 -21.47 -22.13
N CYS G 147 9.87 -22.57 -22.87
CA CYS G 147 8.60 -23.19 -23.27
C CYS G 147 7.60 -22.17 -23.78
N LEU G 148 7.96 -21.54 -24.90
CA LEU G 148 7.11 -20.55 -25.54
C LEU G 148 5.78 -21.19 -25.96
N ASP G 149 4.82 -20.33 -26.31
CA ASP G 149 3.47 -20.76 -26.66
C ASP G 149 3.49 -21.84 -27.74
N GLY G 150 3.08 -23.05 -27.38
CA GLY G 150 3.14 -24.17 -28.30
C GLY G 150 2.43 -25.40 -27.78
N LYS G 151 3.06 -26.56 -27.96
CA LYS G 151 2.40 -27.82 -27.62
C LYS G 151 2.28 -27.99 -26.11
N LEU G 152 3.41 -28.05 -25.40
CA LEU G 152 3.39 -28.33 -23.98
C LEU G 152 4.55 -27.61 -23.29
N CYS G 153 4.39 -27.43 -21.98
CA CYS G 153 5.41 -26.78 -21.16
C CYS G 153 5.14 -27.16 -19.71
N LEU G 154 6.08 -27.86 -19.09
CA LEU G 154 5.94 -28.27 -17.69
C LEU G 154 7.17 -27.84 -16.92
N MET G 155 6.96 -27.25 -15.75
CA MET G 155 8.06 -26.87 -14.88
C MET G 155 8.25 -27.96 -13.83
N LYS G 156 9.51 -28.25 -13.52
CA LYS G 156 9.88 -29.26 -12.54
C LYS G 156 10.83 -28.65 -11.53
N ALA G 157 10.62 -28.99 -10.25
CA ALA G 157 11.50 -28.58 -9.18
C ALA G 157 11.98 -29.82 -8.43
N GLN G 158 13.29 -29.94 -8.29
CA GLN G 158 13.97 -31.08 -7.71
C GLN G 158 15.02 -30.62 -6.71
N PRO G 159 15.37 -31.48 -5.74
CA PRO G 159 16.41 -31.08 -4.78
C PRO G 159 17.81 -31.41 -5.27
N THR G 160 18.66 -30.40 -5.35
CA THR G 160 20.07 -30.56 -5.72
C THR G 160 20.94 -29.78 -4.76
N SER G 161 22.23 -30.11 -4.76
CA SER G 161 23.19 -29.39 -3.94
C SER G 161 23.31 -27.95 -4.43
N TRP G 162 23.49 -27.04 -3.50
CA TRP G 162 23.55 -25.61 -3.83
C TRP G 162 24.89 -25.28 -4.49
N PRO G 163 24.91 -24.75 -5.71
CA PRO G 163 26.18 -24.42 -6.35
C PRO G 163 26.82 -23.20 -5.72
N LEU G 164 28.15 -23.25 -5.58
CA LEU G 164 28.89 -22.15 -4.96
C LEU G 164 29.40 -21.14 -5.98
N GLN G 165 28.51 -20.64 -6.85
CA GLN G 165 28.85 -19.57 -7.77
C GLN G 165 27.69 -18.65 -8.09
N CYS G 166 26.52 -18.85 -7.48
CA CYS G 166 25.37 -18.02 -7.81
C CYS G 166 25.62 -16.57 -7.40
N PRO G 167 25.35 -15.60 -8.26
CA PRO G 167 25.42 -14.20 -7.83
C PRO G 167 24.34 -13.89 -6.80
N LEU G 168 24.76 -13.65 -5.55
CA LEU G 168 23.80 -13.47 -4.47
C LEU G 168 23.09 -12.13 -4.61
N ASP G 169 22.19 -12.03 -5.57
CA ASP G 169 21.43 -10.80 -5.77
C ASP G 169 20.39 -10.63 -4.65
N HIS G 170 19.91 -9.39 -4.52
CA HIS G 170 18.97 -9.07 -3.46
C HIS G 170 17.67 -8.46 -3.95
N VAL G 171 17.60 -8.02 -5.21
CA VAL G 171 16.33 -7.53 -5.75
C VAL G 171 15.30 -8.65 -5.75
N ASN G 172 15.72 -9.84 -6.16
CA ASN G 172 14.81 -10.97 -6.23
C ASN G 172 14.33 -11.37 -4.84
N THR G 173 15.22 -11.29 -3.84
CA THR G 173 14.82 -11.58 -2.47
C THR G 173 13.77 -10.57 -2.00
N LEU G 174 13.96 -9.29 -2.33
CA LEU G 174 12.97 -8.28 -1.96
C LEU G 174 11.62 -8.56 -2.61
N HIS G 175 11.63 -8.95 -3.89
CA HIS G 175 10.36 -9.27 -4.54
C HIS G 175 9.71 -10.52 -3.96
N PHE G 176 10.53 -11.51 -3.57
CA PHE G 176 9.98 -12.70 -2.93
C PHE G 176 9.31 -12.35 -1.61
N LEU G 177 9.95 -11.49 -0.83
CA LEU G 177 9.35 -11.07 0.44
C LEU G 177 8.09 -10.24 0.21
N THR G 178 8.09 -9.38 -0.81
CA THR G 178 6.93 -8.54 -1.07
C THR G 178 5.73 -9.36 -1.54
N ARG G 179 5.94 -10.23 -2.53
CA ARG G 179 4.84 -11.05 -3.04
C ARG G 179 4.34 -12.03 -2.00
N GLY G 180 5.25 -12.70 -1.30
CA GLY G 180 4.84 -13.64 -0.27
C GLY G 180 4.23 -12.92 0.91
N LYS G 181 3.04 -13.35 1.31
CA LYS G 181 2.32 -12.72 2.42
C LYS G 181 2.43 -13.60 3.65
N ASN G 182 2.70 -12.97 4.80
CA ASN G 182 2.83 -13.65 6.08
C ASN G 182 3.91 -14.73 6.07
N ILE G 183 4.97 -14.51 5.28
CA ILE G 183 6.10 -15.44 5.23
C ILE G 183 6.91 -15.26 6.50
N GLN G 184 7.21 -16.36 7.18
CA GLN G 184 7.94 -16.34 8.44
C GLN G 184 9.35 -16.87 8.21
N LEU G 185 10.34 -15.99 8.33
CA LEU G 185 11.73 -16.35 8.11
C LEU G 185 12.34 -16.85 9.41
N PRO G 186 12.93 -18.04 9.44
CA PRO G 186 13.44 -18.58 10.71
C PRO G 186 14.79 -18.02 11.10
N ARG G 187 15.22 -18.34 12.32
CA ARG G 187 16.52 -17.91 12.86
C ARG G 187 16.64 -16.38 12.87
N ALA H 1 17.83 4.90 16.79
CA ALA H 1 16.64 5.17 15.98
C ALA H 1 16.83 4.69 14.55
N PHE H 2 16.00 5.19 13.65
CA PHE H 2 16.07 4.86 12.23
C PHE H 2 16.45 6.11 11.44
N PHE H 3 16.44 5.99 10.11
CA PHE H 3 16.93 7.05 9.24
C PHE H 3 15.90 8.17 9.15
N SER H 4 15.89 9.01 10.17
CA SER H 4 15.19 10.29 10.15
C SER H 4 16.04 11.39 10.77
N TRP H 5 17.34 11.39 10.45
CA TRP H 5 18.28 12.29 11.11
C TRP H 5 17.96 13.74 10.81
N SER H 6 18.20 14.58 11.81
CA SER H 6 18.02 16.03 11.71
C SER H 6 19.35 16.75 11.79
N LEU H 7 20.37 16.20 11.13
CA LEU H 7 21.72 16.74 11.11
C LEU H 7 22.31 16.85 12.52
N GLY H 18 30.27 13.42 9.31
CA GLY H 18 28.88 13.04 9.12
C GLY H 18 28.66 11.54 9.12
N TYR H 19 27.52 11.11 8.59
CA TYR H 19 27.21 9.69 8.53
C TYR H 19 28.14 8.98 7.56
N CYS H 20 28.89 8.01 8.07
CA CYS H 20 29.83 7.24 7.26
C CYS H 20 29.35 5.81 7.04
N LEU H 21 29.80 5.24 5.93
CA LEU H 21 29.53 3.86 5.55
C LEU H 21 30.72 3.02 5.97
N GLU H 22 30.46 2.01 6.80
CA GLU H 22 31.54 1.22 7.36
C GLU H 22 32.22 0.37 6.29
N GLU H 23 33.35 -0.23 6.66
CA GLU H 23 34.17 -0.94 5.70
C GLU H 23 33.45 -2.16 5.12
N TRP H 24 32.76 -2.92 5.97
CA TRP H 24 32.14 -4.16 5.55
C TRP H 24 30.95 -3.91 4.62
N MET H 25 30.46 -2.67 4.58
CA MET H 25 29.34 -2.32 3.73
C MET H 25 29.76 -2.00 2.29
N LEU H 26 31.01 -1.62 2.07
CA LEU H 26 31.47 -1.19 0.76
C LEU H 26 32.38 -2.24 0.14
N VAL H 27 32.34 -2.31 -1.20
CA VAL H 27 33.13 -3.31 -1.91
C VAL H 27 34.62 -3.04 -1.75
N ALA H 28 35.01 -1.77 -1.69
CA ALA H 28 36.41 -1.42 -1.50
C ALA H 28 36.89 -1.71 -0.08
N ALA H 29 35.98 -1.99 0.85
CA ALA H 29 36.31 -2.33 2.23
C ALA H 29 37.15 -1.24 2.89
N LYS H 30 36.63 -0.01 2.84
CA LYS H 30 37.30 1.12 3.45
C LYS H 30 36.25 2.06 4.03
N MET H 31 36.55 2.62 5.20
CA MET H 31 35.65 3.54 5.87
C MET H 31 35.51 4.83 5.06
N LYS H 32 34.31 5.08 4.56
CA LYS H 32 34.04 6.20 3.66
C LYS H 32 32.95 7.08 4.29
N CYS H 33 33.34 8.27 4.73
CA CYS H 33 32.41 9.19 5.39
C CYS H 33 31.77 9.94 4.23
N PHE H 34 30.43 9.94 4.20
CA PHE H 34 29.70 10.74 3.24
C PHE H 34 29.41 12.06 3.95
N GLY H 35 29.20 13.10 3.16
CA GLY H 35 28.90 14.41 3.72
C GLY H 35 27.57 14.40 4.45
N ASN H 36 27.52 15.14 5.57
CA ASN H 36 26.29 15.21 6.35
C ASN H 36 25.19 15.94 5.59
N THR H 37 25.55 17.03 4.90
CA THR H 37 24.54 17.79 4.15
C THR H 37 23.94 16.95 3.03
N ALA H 38 24.77 16.21 2.31
CA ALA H 38 24.27 15.38 1.22
C ALA H 38 23.41 14.22 1.75
N VAL H 39 23.84 13.61 2.86
CA VAL H 39 23.09 12.51 3.44
C VAL H 39 21.74 12.99 3.94
N ALA H 40 21.69 14.19 4.52
CA ALA H 40 20.45 14.75 5.05
C ALA H 40 19.45 15.11 3.96
N LYS H 41 19.86 15.06 2.69
CA LYS H 41 18.95 15.45 1.61
C LYS H 41 17.73 14.55 1.56
N CYS H 42 17.92 13.24 1.71
CA CYS H 42 16.80 12.29 1.62
C CYS H 42 16.25 11.94 3.00
N ASN H 43 15.90 12.95 3.79
CA ASN H 43 15.09 12.71 4.97
C ASN H 43 13.61 12.64 4.65
N LEU H 44 13.23 13.01 3.42
CA LEU H 44 11.85 12.89 2.96
C LEU H 44 11.73 12.30 1.56
N ASN H 45 12.84 12.14 0.83
CA ASN H 45 12.79 11.59 -0.52
C ASN H 45 12.39 10.12 -0.48
N HIS H 46 11.46 9.75 -1.36
CA HIS H 46 11.01 8.36 -1.48
C HIS H 46 11.40 7.74 -2.82
N ASP H 47 12.18 8.45 -3.63
CA ASP H 47 12.56 8.00 -4.96
C ASP H 47 14.08 8.03 -5.12
N SER H 48 14.79 7.50 -4.13
CA SER H 48 16.26 7.42 -4.16
C SER H 48 16.64 6.01 -3.70
N GLU H 49 17.07 5.19 -4.65
CA GLU H 49 17.45 3.81 -4.33
C GLU H 49 18.65 3.77 -3.39
N PHE H 50 19.55 4.75 -3.51
CA PHE H 50 20.70 4.81 -2.61
C PHE H 50 20.24 4.97 -1.17
N CYS H 51 19.24 5.81 -0.94
CA CYS H 51 18.75 6.00 0.43
C CYS H 51 17.93 4.82 0.91
N ASP H 52 17.27 4.10 -0.01
CA ASP H 52 16.62 2.85 0.39
C ASP H 52 17.64 1.83 0.88
N MET H 53 18.75 1.70 0.16
CA MET H 53 19.82 0.83 0.62
C MET H 53 20.40 1.33 1.94
N LEU H 54 20.51 2.64 2.11
CA LEU H 54 20.98 3.20 3.37
C LEU H 54 20.06 2.82 4.53
N ARG H 55 18.75 2.91 4.31
CA ARG H 55 17.80 2.53 5.36
C ARG H 55 17.90 1.04 5.68
N LEU H 56 18.04 0.20 4.65
CA LEU H 56 18.22 -1.23 4.88
C LEU H 56 19.45 -1.50 5.74
N PHE H 57 20.56 -0.84 5.40
CA PHE H 57 21.79 -1.07 6.14
C PHE H 57 21.70 -0.51 7.56
N ASP H 58 20.98 0.59 7.77
CA ASP H 58 20.80 1.10 9.12
C ASP H 58 19.97 0.12 9.96
N TYR H 59 18.93 -0.46 9.37
CA TYR H 59 18.17 -1.48 10.09
C TYR H 59 19.04 -2.66 10.44
N ASN H 60 19.89 -3.10 9.50
CA ASN H 60 20.81 -4.19 9.80
C ASN H 60 21.76 -3.83 10.94
N LYS H 61 22.26 -2.59 10.94
CA LYS H 61 23.18 -2.16 12.00
C LYS H 61 22.49 -2.20 13.36
N ASN H 62 21.26 -1.72 13.42
CA ASN H 62 20.49 -1.82 14.67
C ASN H 62 20.27 -3.29 15.03
N ALA H 63 20.17 -4.17 14.03
CA ALA H 63 20.02 -5.59 14.31
C ALA H 63 21.26 -6.16 14.99
N ILE H 64 22.45 -5.82 14.50
CA ILE H 64 23.64 -6.32 15.21
C ILE H 64 23.73 -5.70 16.59
N LYS H 65 23.35 -4.43 16.73
CA LYS H 65 23.39 -3.80 18.05
C LYS H 65 22.52 -4.57 19.04
N THR H 66 21.30 -4.90 18.62
CA THR H 66 20.41 -5.69 19.48
C THR H 66 20.98 -7.08 19.75
N LEU H 67 21.50 -7.74 18.71
CA LEU H 67 21.98 -9.11 18.86
C LEU H 67 23.15 -9.19 19.83
N ASN H 68 24.10 -8.26 19.71
CA ASN H 68 25.24 -8.26 20.62
C ASN H 68 24.92 -7.62 21.96
N ASP H 69 23.77 -6.95 22.09
CA ASP H 69 23.30 -6.50 23.39
C ASP H 69 22.60 -7.60 24.18
N GLU H 70 22.33 -8.74 23.55
CA GLU H 70 21.70 -9.90 24.19
C GLU H 70 20.37 -9.52 24.83
N THR H 71 19.42 -9.12 23.97
CA THR H 71 18.10 -8.73 24.41
C THR H 71 17.09 -9.83 24.07
N LYS H 72 15.84 -9.60 24.48
CA LYS H 72 14.73 -10.51 24.22
C LYS H 72 13.74 -9.93 23.23
N LYS H 73 14.17 -8.96 22.42
CA LYS H 73 13.27 -8.30 21.48
C LYS H 73 12.72 -9.30 20.47
N GLN H 74 11.41 -9.24 20.24
CA GLN H 74 10.74 -10.14 19.30
C GLN H 74 10.81 -9.50 17.91
N VAL H 75 12.00 -9.57 17.32
CA VAL H 75 12.26 -8.94 16.02
C VAL H 75 11.71 -9.87 14.94
N ASN H 76 10.45 -9.67 14.57
CA ASN H 76 9.85 -10.46 13.50
C ASN H 76 10.30 -9.94 12.15
N LEU H 77 10.75 -10.85 11.30
CA LEU H 77 11.12 -10.53 9.93
C LEU H 77 10.13 -11.18 8.98
N MET H 78 9.37 -10.35 8.27
CA MET H 78 8.32 -10.84 7.39
C MET H 78 8.23 -9.91 6.19
N GLY H 79 7.34 -10.26 5.26
CA GLY H 79 7.20 -9.46 4.05
C GLY H 79 6.79 -8.03 4.35
N GLN H 80 5.91 -7.85 5.33
CA GLN H 80 5.42 -6.51 5.66
C GLN H 80 6.54 -5.62 6.21
N THR H 81 7.47 -6.21 6.97
CA THR H 81 8.57 -5.41 7.52
C THR H 81 9.44 -4.84 6.40
N ILE H 82 9.89 -5.70 5.48
CA ILE H 82 10.71 -5.22 4.37
C ILE H 82 9.92 -4.28 3.47
N ASN H 83 8.63 -4.55 3.28
CA ASN H 83 7.79 -3.64 2.51
C ASN H 83 7.74 -2.26 3.17
N ALA H 84 7.67 -2.23 4.50
CA ALA H 84 7.65 -0.95 5.20
C ALA H 84 9.00 -0.26 5.16
N LEU H 85 10.08 -1.03 5.08
CA LEU H 85 11.42 -0.44 5.07
C LEU H 85 11.71 0.25 3.73
N ILE H 86 11.75 -0.52 2.64
CA ILE H 86 12.02 0.03 1.32
C ILE H 86 10.72 0.59 0.75
N SER H 87 10.83 1.35 -0.34
CA SER H 87 9.67 1.93 -1.01
C SER H 87 9.14 0.91 -2.01
N ASP H 88 7.92 0.42 -1.77
CA ASP H 88 7.31 -0.54 -2.69
C ASP H 88 7.07 0.07 -4.05
N ASN H 89 6.61 1.32 -4.08
CA ASN H 89 6.30 1.97 -5.35
C ASN H 89 7.54 2.11 -6.22
N LEU H 90 8.66 2.52 -5.63
CA LEU H 90 9.88 2.72 -6.40
C LEU H 90 10.39 1.39 -6.97
N LEU H 91 10.41 0.35 -6.16
CA LEU H 91 10.91 -0.94 -6.63
C LEU H 91 9.97 -1.53 -7.69
N MET H 92 8.67 -1.37 -7.50
CA MET H 92 7.72 -1.83 -8.52
C MET H 92 7.92 -1.07 -9.82
N LYS H 93 8.17 0.24 -9.74
CA LYS H 93 8.44 1.01 -10.95
C LYS H 93 9.73 0.53 -11.61
N ASN H 94 10.75 0.20 -10.81
CA ASN H 94 11.99 -0.32 -11.38
C ASN H 94 11.76 -1.64 -12.11
N LYS H 95 10.97 -2.53 -11.51
CA LYS H 95 10.68 -3.80 -12.18
C LYS H 95 9.85 -3.57 -13.45
N ILE H 96 8.93 -2.61 -13.41
CA ILE H 96 8.17 -2.25 -14.61
C ILE H 96 9.10 -1.79 -15.70
N ARG H 97 10.04 -0.91 -15.36
CA ARG H 97 11.02 -0.44 -16.33
C ARG H 97 11.95 -1.56 -16.77
N GLU H 98 12.04 -2.62 -15.97
CA GLU H 98 12.81 -3.79 -16.39
C GLU H 98 12.06 -4.60 -17.44
N LEU H 99 10.74 -4.71 -17.28
CA LEU H 99 9.94 -5.52 -18.20
C LEU H 99 10.09 -5.07 -19.64
N MET H 100 9.65 -3.84 -19.95
CA MET H 100 10.02 -3.25 -21.23
C MET H 100 11.49 -2.89 -21.22
N SER H 101 12.15 -3.07 -22.36
CA SER H 101 13.61 -2.94 -22.44
C SER H 101 14.00 -1.46 -22.42
N VAL H 102 14.01 -0.90 -21.22
CA VAL H 102 14.50 0.46 -20.99
C VAL H 102 15.44 0.41 -19.80
N PRO H 103 16.33 1.40 -19.66
CA PRO H 103 17.33 1.33 -18.59
C PRO H 103 16.70 1.30 -17.20
N TYR H 104 17.35 0.57 -16.30
CA TYR H 104 16.99 0.50 -14.90
C TYR H 104 18.25 0.23 -14.10
N CYS H 105 18.13 0.04 -12.79
CA CYS H 105 19.30 -0.21 -11.95
C CYS H 105 18.92 -1.15 -10.82
N ASN H 106 19.75 -2.18 -10.60
CA ASN H 106 19.43 -3.18 -9.59
C ASN H 106 20.12 -2.92 -8.25
N TYR H 107 20.00 -1.67 -7.76
CA TYR H 107 20.32 -1.33 -6.37
C TYR H 107 21.73 -1.75 -5.95
N THR H 108 22.71 -1.62 -6.85
CA THR H 108 24.07 -2.04 -6.51
C THR H 108 25.17 -1.06 -6.91
N LYS H 109 24.94 -0.16 -7.86
CA LYS H 109 26.00 0.73 -8.33
C LYS H 109 25.48 2.16 -8.34
N PHE H 110 26.24 3.06 -7.73
CA PHE H 110 25.86 4.46 -7.63
C PHE H 110 27.07 5.34 -7.92
N TRP H 111 26.81 6.49 -8.53
CA TRP H 111 27.86 7.43 -8.94
C TRP H 111 27.46 8.85 -8.56
N TYR H 112 28.48 9.69 -8.39
CA TYR H 112 28.26 11.07 -7.97
C TYR H 112 29.38 11.95 -8.52
N VAL H 113 29.10 13.25 -8.54
CA VAL H 113 30.10 14.25 -8.93
C VAL H 113 30.67 14.87 -7.67
N ASN H 114 32.00 14.89 -7.57
CA ASN H 114 32.69 15.34 -6.36
C ASN H 114 33.43 16.63 -6.64
N HIS H 115 33.29 17.59 -5.75
CA HIS H 115 34.04 18.84 -5.77
C HIS H 115 35.21 18.69 -4.82
N THR H 116 36.39 18.40 -5.36
CA THR H 116 37.52 17.94 -4.56
C THR H 116 38.15 19.03 -3.70
N LEU H 117 37.81 20.29 -3.91
CA LEU H 117 38.50 21.34 -3.15
C LEU H 117 37.85 21.57 -1.78
N SER H 118 36.52 21.53 -1.71
CA SER H 118 35.83 21.75 -0.46
C SER H 118 35.19 20.49 0.10
N GLY H 119 35.33 19.35 -0.57
CA GLY H 119 34.78 18.11 -0.08
C GLY H 119 33.29 17.94 -0.28
N GLN H 120 32.64 18.89 -0.95
CA GLN H 120 31.20 18.80 -1.17
C GLN H 120 30.93 17.92 -2.38
N HIS H 121 29.94 17.04 -2.25
CA HIS H 121 29.60 16.08 -3.28
C HIS H 121 28.11 16.03 -3.50
N SER H 122 27.70 15.62 -4.69
CA SER H 122 26.30 15.46 -5.01
C SER H 122 25.76 14.16 -4.45
N LEU H 123 24.44 14.06 -4.37
CA LEU H 123 23.81 12.82 -3.95
C LEU H 123 24.03 11.75 -5.01
N PRO H 124 24.48 10.55 -4.63
CA PRO H 124 24.78 9.51 -5.63
C PRO H 124 23.50 8.99 -6.28
N ARG H 125 23.38 9.21 -7.58
CA ARG H 125 22.27 8.64 -8.35
C ARG H 125 22.55 7.17 -8.61
N CYS H 126 21.72 6.56 -9.46
CA CYS H 126 21.83 5.14 -9.77
C CYS H 126 22.35 4.98 -11.20
N TRP H 127 23.40 4.16 -11.36
CA TRP H 127 23.95 3.91 -12.69
C TRP H 127 23.05 2.92 -13.43
N LEU H 128 22.31 3.41 -14.41
CA LEU H 128 21.33 2.60 -15.10
C LEU H 128 22.01 1.49 -15.90
N ILE H 129 21.30 0.38 -16.07
CA ILE H 129 21.80 -0.81 -16.75
C ILE H 129 20.84 -1.19 -17.87
N LYS H 130 21.32 -2.06 -18.76
CA LYS H 130 20.50 -2.52 -19.88
C LYS H 130 21.17 -3.74 -20.49
N ASN H 131 20.37 -4.77 -20.77
CA ASN H 131 20.83 -5.98 -21.44
C ASN H 131 22.03 -6.61 -20.72
N ASN H 132 21.93 -6.68 -19.40
CA ASN H 132 22.97 -7.25 -18.55
C ASN H 132 24.31 -6.55 -18.76
N SER H 133 24.27 -5.23 -18.94
CA SER H 133 25.48 -4.43 -19.10
C SER H 133 25.22 -3.03 -18.57
N TYR H 134 26.29 -2.35 -18.21
CA TYR H 134 26.18 -0.99 -17.72
C TYR H 134 26.10 0.00 -18.89
N LEU H 135 25.76 1.24 -18.56
CA LEU H 135 25.68 2.31 -19.54
C LEU H 135 26.97 3.11 -19.52
N ASN H 136 27.58 3.30 -20.69
CA ASN H 136 28.84 4.01 -20.81
C ASN H 136 28.60 5.49 -21.07
N ILE H 137 29.70 6.22 -21.29
CA ILE H 137 29.63 7.67 -21.35
C ILE H 137 28.92 8.16 -22.61
N SER H 138 28.82 7.31 -23.63
CA SER H 138 28.22 7.75 -24.90
C SER H 138 26.74 8.07 -24.72
N ASP H 139 26.01 7.24 -23.97
CA ASP H 139 24.59 7.41 -23.76
C ASP H 139 24.27 8.05 -22.41
N PHE H 140 25.27 8.62 -21.74
CA PHE H 140 25.10 9.11 -20.38
C PHE H 140 25.74 10.47 -20.13
N ARG H 141 26.37 11.09 -21.13
CA ARG H 141 27.14 12.30 -20.87
C ARG H 141 26.25 13.49 -20.57
N ASN H 142 24.98 13.44 -20.95
CA ASN H 142 24.10 14.59 -20.80
C ASN H 142 23.71 14.83 -19.35
N ASP H 143 24.03 13.91 -18.45
CA ASP H 143 23.57 14.01 -17.06
C ASP H 143 24.60 14.66 -16.14
N TRP H 144 25.84 14.14 -16.13
CA TRP H 144 26.81 14.61 -15.14
C TRP H 144 27.23 16.05 -15.36
N ILE H 145 27.12 16.58 -16.58
CA ILE H 145 27.48 17.98 -16.80
C ILE H 145 26.53 18.90 -16.04
N LEU H 146 25.22 18.68 -16.22
CA LEU H 146 24.26 19.49 -15.47
C LEU H 146 24.30 19.15 -13.99
N GLU H 147 24.66 17.91 -13.64
CA GLU H 147 24.80 17.57 -12.23
C GLU H 147 25.91 18.39 -11.58
N SER H 148 27.05 18.52 -12.24
CA SER H 148 28.14 19.32 -11.71
C SER H 148 27.79 20.80 -11.67
N ASP H 149 27.12 21.30 -12.71
CA ASP H 149 26.70 22.70 -12.70
C ASP H 149 25.76 22.98 -11.53
N PHE H 150 24.80 22.09 -11.31
CA PHE H 150 23.88 22.25 -10.18
C PHE H 150 24.61 22.11 -8.86
N LEU H 151 25.64 21.26 -8.79
CA LEU H 151 26.43 21.14 -7.57
C LEU H 151 27.12 22.46 -7.23
N ILE H 152 27.73 23.09 -8.23
CA ILE H 152 28.40 24.37 -8.01
C ILE H 152 27.39 25.43 -7.58
N SER H 153 26.25 25.48 -8.28
CA SER H 153 25.22 26.45 -7.94
C SER H 153 24.70 26.24 -6.52
N GLU H 154 24.46 24.99 -6.14
CA GLU H 154 23.97 24.69 -4.80
C GLU H 154 25.00 25.05 -3.74
N MET H 155 26.28 24.78 -4.02
CA MET H 155 27.32 25.15 -3.07
C MET H 155 27.38 26.66 -2.85
N LEU H 156 27.32 27.42 -3.96
CA LEU H 156 27.33 28.88 -3.82
C LEU H 156 26.10 29.38 -3.08
N SER H 157 24.92 28.82 -3.39
CA SER H 157 23.70 29.25 -2.72
C SER H 157 23.76 28.94 -1.23
N LYS H 158 24.26 27.75 -0.87
CA LYS H 158 24.35 27.39 0.53
C LYS H 158 25.33 28.29 1.28
N GLU H 159 26.49 28.57 0.67
CA GLU H 159 27.45 29.46 1.31
C GLU H 159 26.88 30.85 1.50
N TYR H 160 26.09 31.32 0.53
CA TYR H 160 25.45 32.63 0.69
C TYR H 160 24.42 32.58 1.81
N SER H 161 23.56 31.56 1.80
CA SER H 161 22.49 31.47 2.78
C SER H 161 23.02 31.30 4.19
N ASP H 162 24.22 30.75 4.34
CA ASP H 162 24.81 30.60 5.68
C ASP H 162 24.97 31.95 6.36
N ARG H 163 25.54 32.93 5.65
CA ARG H 163 25.64 34.28 6.19
C ARG H 163 24.29 34.98 6.13
N GLN H 164 23.45 34.61 5.15
CA GLN H 164 22.16 35.27 4.96
C GLN H 164 21.26 35.07 6.18
N GLY H 165 21.24 33.87 6.73
CA GLY H 165 20.36 33.53 7.82
C GLY H 165 20.92 33.83 9.19
N LYS H 166 21.84 34.80 9.28
CA LYS H 166 22.43 35.16 10.57
C LYS H 166 22.58 36.67 10.75
N THR H 167 22.11 37.47 9.79
CA THR H 167 22.15 38.92 9.89
C THR H 167 20.78 39.50 9.63
N PRO H 168 20.42 40.60 10.29
CA PRO H 168 19.08 41.16 10.12
C PRO H 168 18.95 42.08 8.91
N LEU H 169 17.80 42.04 8.24
CA LEU H 169 17.57 42.90 7.10
C LEU H 169 17.51 44.37 7.50
N THR H 170 16.99 44.64 8.70
CA THR H 170 16.89 46.01 9.17
C THR H 170 18.26 46.64 9.32
N LEU H 171 19.24 45.86 9.78
CA LEU H 171 20.60 46.39 9.95
C LEU H 171 21.20 46.82 8.61
N VAL H 172 21.09 45.97 7.59
CA VAL H 172 21.67 46.30 6.30
C VAL H 172 20.91 47.45 5.65
N ASP H 173 19.59 47.49 5.84
CA ASP H 173 18.82 48.63 5.33
C ASP H 173 19.26 49.93 5.99
N ILE H 174 19.48 49.90 7.31
CA ILE H 174 19.97 51.08 8.02
C ILE H 174 21.33 51.49 7.48
N CYS H 175 22.22 50.52 7.27
CA CYS H 175 23.55 50.82 6.74
C CYS H 175 23.45 51.47 5.35
N PHE H 176 22.58 50.94 4.49
CA PHE H 176 22.43 51.48 3.15
C PHE H 176 21.92 52.91 3.18
N TRP H 177 20.88 53.17 4.00
CA TRP H 177 20.34 54.52 4.06
C TRP H 177 21.35 55.49 4.69
N SER H 178 22.08 55.03 5.70
CA SER H 178 23.12 55.87 6.29
C SER H 178 24.20 56.19 5.27
N THR H 179 24.58 55.22 4.44
CA THR H 179 25.59 55.45 3.42
C THR H 179 25.10 56.45 2.38
N VAL H 180 23.85 56.34 1.95
CA VAL H 180 23.36 57.27 0.93
C VAL H 180 23.26 58.69 1.51
N PHE H 181 22.84 58.81 2.78
CA PHE H 181 22.83 60.13 3.40
C PHE H 181 24.25 60.68 3.56
N PHE H 182 25.20 59.81 3.91
CA PHE H 182 26.60 60.21 4.02
C PHE H 182 27.11 60.76 2.70
N THR H 183 26.83 60.07 1.60
CA THR H 183 27.26 60.55 0.28
C THR H 183 26.59 61.87 -0.06
N ALA H 184 25.29 61.99 0.21
CA ALA H 184 24.59 63.24 -0.11
C ALA H 184 25.17 64.41 0.66
N SER H 185 25.43 64.22 1.95
CA SER H 185 25.98 65.31 2.76
C SER H 185 27.42 65.62 2.36
N LEU H 186 28.18 64.59 1.99
CA LEU H 186 29.53 64.84 1.49
C LEU H 186 29.51 65.72 0.26
N PHE H 187 28.61 65.42 -0.68
CA PHE H 187 28.48 66.26 -1.86
C PHE H 187 28.05 67.67 -1.47
N LEU H 188 27.13 67.78 -0.51
CA LEU H 188 26.65 69.10 -0.08
C LEU H 188 27.80 69.94 0.47
N HIS H 189 28.70 69.31 1.23
CA HIS H 189 29.91 70.01 1.64
C HIS H 189 30.76 70.38 0.44
N LEU H 190 30.88 69.46 -0.52
CA LEU H 190 31.84 69.61 -1.60
C LEU H 190 31.49 70.78 -2.51
N VAL H 191 30.24 70.83 -2.98
CA VAL H 191 29.87 71.86 -3.95
C VAL H 191 29.94 73.24 -3.30
N GLY H 192 29.57 73.33 -2.03
CA GLY H 192 29.59 74.61 -1.33
C GLY H 192 28.32 75.41 -1.57
N ILE H 193 27.78 76.00 -0.50
CA ILE H 193 26.54 76.77 -0.57
C ILE H 193 26.84 78.16 -0.04
N PRO H 194 26.51 79.23 -0.78
CA PRO H 194 26.87 80.58 -0.33
C PRO H 194 26.22 80.94 0.99
N THR H 195 26.98 81.66 1.82
CA THR H 195 26.53 81.97 3.17
C THR H 195 25.83 83.33 3.26
N HIS H 196 26.53 84.40 2.89
CA HIS H 196 26.01 85.75 3.08
C HIS H 196 26.35 86.60 1.86
N ARG H 197 25.74 87.78 1.80
CA ARG H 197 25.81 88.65 0.63
C ARG H 197 26.89 89.70 0.81
N HIS H 198 27.77 89.82 -0.18
CA HIS H 198 28.75 90.89 -0.26
C HIS H 198 28.28 91.92 -1.28
N ILE H 199 28.57 93.19 -1.00
CA ILE H 199 28.24 94.25 -1.96
C ILE H 199 29.15 94.11 -3.17
N ARG H 200 28.55 94.18 -4.36
CA ARG H 200 29.32 94.09 -5.59
C ARG H 200 30.34 95.22 -5.66
N GLY H 201 31.61 94.85 -5.77
CA GLY H 201 32.70 95.82 -5.78
C GLY H 201 33.20 96.26 -4.42
N GLU H 202 32.69 95.66 -3.34
CA GLU H 202 33.12 96.03 -2.00
C GLU H 202 33.58 94.82 -1.20
N ALA H 203 33.86 95.01 0.09
CA ALA H 203 34.36 93.94 0.94
C ALA H 203 33.19 93.31 1.71
N CYS H 204 33.53 92.43 2.65
CA CYS H 204 32.51 91.74 3.43
C CYS H 204 31.92 92.67 4.48
N PRO H 205 30.60 92.83 4.53
CA PRO H 205 29.99 93.75 5.52
C PRO H 205 29.94 93.19 6.93
N LEU H 206 30.25 91.90 7.13
CA LEU H 206 30.13 91.31 8.45
C LEU H 206 31.09 91.99 9.44
N PRO H 207 30.69 92.15 10.70
CA PRO H 207 29.42 91.72 11.31
C PRO H 207 28.26 92.68 11.05
N HIS H 208 28.54 93.95 10.78
CA HIS H 208 27.50 94.93 10.51
C HIS H 208 26.99 94.73 9.07
N ARG H 209 26.18 93.69 8.91
CA ARG H 209 25.78 93.21 7.61
C ARG H 209 24.49 93.87 7.14
N LEU H 210 24.40 94.07 5.82
CA LEU H 210 23.25 94.71 5.20
C LEU H 210 22.01 93.84 5.28
N ASN H 211 20.86 94.50 5.31
CA ASN H 211 19.56 93.86 5.48
C ASN H 211 18.95 93.54 4.11
N SER H 212 17.66 93.17 4.11
CA SER H 212 17.01 92.72 2.88
C SER H 212 17.03 93.80 1.80
N LEU H 213 16.74 95.05 2.15
CA LEU H 213 16.72 96.13 1.17
C LEU H 213 18.07 96.82 1.02
N GLY H 214 19.16 96.17 1.42
CA GLY H 214 20.49 96.73 1.22
C GLY H 214 20.80 97.90 2.12
N GLY H 215 20.75 97.68 3.43
CA GLY H 215 21.05 98.73 4.38
C GLY H 215 21.03 98.18 5.79
N CYS H 216 21.07 99.10 6.75
CA CYS H 216 21.04 98.77 8.16
C CYS H 216 20.02 99.63 8.88
N ARG H 217 19.40 99.06 9.92
CA ARG H 217 18.44 99.81 10.71
C ARG H 217 19.11 100.80 11.66
N CYS H 218 20.41 100.63 11.92
CA CYS H 218 21.13 101.54 12.80
C CYS H 218 21.64 102.78 12.08
N GLY H 219 21.55 102.82 10.74
CA GLY H 219 21.94 103.99 9.98
C GLY H 219 23.39 104.02 9.52
N LYS H 220 24.22 103.08 9.96
CA LYS H 220 25.61 103.08 9.53
C LYS H 220 25.73 102.76 8.04
N TYR H 221 24.97 101.78 7.56
CA TYR H 221 24.98 101.42 6.16
C TYR H 221 23.75 101.98 5.48
N PRO H 222 23.88 102.91 4.53
CA PRO H 222 22.70 103.50 3.91
C PRO H 222 21.86 102.46 3.17
N ASN H 223 20.54 102.66 3.20
CA ASN H 223 19.60 101.78 2.53
C ASN H 223 19.46 102.24 1.08
N LEU H 224 20.48 101.93 0.27
CA LEU H 224 20.55 102.34 -1.12
C LEU H 224 20.13 101.25 -2.09
N LYS H 225 19.68 100.09 -1.59
CA LYS H 225 19.35 98.94 -2.44
C LYS H 225 20.52 98.58 -3.34
N LYS H 226 21.71 98.55 -2.75
CA LYS H 226 22.92 98.23 -3.50
C LYS H 226 22.91 96.75 -3.89
N PRO H 227 23.44 96.41 -5.07
CA PRO H 227 23.42 95.01 -5.50
C PRO H 227 24.30 94.14 -4.63
N THR H 228 23.87 92.89 -4.44
CA THR H 228 24.56 91.95 -3.57
C THR H 228 24.79 90.63 -4.30
N VAL H 229 25.88 89.95 -3.92
CA VAL H 229 26.23 88.64 -4.45
C VAL H 229 26.44 87.68 -3.30
N TRP H 230 25.83 86.50 -3.37
CA TRP H 230 25.91 85.53 -2.29
C TRP H 230 27.20 84.73 -2.40
N ARG H 231 28.01 84.73 -1.33
CA ARG H 231 29.26 84.00 -1.27
C ARG H 231 29.34 83.25 0.06
N ARG H 232 30.37 82.41 0.15
CA ARG H 232 30.64 81.61 1.36
C ARG H 232 31.63 82.33 2.28
N GLY H 233 32.78 82.72 1.75
CA GLY H 233 33.82 83.33 2.55
C GLY H 233 33.59 84.81 2.78
N HIS H 234 34.59 85.44 3.37
CA HIS H 234 34.55 86.87 3.63
C HIS H 234 35.37 87.63 2.60
N GLN I 1 -2.34 -51.36 -11.53
CA GLN I 1 -1.54 -52.47 -12.03
C GLN I 1 -1.44 -52.43 -13.55
N ILE I 2 -0.51 -51.63 -14.06
CA ILE I 2 -0.33 -51.49 -15.50
C ILE I 2 0.27 -52.77 -16.06
N VAL I 3 -0.32 -53.27 -17.14
CA VAL I 3 0.21 -54.41 -17.86
C VAL I 3 0.71 -53.94 -19.22
N LEU I 4 1.72 -54.62 -19.74
CA LEU I 4 2.35 -54.26 -20.99
C LEU I 4 2.27 -55.44 -21.96
N THR I 5 1.85 -55.17 -23.19
CA THR I 5 1.78 -56.17 -24.25
C THR I 5 2.76 -55.79 -25.34
N GLN I 6 3.65 -56.71 -25.68
CA GLN I 6 4.65 -56.49 -26.71
C GLN I 6 4.25 -57.16 -28.01
N SER I 7 4.73 -56.61 -29.12
CA SER I 7 4.37 -57.14 -30.42
C SER I 7 5.47 -56.88 -31.44
N PRO I 8 5.87 -57.90 -32.22
CA PRO I 8 5.49 -59.31 -32.09
C PRO I 8 6.51 -60.09 -31.27
N ALA I 9 6.21 -61.33 -30.89
CA ALA I 9 7.10 -62.07 -30.01
C ALA I 9 8.36 -62.51 -30.74
N ILE I 10 8.25 -62.87 -32.02
CA ILE I 10 9.35 -63.48 -32.77
C ILE I 10 9.64 -62.60 -33.97
N MET I 11 10.92 -62.28 -34.18
CA MET I 11 11.38 -61.56 -35.36
C MET I 11 12.46 -62.36 -36.08
N SER I 12 12.49 -62.20 -37.41
CA SER I 12 13.57 -62.75 -38.23
C SER I 12 13.76 -61.79 -39.40
N ALA I 13 14.69 -60.86 -39.25
CA ALA I 13 14.91 -59.82 -40.24
C ALA I 13 15.98 -60.25 -41.23
N SER I 14 16.44 -59.30 -42.07
CA SER I 14 17.43 -59.51 -43.10
C SER I 14 18.72 -58.75 -42.76
N PRO I 15 19.88 -59.22 -43.24
CA PRO I 15 21.15 -58.66 -42.78
C PRO I 15 21.33 -57.21 -43.21
N GLY I 16 20.62 -56.34 -42.50
CA GLY I 16 20.53 -54.93 -42.83
C GLY I 16 19.13 -54.59 -43.30
N GLU I 17 18.32 -54.07 -42.38
CA GLU I 17 16.95 -53.68 -42.67
C GLU I 17 16.48 -52.77 -41.55
N LYS I 18 15.26 -52.26 -41.71
CA LYS I 18 14.61 -51.40 -40.72
C LYS I 18 13.48 -52.18 -40.05
N VAL I 19 13.53 -52.24 -38.73
CA VAL I 19 12.56 -53.04 -37.97
C VAL I 19 11.95 -52.18 -36.87
N THR I 20 10.72 -52.51 -36.51
CA THR I 20 9.95 -51.77 -35.51
C THR I 20 9.37 -52.74 -34.48
N ILE I 21 9.31 -52.27 -33.24
CA ILE I 21 8.85 -53.06 -32.09
C ILE I 21 7.74 -52.26 -31.43
N THR I 22 6.55 -52.86 -31.30
CA THR I 22 5.40 -52.17 -30.71
C THR I 22 5.23 -52.60 -29.27
N CYS I 23 4.93 -51.64 -28.39
CA CYS I 23 4.77 -51.91 -26.97
C CYS I 23 3.56 -51.11 -26.49
N SER I 24 2.46 -51.79 -26.23
CA SER I 24 1.22 -51.16 -25.80
C SER I 24 1.03 -51.37 -24.30
N ALA I 25 0.33 -50.44 -23.67
CA ALA I 25 0.07 -50.51 -22.24
C ALA I 25 -1.41 -50.76 -22.00
N SER I 26 -1.74 -51.01 -20.73
CA SER I 26 -3.15 -51.15 -20.35
C SER I 26 -3.80 -49.78 -20.17
N SER I 27 -3.12 -48.89 -19.46
CA SER I 27 -3.55 -47.51 -19.28
C SER I 27 -2.48 -46.58 -19.84
N ILE I 28 -2.66 -45.28 -19.62
CA ILE I 28 -1.73 -44.28 -20.15
C ILE I 28 -0.44 -44.30 -19.35
N VAL I 29 0.69 -44.23 -20.05
CA VAL I 29 2.01 -44.19 -19.43
C VAL I 29 2.78 -43.02 -20.04
N SER I 30 3.50 -42.28 -19.19
CA SER I 30 4.17 -41.07 -19.67
C SER I 30 5.51 -41.40 -20.33
N TYR I 31 6.34 -42.23 -19.68
CA TYR I 31 7.66 -42.54 -20.19
C TYR I 31 7.93 -44.03 -20.04
N MET I 32 8.81 -44.55 -20.90
CA MET I 32 9.05 -45.97 -21.04
C MET I 32 10.52 -46.22 -21.37
N HIS I 33 11.06 -47.32 -20.84
CA HIS I 33 12.46 -47.67 -21.03
C HIS I 33 12.57 -49.01 -21.74
N TRP I 34 13.68 -49.19 -22.46
CA TRP I 34 13.96 -50.40 -23.22
C TRP I 34 15.28 -51.00 -22.76
N PHE I 35 15.26 -52.29 -22.44
CA PHE I 35 16.44 -53.03 -22.03
C PHE I 35 16.74 -54.14 -23.04
N GLN I 36 18.01 -54.46 -23.19
CA GLN I 36 18.46 -55.48 -24.12
C GLN I 36 19.17 -56.60 -23.36
N GLN I 37 19.02 -57.82 -23.87
CA GLN I 37 19.61 -58.99 -23.23
C GLN I 37 20.05 -59.98 -24.30
N LYS I 38 21.23 -60.57 -24.09
CA LYS I 38 21.82 -61.64 -24.87
C LYS I 38 21.67 -62.96 -24.13
N PRO I 39 21.54 -64.08 -24.86
CA PRO I 39 21.37 -65.37 -24.18
C PRO I 39 22.54 -65.68 -23.25
N GLY I 40 22.21 -66.18 -22.07
CA GLY I 40 23.21 -66.52 -21.09
C GLY I 40 23.92 -65.35 -20.46
N THR I 41 23.26 -64.18 -20.40
CA THR I 41 23.87 -62.99 -19.81
C THR I 41 22.79 -62.26 -18.99
N SER I 42 23.10 -61.02 -18.62
CA SER I 42 22.22 -60.18 -17.83
C SER I 42 21.81 -58.95 -18.63
N PRO I 43 20.58 -58.45 -18.42
CA PRO I 43 20.10 -57.32 -19.21
C PRO I 43 20.96 -56.08 -19.03
N LYS I 44 21.07 -55.30 -20.10
CA LYS I 44 21.79 -54.03 -20.09
C LYS I 44 20.86 -52.92 -20.58
N LEU I 45 20.93 -51.77 -19.91
CA LEU I 45 20.10 -50.63 -20.28
C LEU I 45 20.42 -50.15 -21.69
N TRP I 46 19.40 -49.93 -22.49
CA TRP I 46 19.64 -49.48 -23.85
C TRP I 46 18.95 -48.16 -24.20
N ILE I 47 17.70 -47.96 -23.80
CA ILE I 47 16.99 -46.72 -24.11
C ILE I 47 16.27 -46.24 -22.86
N TYR I 48 16.40 -44.96 -22.54
CA TYR I 48 15.68 -44.35 -21.45
C TYR I 48 15.02 -43.06 -21.93
N GLY I 49 13.83 -42.78 -21.40
CA GLY I 49 13.09 -41.60 -21.78
C GLY I 49 12.38 -41.70 -23.12
N THR I 50 12.31 -42.90 -23.72
CA THR I 50 11.66 -43.14 -25.00
C THR I 50 12.35 -42.37 -26.12
N SER I 51 13.35 -41.56 -25.79
CA SER I 51 14.06 -40.80 -26.80
C SER I 51 15.56 -40.65 -26.54
N ASN I 52 16.08 -41.24 -25.47
CA ASN I 52 17.48 -41.06 -25.10
C ASN I 52 18.22 -42.37 -25.32
N LEU I 53 19.26 -42.32 -26.15
CA LEU I 53 20.07 -43.49 -26.42
C LEU I 53 20.99 -43.77 -25.25
N ALA I 54 21.40 -45.03 -25.13
CA ALA I 54 22.27 -45.43 -24.04
C ALA I 54 23.73 -45.11 -24.37
N SER I 55 24.56 -45.10 -23.33
CA SER I 55 25.98 -44.81 -23.49
C SER I 55 26.63 -45.98 -24.22
N GLY I 56 26.81 -45.84 -25.52
CA GLY I 56 27.47 -46.85 -26.32
C GLY I 56 26.58 -47.63 -27.28
N VAL I 57 25.45 -47.09 -27.71
CA VAL I 57 24.60 -47.72 -28.72
C VAL I 57 24.89 -47.08 -30.07
N PRO I 58 25.05 -47.84 -31.14
CA PRO I 58 25.29 -47.24 -32.46
C PRO I 58 24.13 -46.35 -32.89
N ALA I 59 24.46 -45.32 -33.66
CA ALA I 59 23.48 -44.30 -34.05
C ALA I 59 22.56 -44.82 -35.16
N ARG I 60 21.92 -45.95 -34.85
CA ARG I 60 20.88 -46.51 -35.69
C ARG I 60 19.65 -46.91 -34.90
N PHE I 61 19.69 -46.81 -33.56
CA PHE I 61 18.57 -47.13 -32.70
C PHE I 61 17.80 -45.87 -32.36
N SER I 62 16.49 -45.99 -32.22
CA SER I 62 15.65 -44.86 -31.85
C SER I 62 14.38 -45.35 -31.18
N GLY I 63 13.72 -44.43 -30.49
CA GLY I 63 12.47 -44.75 -29.83
C GLY I 63 11.49 -43.61 -29.95
N SER I 64 10.22 -43.93 -29.78
CA SER I 64 9.15 -42.94 -29.82
C SER I 64 7.98 -43.46 -29.01
N GLY I 65 7.06 -42.57 -28.69
CA GLY I 65 5.90 -42.98 -27.93
C GLY I 65 4.81 -41.92 -27.90
N SER I 66 3.62 -42.36 -27.53
CA SER I 66 2.47 -41.46 -27.41
C SER I 66 1.43 -42.14 -26.55
N GLY I 67 1.07 -41.51 -25.44
CA GLY I 67 -0.01 -42.05 -24.63
C GLY I 67 0.22 -43.46 -24.18
N THR I 68 -0.48 -44.40 -24.82
CA THR I 68 -0.44 -45.81 -24.44
C THR I 68 0.47 -46.63 -25.35
N SER I 69 0.76 -46.17 -26.56
CA SER I 69 1.51 -46.96 -27.54
C SER I 69 2.90 -46.38 -27.73
N TYR I 70 3.92 -47.24 -27.65
CA TYR I 70 5.31 -46.85 -27.81
C TYR I 70 5.98 -47.76 -28.82
N SER I 71 7.05 -47.28 -29.43
CA SER I 71 7.70 -48.01 -30.51
C SER I 71 9.21 -47.86 -30.42
N LEU I 72 9.90 -48.94 -30.79
CA LEU I 72 11.35 -48.95 -30.94
C LEU I 72 11.69 -49.20 -32.40
N THR I 73 12.75 -48.55 -32.89
CA THR I 73 13.06 -48.57 -34.31
C THR I 73 14.55 -48.78 -34.54
N ILE I 74 14.88 -49.70 -35.44
CA ILE I 74 16.25 -49.91 -35.91
C ILE I 74 16.28 -49.59 -37.41
N SER I 75 17.19 -48.71 -37.81
CA SER I 75 17.24 -48.27 -39.20
C SER I 75 17.92 -49.29 -40.10
N ARG I 76 19.18 -49.61 -39.82
CA ARG I 76 19.95 -50.58 -40.60
C ARG I 76 20.64 -51.53 -39.62
N MET I 77 20.10 -52.73 -39.47
CA MET I 77 20.59 -53.66 -38.46
C MET I 77 21.58 -54.65 -39.07
N GLU I 78 22.50 -55.12 -38.24
CA GLU I 78 23.48 -56.14 -38.61
C GLU I 78 23.28 -57.38 -37.75
N ALA I 79 24.19 -58.35 -37.90
CA ALA I 79 24.06 -59.62 -37.19
C ALA I 79 24.10 -59.42 -35.69
N GLU I 80 24.92 -58.47 -35.21
CA GLU I 80 25.00 -58.20 -33.78
C GLU I 80 23.63 -57.88 -33.21
N ASP I 81 22.74 -57.31 -34.03
CA ASP I 81 21.36 -57.07 -33.63
C ASP I 81 20.57 -58.38 -33.77
N ALA I 82 20.72 -59.24 -32.76
CA ALA I 82 19.88 -60.43 -32.64
C ALA I 82 19.85 -60.80 -31.15
N ALA I 83 18.76 -60.44 -30.48
CA ALA I 83 18.74 -60.52 -29.02
C ALA I 83 17.30 -60.36 -28.54
N THR I 84 17.12 -60.21 -27.22
CA THR I 84 15.82 -60.06 -26.61
C THR I 84 15.69 -58.66 -26.03
N TYR I 85 14.50 -58.08 -26.17
CA TYR I 85 14.23 -56.73 -25.71
C TYR I 85 13.07 -56.74 -24.72
N TYR I 86 13.15 -55.86 -23.73
CA TYR I 86 12.18 -55.77 -22.64
C TYR I 86 11.71 -54.33 -22.49
N CYS I 87 10.39 -54.13 -22.46
CA CYS I 87 9.80 -52.87 -22.06
C CYS I 87 9.85 -52.74 -20.55
N GLN I 88 9.85 -51.49 -20.08
CA GLN I 88 9.75 -51.23 -18.65
C GLN I 88 9.05 -49.90 -18.42
N GLN I 89 8.11 -49.87 -17.48
CA GLN I 89 7.46 -48.65 -17.05
C GLN I 89 7.52 -48.57 -15.53
N ARG I 90 7.71 -47.35 -15.01
CA ARG I 90 7.84 -47.11 -13.58
C ARG I 90 6.97 -45.95 -13.15
N ASN I 91 5.72 -45.94 -13.62
CA ASN I 91 4.81 -44.86 -13.27
C ASN I 91 3.96 -45.19 -12.05
N SER I 92 3.41 -46.40 -11.99
CA SER I 92 2.63 -46.85 -10.84
C SER I 92 3.23 -48.13 -10.29
N TYR I 93 3.55 -48.12 -9.01
CA TYR I 93 4.15 -49.28 -8.38
C TYR I 93 3.16 -50.43 -8.34
N PRO I 94 3.62 -51.68 -8.53
CA PRO I 94 5.00 -52.08 -8.77
C PRO I 94 5.43 -51.78 -10.21
N PRO I 95 6.69 -51.44 -10.43
CA PRO I 95 7.19 -51.29 -11.80
C PRO I 95 7.04 -52.59 -12.55
N THR I 96 6.63 -52.50 -13.82
CA THR I 96 6.29 -53.68 -14.59
C THR I 96 7.08 -53.71 -15.87
N PHE I 97 7.47 -54.92 -16.28
CA PHE I 97 8.22 -55.15 -17.50
C PHE I 97 7.27 -55.66 -18.59
N GLY I 98 7.81 -55.81 -19.79
CA GLY I 98 7.07 -56.42 -20.86
C GLY I 98 7.20 -57.93 -20.84
N GLY I 99 6.53 -58.57 -21.80
CA GLY I 99 6.66 -60.00 -21.95
C GLY I 99 7.91 -60.47 -22.65
N GLY I 100 8.70 -59.53 -23.17
CA GLY I 100 9.94 -59.89 -23.83
C GLY I 100 9.74 -60.21 -25.30
N THR I 101 10.61 -59.69 -26.16
CA THR I 101 10.54 -59.95 -27.58
C THR I 101 11.89 -60.46 -28.06
N LYS I 102 11.88 -61.57 -28.79
CA LYS I 102 13.09 -62.16 -29.34
C LYS I 102 13.21 -61.80 -30.82
N LEU I 103 14.37 -61.31 -31.22
CA LEU I 103 14.60 -60.92 -32.62
C LEU I 103 15.84 -61.65 -33.12
N GLU I 104 15.70 -62.34 -34.25
CA GLU I 104 16.75 -63.15 -34.84
C GLU I 104 16.95 -62.75 -36.29
N ILE I 105 18.13 -63.04 -36.80
CA ILE I 105 18.53 -62.70 -38.16
C ILE I 105 18.40 -63.93 -39.05
N LYS I 106 17.70 -63.80 -40.16
CA LYS I 106 17.58 -64.89 -41.13
C LYS I 106 18.87 -65.02 -41.93
N VAL J 1 33.03 -50.43 -12.02
CA VAL J 1 32.07 -50.93 -11.03
C VAL J 1 31.81 -52.41 -11.28
N ALA J 2 31.85 -53.20 -10.21
CA ALA J 2 31.63 -54.63 -10.32
C ALA J 2 30.72 -55.10 -9.19
N LEU J 3 30.01 -56.19 -9.45
CA LEU J 3 29.08 -56.77 -8.48
C LEU J 3 29.16 -58.28 -8.55
N VAL J 4 29.17 -58.92 -7.38
CA VAL J 4 29.24 -60.37 -7.27
C VAL J 4 28.09 -60.83 -6.40
N GLU J 5 27.66 -62.08 -6.59
CA GLU J 5 26.54 -62.65 -5.84
C GLU J 5 26.92 -64.00 -5.27
N SER J 6 26.29 -64.34 -4.13
CA SER J 6 26.54 -65.60 -3.47
C SER J 6 25.35 -65.96 -2.60
N GLY J 7 25.28 -67.25 -2.23
CA GLY J 7 24.23 -67.76 -1.39
C GLY J 7 23.16 -68.55 -2.10
N GLY J 8 23.19 -68.63 -3.43
CA GLY J 8 22.18 -69.35 -4.16
C GLY J 8 22.37 -70.86 -4.10
N GLY J 9 21.41 -71.57 -4.66
CA GLY J 9 21.44 -73.02 -4.67
C GLY J 9 20.04 -73.59 -4.55
N LEU J 10 19.98 -74.84 -4.11
CA LEU J 10 18.74 -75.60 -4.01
C LEU J 10 18.33 -75.70 -2.55
N VAL J 11 17.05 -75.47 -2.26
CA VAL J 11 16.53 -75.48 -0.90
C VAL J 11 15.13 -76.08 -0.89
N GLN J 12 14.80 -76.72 0.23
CA GLN J 12 13.51 -77.38 0.38
C GLN J 12 12.36 -76.38 0.40
N PRO J 13 11.16 -76.81 -0.03
CA PRO J 13 10.03 -75.86 -0.16
C PRO J 13 9.46 -75.43 1.18
N GLY J 14 10.05 -74.41 1.78
CA GLY J 14 9.60 -73.95 3.08
C GLY J 14 10.74 -73.44 3.96
N GLY J 15 11.97 -73.46 3.43
CA GLY J 15 13.11 -72.97 4.16
C GLY J 15 13.21 -71.45 4.14
N SER J 16 14.40 -70.97 4.47
CA SER J 16 14.72 -69.54 4.43
C SER J 16 16.10 -69.35 3.82
N LEU J 17 16.29 -68.22 3.15
CA LEU J 17 17.51 -67.95 2.42
C LEU J 17 18.03 -66.56 2.76
N LYS J 18 19.36 -66.42 2.64
CA LYS J 18 20.04 -65.13 2.76
C LYS J 18 21.00 -65.00 1.59
N LEU J 19 20.68 -64.13 0.64
CA LEU J 19 21.47 -63.91 -0.55
C LEU J 19 22.34 -62.68 -0.37
N SER J 20 23.60 -62.78 -0.77
CA SER J 20 24.56 -61.70 -0.60
C SER J 20 24.99 -61.17 -1.96
N CYS J 21 24.99 -59.84 -2.10
CA CYS J 21 25.52 -59.18 -3.28
C CYS J 21 26.57 -58.17 -2.84
N ALA J 22 29.43 -55.31 -3.73
CA ALA J 22 29.67 -54.26 -4.71
C ALA J 22 31.07 -53.69 -4.56
N SER J 23 31.61 -53.21 -5.68
CA SER J 23 32.93 -52.60 -5.67
C SER J 23 33.02 -51.60 -6.82
N GLY J 24 34.02 -50.73 -6.74
CA GLY J 24 34.21 -49.69 -7.72
C GLY J 24 33.57 -48.36 -7.35
N ALA J 25 32.24 -48.31 -7.35
CA ALA J 25 31.54 -47.07 -7.06
C ALA J 25 31.26 -46.93 -5.57
N SER J 26 31.29 -45.68 -5.10
CA SER J 26 31.08 -45.42 -3.67
C SER J 26 29.74 -45.95 -3.20
N PHE J 27 28.76 -46.07 -4.10
CA PHE J 27 27.54 -46.84 -3.86
C PHE J 27 26.72 -46.28 -2.70
N SER J 28 27.31 -45.37 -1.93
CA SER J 28 26.59 -44.66 -0.91
C SER J 28 25.78 -43.52 -1.50
N ASN J 29 25.97 -43.28 -2.80
CA ASN J 29 25.18 -42.30 -3.53
C ASN J 29 24.34 -42.96 -4.62
N ALA J 30 23.93 -44.21 -4.41
CA ALA J 30 23.10 -44.91 -5.39
C ALA J 30 22.06 -45.76 -4.67
N GLY J 31 20.90 -45.92 -5.29
CA GLY J 31 19.82 -46.75 -4.74
C GLY J 31 19.71 -48.01 -5.57
N MET J 32 19.47 -49.15 -4.93
CA MET J 32 19.65 -50.39 -5.66
C MET J 32 18.39 -51.23 -5.59
N SER J 33 18.41 -52.37 -6.29
CA SER J 33 17.22 -53.20 -6.41
C SER J 33 17.63 -54.64 -6.71
N TRP J 34 16.66 -55.54 -6.53
CA TRP J 34 16.80 -56.95 -6.82
C TRP J 34 15.60 -57.39 -7.65
N VAL J 35 15.87 -58.13 -8.72
CA VAL J 35 14.85 -58.55 -9.67
C VAL J 35 14.95 -60.05 -9.93
N ARG J 36 13.82 -60.62 -10.34
CA ARG J 36 13.68 -62.05 -10.58
C ARG J 36 13.42 -62.32 -12.06
N GLN J 37 14.02 -63.40 -12.56
CA GLN J 37 13.78 -63.88 -13.92
C GLN J 37 13.45 -65.36 -13.86
N THR J 38 12.20 -65.71 -14.15
CA THR J 38 11.73 -67.08 -14.03
C THR J 38 12.28 -67.94 -15.18
N PRO J 39 12.28 -69.26 -15.02
CA PRO J 39 12.81 -70.13 -16.08
C PRO J 39 12.23 -69.85 -17.45
N ASP J 40 10.94 -69.54 -17.53
CA ASP J 40 10.45 -68.82 -18.69
C ASP J 40 10.89 -67.36 -18.59
N ARG J 41 11.22 -66.78 -19.73
CA ARG J 41 11.82 -65.45 -19.72
C ARG J 41 10.78 -64.40 -19.35
N ARG J 42 10.69 -64.11 -18.05
CA ARG J 42 9.79 -63.08 -17.53
C ARG J 42 10.47 -62.39 -16.36
N LEU J 43 10.38 -61.07 -16.32
CA LEU J 43 11.05 -60.27 -15.32
C LEU J 43 10.06 -59.68 -14.33
N GLU J 44 10.51 -59.48 -13.10
CA GLU J 44 9.69 -58.87 -12.07
C GLU J 44 10.59 -58.31 -10.98
N LEU J 45 10.30 -57.09 -10.54
CA LEU J 45 11.06 -56.46 -9.47
C LEU J 45 10.55 -56.95 -8.12
N VAL J 46 11.47 -57.40 -7.26
CA VAL J 46 11.10 -57.95 -5.96
C VAL J 46 11.60 -57.10 -4.80
N ALA J 47 12.78 -56.48 -4.92
CA ALA J 47 13.30 -55.67 -3.84
C ALA J 47 13.78 -54.33 -4.37
N ALA J 48 13.54 -53.27 -3.60
CA ALA J 48 14.01 -51.93 -3.94
C ALA J 48 14.44 -51.22 -2.67
N ILE J 49 15.71 -50.82 -2.61
CA ILE J 49 16.28 -50.21 -1.41
C ILE J 49 16.78 -48.82 -1.76
N ASN J 50 16.38 -47.84 -0.95
CA ASN J 50 16.77 -46.46 -1.15
C ASN J 50 18.21 -46.21 -0.71
N ARG J 51 18.84 -45.22 -1.36
CA ARG J 51 20.20 -44.80 -1.04
C ARG J 51 20.47 -44.84 0.46
N ASP J 52 19.61 -44.18 1.24
CA ASP J 52 19.56 -44.41 2.68
C ASP J 52 18.64 -45.58 2.95
N GLY J 53 19.08 -46.49 3.81
CA GLY J 53 18.29 -47.66 4.13
C GLY J 53 17.03 -47.39 4.93
N ASP J 54 16.64 -46.11 5.03
CA ASP J 54 15.43 -45.77 5.78
C ASP J 54 14.17 -46.22 5.06
N ILE J 55 14.16 -46.18 3.73
CA ILE J 55 12.99 -46.54 2.93
C ILE J 55 13.32 -47.81 2.16
N THR J 56 12.47 -48.83 2.33
CA THR J 56 12.63 -50.11 1.66
C THR J 56 11.26 -50.59 1.22
N TYR J 57 11.18 -51.10 -0.02
CA TYR J 57 9.89 -51.49 -0.58
C TYR J 57 10.00 -52.84 -1.28
N HIS J 58 8.94 -53.63 -1.15
CA HIS J 58 8.76 -54.88 -1.88
C HIS J 58 7.30 -54.97 -2.34
N PRO J 59 7.05 -55.62 -3.47
CA PRO J 59 5.68 -55.75 -3.97
C PRO J 59 4.91 -56.85 -3.23
N ASP J 60 3.65 -57.02 -3.65
CA ASP J 60 2.73 -57.93 -2.97
C ASP J 60 3.24 -59.37 -3.03
N SER J 61 3.78 -59.78 -4.18
CA SER J 61 4.19 -61.17 -4.36
C SER J 61 5.28 -61.59 -3.38
N VAL J 62 5.97 -60.64 -2.76
CA VAL J 62 6.99 -60.94 -1.77
C VAL J 62 6.74 -60.24 -0.44
N LYS J 63 5.64 -59.52 -0.30
CA LYS J 63 5.35 -58.79 0.92
C LYS J 63 5.25 -59.75 2.10
N GLY J 64 5.93 -59.41 3.19
CA GLY J 64 5.92 -60.22 4.38
C GLY J 64 6.86 -61.42 4.36
N ARG J 65 7.59 -61.63 3.27
CA ARG J 65 8.53 -62.75 3.19
C ARG J 65 9.92 -62.36 2.70
N PHE J 66 10.07 -61.23 2.02
CA PHE J 66 11.35 -60.80 1.45
C PHE J 66 11.75 -59.48 2.10
N THR J 67 12.97 -59.41 2.62
CA THR J 67 13.52 -58.19 3.17
C THR J 67 14.93 -58.01 2.65
N ILE J 68 15.34 -56.75 2.47
CA ILE J 68 16.66 -56.44 1.93
C ILE J 68 17.30 -55.36 2.81
N SER J 69 18.55 -55.58 3.20
CA SER J 69 19.28 -54.63 4.02
C SER J 69 20.71 -54.53 3.53
N ARG J 70 21.22 -53.30 3.43
CA ARG J 70 22.54 -53.06 2.88
C ARG J 70 23.51 -52.67 3.97
N ASP J 71 24.68 -53.33 3.98
CA ASP J 71 25.79 -52.95 4.85
C ASP J 71 26.68 -51.99 4.07
N ASN J 72 26.51 -50.70 4.33
CA ASN J 72 27.29 -49.68 3.64
C ASN J 72 28.78 -49.82 3.94
N ALA J 73 29.11 -50.15 5.19
CA ALA J 73 30.51 -50.30 5.58
C ALA J 73 31.22 -51.35 4.73
N LYS J 74 30.52 -52.44 4.42
CA LYS J 74 31.06 -53.48 3.56
C LYS J 74 30.65 -53.33 2.10
N ASN J 75 29.82 -52.32 1.79
CA ASN J 75 29.30 -52.12 0.44
C ASN J 75 28.61 -53.38 -0.08
N THR J 76 27.82 -54.01 0.79
CA THR J 76 27.18 -55.28 0.46
C THR J 76 25.68 -55.18 0.72
N LEU J 77 24.95 -56.18 0.22
CA LEU J 77 23.52 -56.30 0.49
C LEU J 77 23.19 -57.73 0.87
N TYR J 78 22.42 -57.88 1.94
CA TYR J 78 21.89 -59.17 2.37
C TYR J 78 20.38 -59.13 2.21
N LEU J 79 19.84 -60.08 1.45
CA LEU J 79 18.41 -60.22 1.27
C LEU J 79 17.98 -61.51 1.96
N GLN J 80 17.15 -61.37 3.00
CA GLN J 80 16.64 -62.49 3.77
C GLN J 80 15.19 -62.73 3.39
N MET J 81 14.89 -63.96 3.00
CA MET J 81 13.56 -64.28 2.49
C MET J 81 13.18 -65.69 2.95
N SER J 82 12.03 -65.79 3.61
CA SER J 82 11.59 -67.03 4.22
C SER J 82 10.42 -67.63 3.46
N SER J 83 9.99 -68.80 3.90
CA SER J 83 8.85 -69.52 3.32
C SER J 83 9.07 -69.78 1.83
N LEU J 84 10.07 -70.61 1.54
CA LEU J 84 10.39 -70.95 0.16
C LEU J 84 9.21 -71.64 -0.51
N LYS J 85 8.94 -71.23 -1.75
CA LYS J 85 7.90 -71.84 -2.57
C LYS J 85 8.48 -72.19 -3.93
N SER J 86 7.84 -73.17 -4.60
CA SER J 86 8.34 -73.63 -5.88
C SER J 86 8.35 -72.51 -6.91
N GLU J 87 7.30 -71.68 -6.93
CA GLU J 87 7.25 -70.57 -7.88
C GLU J 87 8.41 -69.60 -7.69
N ASP J 88 9.03 -69.58 -6.52
CA ASP J 88 10.19 -68.73 -6.29
C ASP J 88 11.49 -69.46 -6.61
N THR J 89 11.54 -70.08 -7.79
CA THR J 89 12.77 -70.69 -8.32
C THR J 89 13.10 -69.98 -9.62
N ALA J 90 14.21 -69.25 -9.62
CA ALA J 90 14.51 -68.34 -10.72
C ALA J 90 15.92 -67.81 -10.57
N MET J 91 16.29 -66.91 -11.49
CA MET J 91 17.55 -66.17 -11.38
C MET J 91 17.29 -64.84 -10.69
N TYR J 92 18.22 -64.44 -9.83
CA TYR J 92 18.10 -63.21 -9.06
C TYR J 92 19.25 -62.28 -9.44
N TYR J 93 18.91 -61.03 -9.78
CA TYR J 93 19.89 -60.02 -10.14
C TYR J 93 19.86 -58.89 -9.12
N CYS J 94 21.04 -58.44 -8.70
CA CYS J 94 21.19 -57.22 -7.93
C CYS J 94 21.71 -56.13 -8.86
N ALA J 95 20.98 -55.01 -8.92
CA ALA J 95 21.24 -53.97 -9.90
C ALA J 95 21.30 -52.61 -9.24
N ARG J 96 22.24 -51.79 -9.69
CA ARG J 96 22.32 -50.41 -9.24
C ARG J 96 21.15 -49.60 -9.79
N GLU J 97 21.03 -48.36 -9.33
CA GLU J 97 19.91 -47.51 -9.71
C GLU J 97 20.30 -46.07 -9.45
N ASP J 98 20.29 -45.26 -10.51
CA ASP J 98 20.78 -43.89 -10.47
C ASP J 98 19.99 -43.05 -11.47
N TYR J 99 20.20 -41.73 -11.40
CA TYR J 99 19.49 -40.77 -12.24
C TYR J 99 20.24 -40.60 -13.56
N TYR J 100 19.60 -41.02 -14.65
CA TYR J 100 20.13 -40.76 -16.00
C TYR J 100 19.14 -39.84 -16.71
N GLY J 101 19.48 -38.57 -16.78
CA GLY J 101 18.55 -37.57 -17.24
C GLY J 101 18.00 -36.78 -16.06
N LEU J 102 17.81 -35.48 -16.25
CA LEU J 102 17.50 -34.61 -15.13
C LEU J 102 16.35 -35.14 -14.26
N TYR J 103 15.52 -36.04 -14.78
CA TYR J 103 14.38 -36.52 -14.01
C TYR J 103 14.18 -38.03 -14.04
N PHE J 104 14.99 -38.77 -14.78
CA PHE J 104 14.78 -40.20 -14.95
C PHE J 104 15.62 -40.98 -13.95
N TYR J 105 14.97 -41.88 -13.21
CA TYR J 105 15.61 -42.71 -12.19
C TYR J 105 15.47 -44.16 -12.64
N VAL J 106 16.52 -44.68 -13.27
CA VAL J 106 16.45 -45.99 -13.92
C VAL J 106 17.56 -46.88 -13.39
N MET J 107 17.35 -48.19 -13.56
CA MET J 107 18.32 -49.18 -13.11
C MET J 107 19.59 -49.11 -13.95
N ASP J 108 20.71 -49.40 -13.30
CA ASP J 108 22.00 -49.43 -13.97
C ASP J 108 22.79 -50.65 -13.50
N TYR J 109 23.58 -51.20 -14.40
CA TYR J 109 24.53 -52.27 -14.10
C TYR J 109 23.86 -53.42 -13.36
N TRP J 110 23.00 -54.12 -14.10
CA TRP J 110 22.47 -55.38 -13.60
C TRP J 110 23.60 -56.38 -13.41
N GLY J 111 23.63 -57.04 -12.26
CA GLY J 111 24.71 -57.93 -11.92
C GLY J 111 24.61 -59.26 -12.64
N GLN J 112 25.58 -60.13 -12.35
CA GLN J 112 25.60 -61.45 -12.98
C GLN J 112 24.42 -62.30 -12.54
N GLY J 113 24.03 -62.21 -11.27
CA GLY J 113 22.90 -62.93 -10.77
C GLY J 113 23.24 -64.33 -10.28
N THR J 114 22.35 -64.88 -9.46
CA THR J 114 22.54 -66.21 -8.90
C THR J 114 21.24 -66.99 -9.01
N SER J 115 21.37 -68.32 -9.01
CA SER J 115 20.24 -69.22 -9.24
C SER J 115 19.69 -69.72 -7.92
N VAL J 116 18.36 -69.64 -7.75
CA VAL J 116 17.68 -70.17 -6.57
C VAL J 116 16.67 -71.20 -7.04
N THR J 117 16.71 -72.38 -6.43
CA THR J 117 15.87 -73.49 -6.83
C THR J 117 15.17 -74.09 -5.61
N VAL J 118 13.93 -74.51 -5.80
CA VAL J 118 13.13 -75.16 -4.77
C VAL J 118 12.79 -76.56 -5.26
N ALA J 119 13.25 -77.57 -4.52
CA ALA J 119 12.98 -78.95 -4.89
C ALA J 119 13.35 -79.84 -3.70
N GLY K 1 18.50 43.83 -21.35
CA GLY K 1 17.28 43.33 -21.95
C GLY K 1 16.10 43.34 -20.99
N GLN K 2 16.35 42.93 -19.75
CA GLN K 2 15.30 42.94 -18.74
C GLN K 2 14.88 44.34 -18.35
N PHE K 3 15.65 45.36 -18.76
CA PHE K 3 15.28 46.74 -18.49
C PHE K 3 13.98 47.10 -19.20
N ILE K 4 13.80 46.65 -20.43
CA ILE K 4 12.58 46.92 -21.17
C ILE K 4 11.38 46.26 -20.48
N SER K 5 11.55 45.01 -20.03
CA SER K 5 10.50 44.37 -19.27
C SER K 5 10.22 45.11 -17.97
N PHE K 6 11.25 45.72 -17.37
CA PHE K 6 11.03 46.54 -16.20
C PHE K 6 10.15 47.75 -16.52
N MET K 7 10.42 48.42 -17.64
CA MET K 7 9.56 49.53 -18.03
C MET K 7 8.13 49.05 -18.29
N GLN K 8 7.99 47.87 -18.89
CA GLN K 8 6.66 47.32 -19.12
C GLN K 8 5.93 47.05 -17.80
N GLU K 9 6.65 46.53 -16.81
CA GLU K 9 6.06 46.15 -15.53
C GLU K 9 6.07 47.27 -14.50
N ILE K 10 6.52 48.47 -14.86
CA ILE K 10 6.60 49.59 -13.91
C ILE K 10 5.30 49.80 -13.14
N PRO K 11 4.11 49.86 -13.76
CA PRO K 11 2.91 50.10 -12.96
C PRO K 11 2.35 48.83 -12.34
N THR K 12 3.24 47.97 -11.82
CA THR K 12 2.83 46.79 -11.07
C THR K 12 3.43 46.78 -9.67
N PHE K 13 4.74 47.02 -9.56
CA PHE K 13 5.41 47.13 -8.27
C PHE K 13 5.59 48.59 -7.84
N LEU K 14 5.05 49.54 -8.60
CA LEU K 14 5.17 50.95 -8.23
C LEU K 14 4.40 51.27 -6.96
N GLN K 15 3.52 50.37 -6.53
CA GLN K 15 2.74 50.56 -5.30
C GLN K 15 3.49 50.00 -4.09
N GLU K 16 4.69 50.53 -3.89
CA GLU K 16 5.53 50.17 -2.76
C GLU K 16 6.40 51.35 -2.39
N ALA K 17 6.38 51.74 -1.11
CA ALA K 17 7.11 52.92 -0.67
C ALA K 17 8.61 52.77 -0.91
N LEU K 18 9.14 51.58 -0.63
CA LEU K 18 10.56 51.34 -0.88
C LEU K 18 10.88 51.44 -2.36
N ASN K 19 9.98 51.01 -3.23
CA ASN K 19 10.22 51.07 -4.67
C ASN K 19 10.32 52.51 -5.15
N ILE K 20 9.37 53.37 -4.74
CA ILE K 20 9.43 54.76 -5.16
C ILE K 20 10.64 55.44 -4.55
N ALA K 21 10.98 55.10 -3.31
CA ALA K 21 12.17 55.68 -2.69
C ALA K 21 13.43 55.32 -3.47
N LEU K 22 13.55 54.05 -3.87
CA LEU K 22 14.72 53.61 -4.61
C LEU K 22 14.80 54.25 -5.99
N VAL K 23 13.65 54.34 -6.69
CA VAL K 23 13.69 54.95 -8.01
C VAL K 23 14.00 56.44 -7.91
N ALA K 24 13.47 57.10 -6.87
CA ALA K 24 13.76 58.53 -6.67
C ALA K 24 15.24 58.76 -6.37
N VAL K 25 15.83 57.93 -5.51
CA VAL K 25 17.23 58.12 -5.18
C VAL K 25 18.11 57.81 -6.40
N SER K 26 17.72 56.80 -7.19
CA SER K 26 18.48 56.51 -8.40
C SER K 26 18.43 57.68 -9.38
N LEU K 27 17.23 58.24 -9.59
CA LEU K 27 17.09 59.35 -10.53
C LEU K 27 17.86 60.57 -10.07
N ILE K 28 17.75 60.91 -8.77
CA ILE K 28 18.44 62.09 -8.27
C ILE K 28 19.95 61.88 -8.31
N ALA K 29 20.41 60.66 -8.03
CA ALA K 29 21.83 60.36 -8.13
C ALA K 29 22.32 60.53 -9.57
N ILE K 30 21.56 60.02 -10.54
CA ILE K 30 21.98 60.13 -11.94
C ILE K 30 22.05 61.60 -12.36
N ILE K 31 21.01 62.36 -12.04
CA ILE K 31 20.95 63.73 -12.52
C ILE K 31 22.02 64.58 -11.85
N LYS K 32 22.25 64.39 -10.55
CA LYS K 32 23.27 65.21 -9.91
C LYS K 32 24.67 64.73 -10.26
N GLY K 33 24.84 63.44 -10.61
CA GLY K 33 26.10 63.02 -11.17
C GLY K 33 26.39 63.72 -12.49
N VAL K 34 25.38 63.83 -13.35
CA VAL K 34 25.56 64.52 -14.63
C VAL K 34 25.91 65.98 -14.40
N VAL K 35 25.16 66.65 -13.52
CA VAL K 35 25.40 68.07 -13.28
C VAL K 35 26.75 68.30 -12.61
N ASN K 36 27.13 67.41 -11.71
CA ASN K 36 28.41 67.53 -11.02
C ASN K 36 29.56 67.32 -12.00
N LEU K 37 29.42 66.36 -12.91
CA LEU K 37 30.45 66.16 -13.94
C LEU K 37 30.54 67.36 -14.86
N TYR K 38 29.40 67.95 -15.21
CA TYR K 38 29.42 69.19 -15.98
C TYR K 38 30.10 70.32 -15.20
N LYS K 39 29.98 70.31 -13.88
CA LYS K 39 30.73 71.24 -13.04
C LYS K 39 32.22 70.89 -12.97
N SER K 40 32.59 69.64 -13.26
CA SER K 40 33.98 69.23 -13.18
C SER K 40 34.80 69.89 -14.27
N GLY K 41 34.46 69.63 -15.53
CA GLY K 41 35.10 70.34 -16.63
C GLY K 41 35.69 69.47 -17.73
N LEU K 42 35.35 68.18 -17.77
CA LEU K 42 35.85 67.32 -18.84
C LEU K 42 35.39 67.83 -20.19
N PHE K 43 34.10 68.16 -20.31
CA PHE K 43 33.60 68.77 -21.53
C PHE K 43 34.13 70.18 -21.70
N GLN K 44 34.48 70.84 -20.59
CA GLN K 44 35.18 72.12 -20.69
C GLN K 44 36.54 71.93 -21.35
N PHE K 45 37.26 70.86 -21.01
CA PHE K 45 38.50 70.57 -21.72
C PHE K 45 38.24 70.18 -23.17
N PHE K 46 37.10 69.52 -23.43
CA PHE K 46 36.73 69.21 -24.81
C PHE K 46 36.62 70.49 -25.64
N VAL K 47 35.85 71.46 -25.14
CA VAL K 47 35.71 72.71 -25.87
C VAL K 47 37.02 73.50 -25.87
N PHE K 48 37.86 73.31 -24.85
CA PHE K 48 39.17 73.94 -24.82
C PHE K 48 40.06 73.44 -25.97
N LEU K 49 40.15 72.11 -26.11
CA LEU K 49 40.97 71.55 -27.17
C LEU K 49 40.35 71.80 -28.55
N ALA K 50 39.02 71.91 -28.61
CA ALA K 50 38.37 72.29 -29.86
C ALA K 50 38.73 73.71 -30.25
N LEU K 51 38.73 74.63 -29.28
CA LEU K 51 39.05 76.03 -29.52
C LEU K 51 40.55 76.28 -29.64
N ALA K 52 41.38 75.32 -29.25
CA ALA K 52 42.82 75.49 -29.24
C ALA K 52 43.38 75.83 -30.62
N GLY K 53 43.98 77.01 -30.75
CA GLY K 53 44.66 77.41 -31.96
C GLY K 53 43.78 78.08 -33.00
N ARG K 54 42.56 77.58 -33.20
CA ARG K 54 41.71 78.10 -34.27
C ARG K 54 41.33 79.56 -34.02
N SER K 55 41.02 79.91 -32.77
CA SER K 55 40.59 81.25 -32.42
C SER K 55 41.45 81.81 -31.30
N CYS K 56 41.81 83.08 -31.42
CA CYS K 56 42.57 83.74 -30.36
C CYS K 56 41.74 83.84 -29.08
N THR K 57 40.47 84.19 -29.19
CA THR K 57 39.60 84.33 -28.03
C THR K 57 38.90 83.01 -27.73
N ALA L 1 7.65 23.01 30.49
CA ALA L 1 7.66 24.32 29.88
C ALA L 1 8.57 25.28 30.66
N PHE L 2 9.67 25.70 30.03
CA PHE L 2 10.60 26.59 30.70
C PHE L 2 11.37 27.38 29.65
N LYS L 3 12.02 28.45 30.11
CA LYS L 3 12.78 29.31 29.21
C LYS L 3 14.04 28.60 28.73
N ILE L 4 14.26 28.59 27.43
CA ILE L 4 15.44 27.99 26.81
C ILE L 4 16.06 29.02 25.88
N GLY L 5 17.36 29.24 26.02
CA GLY L 5 18.04 30.26 25.25
C GLY L 5 17.95 31.60 25.94
N LEU L 6 17.48 32.61 25.21
CA LEU L 6 17.35 33.95 25.77
C LEU L 6 15.98 34.58 25.56
N HIS L 7 15.28 34.27 24.46
CA HIS L 7 13.89 34.70 24.27
C HIS L 7 12.92 33.57 23.99
N THR L 8 13.39 32.33 23.85
CA THR L 8 12.56 31.22 23.44
C THR L 8 12.12 30.40 24.64
N GLU L 9 10.99 29.71 24.49
CA GLU L 9 10.44 28.88 25.54
C GLU L 9 10.16 27.48 24.99
N PHE L 10 10.20 26.50 25.88
CA PHE L 10 9.93 25.11 25.54
C PHE L 10 8.66 24.69 26.26
N GLN L 11 7.62 24.34 25.49
CA GLN L 11 6.35 23.92 26.04
C GLN L 11 5.74 22.86 25.13
N THR L 12 4.83 22.07 25.69
CA THR L 12 4.30 20.90 25.03
C THR L 12 2.78 20.97 24.96
N VAL L 13 2.22 20.21 24.01
CA VAL L 13 0.78 20.11 23.81
C VAL L 13 0.40 18.64 23.80
N SER L 14 -0.66 18.30 24.53
CA SER L 14 -1.16 16.94 24.63
C SER L 14 -2.58 16.87 24.08
N PHE L 15 -2.85 15.86 23.26
CA PHE L 15 -4.15 15.72 22.61
C PHE L 15 -5.09 14.88 23.48
N SER L 16 -6.37 15.28 23.49
CA SER L 16 -7.38 14.52 24.23
C SER L 16 -7.69 13.21 23.52
N MET L 17 -8.27 12.28 24.26
CA MET L 17 -8.60 10.97 23.72
C MET L 17 -10.08 10.64 23.83
N VAL L 18 -10.71 10.97 24.97
CA VAL L 18 -12.11 10.60 25.17
C VAL L 18 -13.01 11.33 24.17
N GLY L 19 -12.67 12.58 23.85
CA GLY L 19 -13.48 13.33 22.89
C GLY L 19 -13.44 12.73 21.51
N LEU L 20 -12.24 12.34 21.06
CA LEU L 20 -12.09 11.76 19.73
C LEU L 20 -12.87 10.45 19.62
N PHE L 21 -12.79 9.60 20.64
CA PHE L 21 -13.49 8.34 20.60
C PHE L 21 -15.01 8.52 20.69
N SER L 22 -15.47 9.37 21.60
CA SER L 22 -16.91 9.58 21.75
C SER L 22 -17.49 10.42 20.61
N ASN L 23 -16.63 10.99 19.77
CA ASN L 23 -17.07 11.91 18.73
C ASN L 23 -17.06 11.31 17.35
N ASN L 24 -16.54 10.10 17.18
CA ASN L 24 -16.50 9.47 15.87
C ASN L 24 -17.93 9.15 15.40
N PRO L 25 -18.22 9.31 14.11
CA PRO L 25 -19.58 9.00 13.63
C PRO L 25 -20.02 7.56 13.88
N HIS L 26 -19.09 6.61 13.85
CA HIS L 26 -19.39 5.21 14.08
C HIS L 26 -18.91 4.79 15.47
N ASP L 27 -19.10 3.51 15.77
CA ASP L 27 -18.62 2.92 17.01
C ASP L 27 -17.36 2.12 16.71
N LEU L 28 -16.27 2.45 17.40
CA LEU L 28 -14.99 1.81 17.08
C LEU L 28 -14.69 0.70 18.07
N PRO L 29 -14.17 -0.44 17.61
CA PRO L 29 -13.72 -1.46 18.55
C PRO L 29 -12.38 -1.06 19.15
N LEU L 30 -12.30 -1.09 20.47
CA LEU L 30 -11.12 -0.64 21.20
C LEU L 30 -10.50 -1.78 21.99
N LEU L 31 -9.18 -1.87 21.93
CA LEU L 31 -8.42 -2.86 22.65
C LEU L 31 -7.71 -2.23 23.82
N CYS L 32 -7.52 -3.01 24.89
CA CYS L 32 -6.95 -2.50 26.12
C CYS L 32 -6.20 -3.61 26.83
N THR L 33 -5.29 -3.21 27.71
CA THR L 33 -4.56 -4.14 28.55
C THR L 33 -4.50 -3.56 29.95
N LEU L 34 -5.08 -4.26 30.92
CA LEU L 34 -5.10 -3.76 32.29
C LEU L 34 -4.28 -4.66 33.20
N ASN L 35 -3.75 -4.01 34.25
CA ASN L 35 -2.68 -4.53 35.11
C ASN L 35 -1.53 -4.93 34.18
N LYS L 36 -0.97 -6.13 34.29
CA LYS L 36 0.04 -6.61 33.37
C LYS L 36 -0.38 -7.88 32.67
N SER L 37 -1.61 -8.32 32.86
CA SER L 37 -2.03 -9.60 32.29
C SER L 37 -3.33 -9.53 31.51
N HIS L 38 -4.30 -8.73 31.94
CA HIS L 38 -5.67 -8.93 31.49
C HIS L 38 -5.88 -8.21 30.16
N LEU L 39 -6.13 -8.95 29.08
CA LEU L 39 -6.36 -8.29 27.80
C LEU L 39 -7.85 -8.14 27.58
N TYR L 40 -8.24 -7.06 26.92
CA TYR L 40 -9.65 -6.76 26.73
C TYR L 40 -9.88 -6.25 25.32
N ILE L 41 -10.99 -6.67 24.71
CA ILE L 41 -11.40 -6.15 23.40
C ILE L 41 -12.89 -5.83 23.50
N LYS L 42 -13.25 -4.59 23.17
CA LYS L 42 -14.64 -4.15 23.23
C LYS L 42 -15.10 -3.74 21.84
N GLY L 43 -16.10 -4.45 21.31
CA GLY L 43 -16.71 -4.12 20.05
C GLY L 43 -17.94 -3.24 20.22
N GLY L 44 -18.99 -3.63 19.51
CA GLY L 44 -20.26 -2.91 19.64
C GLY L 44 -20.88 -3.09 21.01
N ASN L 45 -21.20 -4.33 21.38
CA ASN L 45 -21.78 -4.64 22.69
C ASN L 45 -21.20 -5.94 23.25
N ALA L 46 -19.94 -6.22 22.97
CA ALA L 46 -19.36 -7.53 23.30
C ALA L 46 -18.17 -6.85 23.98
N SER L 47 -17.89 -7.22 25.24
CA SER L 47 -16.81 -6.62 26.02
C SER L 47 -16.20 -7.98 26.38
N PHE L 48 -15.29 -8.43 25.51
CA PHE L 48 -14.62 -9.71 25.67
C PHE L 48 -13.33 -9.55 26.45
N LYS L 49 -13.03 -10.54 27.29
CA LYS L 49 -11.82 -10.58 28.09
C LYS L 49 -10.98 -11.80 27.68
N ILE L 50 -9.69 -11.57 27.53
CA ILE L 50 -8.75 -12.56 26.99
C ILE L 50 -7.65 -12.80 28.01
N SER L 51 -7.36 -14.09 28.25
CA SER L 51 -6.30 -14.52 29.15
C SER L 51 -5.56 -15.70 28.52
N PHE L 52 -4.35 -15.97 29.03
CA PHE L 52 -3.51 -17.03 28.51
C PHE L 52 -3.04 -17.91 29.66
N ASP L 53 -3.22 -19.22 29.54
CA ASP L 53 -2.67 -20.16 30.51
C ASP L 53 -2.79 -21.57 29.95
N ASP L 54 -2.12 -22.51 30.62
CA ASP L 54 -2.05 -23.90 30.18
C ASP L 54 -3.15 -24.76 30.80
N ILE L 55 -4.37 -24.22 30.81
CA ILE L 55 -5.54 -24.90 31.33
C ILE L 55 -6.45 -25.21 30.15
N ALA L 56 -6.72 -26.49 29.94
CA ALA L 56 -7.55 -26.96 28.84
C ALA L 56 -8.98 -27.15 29.34
N VAL L 57 -9.85 -26.20 29.01
CA VAL L 57 -11.26 -26.28 29.39
C VAL L 57 -12.13 -26.85 28.27
N LEU L 58 -11.60 -26.98 27.07
CA LEU L 58 -12.34 -27.48 25.92
C LEU L 58 -11.55 -28.61 25.27
N LEU L 59 -12.27 -29.57 24.68
CA LEU L 59 -11.65 -30.73 24.05
C LEU L 59 -12.27 -30.98 22.69
N PRO L 60 -11.48 -31.42 21.70
CA PRO L 60 -12.04 -31.64 20.36
C PRO L 60 -13.09 -32.73 20.30
N GLU L 61 -13.01 -33.73 21.18
CA GLU L 61 -13.92 -34.87 21.08
C GLU L 61 -15.36 -34.47 21.37
N TYR L 62 -15.58 -33.59 22.35
CA TYR L 62 -16.93 -33.19 22.77
C TYR L 62 -17.00 -31.66 22.76
N ASP L 63 -17.29 -31.11 21.60
CA ASP L 63 -17.37 -29.66 21.42
C ASP L 63 -17.89 -29.40 20.01
N VAL L 64 -17.90 -28.13 19.61
CA VAL L 64 -18.09 -27.77 18.21
C VAL L 64 -16.76 -27.25 17.69
N ILE L 65 -16.31 -27.81 16.58
CA ILE L 65 -15.02 -27.47 15.99
C ILE L 65 -15.33 -26.49 14.86
N ILE L 66 -15.36 -25.20 15.20
CA ILE L 66 -15.70 -24.17 14.23
C ILE L 66 -14.58 -24.06 13.22
N GLN L 67 -14.93 -24.22 11.93
CA GLN L 67 -14.06 -23.99 10.79
C GLN L 67 -14.51 -22.83 9.92
N HIS L 68 -15.80 -22.50 9.93
CA HIS L 68 -16.40 -21.49 9.08
C HIS L 68 -17.28 -20.58 9.92
N PRO L 69 -17.42 -19.31 9.54
CA PRO L 69 -18.32 -18.42 10.29
C PRO L 69 -19.77 -18.87 10.27
N ALA L 70 -20.16 -19.70 9.29
CA ALA L 70 -21.53 -20.20 9.26
C ALA L 70 -21.83 -21.05 10.49
N ASP L 71 -20.89 -21.89 10.90
CA ASP L 71 -21.08 -22.71 12.08
C ASP L 71 -21.08 -21.90 13.37
N MET L 72 -20.54 -20.68 13.33
CA MET L 72 -20.47 -19.86 14.53
C MET L 72 -21.86 -19.56 15.09
N SER L 73 -22.90 -19.65 14.25
CA SER L 73 -24.26 -19.44 14.71
C SER L 73 -24.70 -20.47 15.72
N TRP L 74 -23.98 -21.58 15.86
CA TRP L 74 -24.33 -22.65 16.79
C TRP L 74 -23.72 -22.45 18.17
N CYS L 75 -23.09 -21.31 18.43
CA CYS L 75 -22.39 -21.07 19.69
C CYS L 75 -23.10 -20.05 20.58
N SER L 76 -23.43 -18.88 20.06
CA SER L 76 -24.03 -17.82 20.84
C SER L 76 -25.39 -17.43 20.26
N LYS L 77 -26.24 -16.88 21.13
CA LYS L 77 -27.58 -16.47 20.74
C LYS L 77 -27.64 -15.03 20.23
N SER L 78 -26.61 -14.23 20.48
CA SER L 78 -26.58 -12.82 20.08
C SER L 78 -25.62 -12.64 18.92
N ASP L 79 -26.06 -11.91 17.90
CA ASP L 79 -25.25 -11.72 16.70
C ASP L 79 -24.01 -10.86 16.96
N ASP L 80 -24.05 -9.97 17.96
CA ASP L 80 -22.90 -9.12 18.21
C ASP L 80 -21.68 -9.92 18.66
N GLN L 81 -21.88 -10.94 19.50
CA GLN L 81 -20.78 -11.79 19.92
C GLN L 81 -20.18 -12.53 18.72
N ILE L 82 -21.04 -13.02 17.82
CA ILE L 82 -20.57 -13.70 16.63
C ILE L 82 -19.74 -12.76 15.76
N TRP L 83 -20.25 -11.55 15.56
CA TRP L 83 -19.53 -10.55 14.76
C TRP L 83 -18.17 -10.25 15.37
N LEU L 84 -18.13 -10.05 16.70
CA LEU L 84 -16.88 -9.70 17.35
C LEU L 84 -15.87 -10.83 17.24
N SER L 85 -16.30 -12.06 17.51
CA SER L 85 -15.37 -13.20 17.45
C SER L 85 -14.83 -13.38 16.03
N GLN L 86 -15.73 -13.37 15.04
CA GLN L 86 -15.32 -13.59 13.66
C GLN L 86 -14.34 -12.51 13.21
N TRP L 87 -14.65 -11.25 13.51
CA TRP L 87 -13.79 -10.18 13.02
C TRP L 87 -12.47 -10.09 13.79
N PHE L 88 -12.47 -10.46 15.07
CA PHE L 88 -11.20 -10.50 15.80
C PHE L 88 -10.28 -11.58 15.23
N MET L 89 -10.84 -12.77 14.97
CA MET L 89 -10.03 -13.83 14.36
C MET L 89 -9.58 -13.46 12.96
N ASN L 90 -10.41 -12.72 12.22
CA ASN L 90 -10.00 -12.25 10.90
C ASN L 90 -8.89 -11.21 11.00
N ALA L 91 -8.95 -10.34 12.00
CA ALA L 91 -7.95 -9.29 12.14
C ALA L 91 -6.60 -9.87 12.55
N VAL L 92 -6.59 -10.81 13.50
CA VAL L 92 -5.31 -11.42 13.88
C VAL L 92 -4.75 -12.26 12.75
N GLY L 93 -5.60 -12.71 11.83
CA GLY L 93 -5.22 -13.47 10.66
C GLY L 93 -5.48 -14.95 10.86
N HIS L 94 -6.65 -15.39 10.43
CA HIS L 94 -7.08 -16.78 10.58
C HIS L 94 -7.87 -17.24 9.36
N ASP L 95 -7.34 -16.99 8.16
CA ASP L 95 -8.04 -17.40 6.95
C ASP L 95 -8.56 -18.83 7.08
N TRP L 96 -9.89 -18.96 7.08
CA TRP L 96 -10.57 -20.09 7.69
C TRP L 96 -10.42 -21.40 6.92
N TYR L 97 -9.88 -21.36 5.71
CA TYR L 97 -9.83 -22.57 4.91
C TYR L 97 -8.48 -23.25 4.89
N LEU L 98 -7.40 -22.55 5.23
CA LEU L 98 -6.08 -23.19 5.43
C LEU L 98 -5.52 -22.73 6.78
N ASP L 99 -5.95 -23.43 7.84
CA ASP L 99 -5.52 -23.29 9.23
C ASP L 99 -6.28 -24.31 10.07
N PRO L 100 -5.75 -24.72 11.22
CA PRO L 100 -6.53 -25.56 12.12
C PRO L 100 -7.75 -24.82 12.63
N PRO L 101 -8.84 -25.53 12.89
CA PRO L 101 -10.07 -24.89 13.38
C PRO L 101 -9.92 -24.50 14.84
N PHE L 102 -10.97 -23.88 15.38
CA PHE L 102 -10.95 -23.53 16.80
C PHE L 102 -12.25 -23.98 17.46
N LEU L 103 -12.16 -24.26 18.75
CA LEU L 103 -13.22 -24.94 19.48
C LEU L 103 -14.13 -24.06 20.32
N CYS L 104 -15.43 -24.34 20.26
CA CYS L 104 -16.41 -23.66 21.07
C CYS L 104 -17.47 -24.62 21.61
N ARG L 105 -18.44 -24.07 22.34
CA ARG L 105 -19.48 -24.84 22.99
C ARG L 105 -20.79 -24.77 22.21
N ASN L 106 -21.58 -25.83 22.31
CA ASN L 106 -22.95 -25.79 21.81
C ASN L 106 -23.73 -24.76 22.63
N ARG L 107 -24.63 -24.04 21.96
CA ARG L 107 -25.34 -22.95 22.62
C ARG L 107 -26.33 -23.48 23.66
N THR L 108 -26.98 -24.61 23.39
CA THR L 108 -27.97 -25.14 24.32
C THR L 108 -27.36 -25.63 25.61
N LYS L 109 -26.03 -25.82 25.66
CA LYS L 109 -25.38 -26.21 26.89
C LYS L 109 -25.45 -25.09 27.92
N THR L 110 -25.62 -25.46 29.17
CA THR L 110 -25.82 -24.48 30.25
C THR L 110 -24.49 -24.16 30.94
N GLU L 111 -23.54 -23.65 30.15
CA GLU L 111 -22.24 -23.27 30.69
C GLU L 111 -21.73 -21.98 30.07
N GLY L 112 -22.64 -21.10 29.64
CA GLY L 112 -22.24 -19.80 29.13
C GLY L 112 -21.59 -19.87 27.76
N PHE L 113 -20.76 -18.87 27.48
CA PHE L 113 -20.09 -18.72 26.20
C PHE L 113 -18.59 -18.56 26.45
N ILE L 114 -17.78 -19.21 25.61
CA ILE L 114 -16.33 -19.14 25.73
C ILE L 114 -15.71 -19.69 24.46
N PHE L 115 -14.59 -19.11 24.01
CA PHE L 115 -13.86 -19.75 22.93
C PHE L 115 -12.38 -19.71 23.26
N GLN L 116 -11.66 -20.73 22.81
CA GLN L 116 -10.27 -20.95 23.19
C GLN L 116 -9.49 -21.45 21.99
N VAL L 117 -8.22 -21.06 21.92
CA VAL L 117 -7.31 -21.48 20.86
C VAL L 117 -5.99 -21.91 21.50
N ASN L 118 -5.46 -23.05 21.07
CA ASN L 118 -4.17 -23.52 21.57
C ASN L 118 -3.05 -22.98 20.70
N THR L 119 -2.03 -22.41 21.33
CA THR L 119 -0.89 -21.82 20.66
C THR L 119 0.41 -22.24 21.32
N SER L 120 0.46 -23.48 21.80
CA SER L 120 1.69 -23.98 22.41
C SER L 120 2.78 -24.10 21.36
N LYS L 121 3.99 -23.67 21.71
CA LYS L 121 5.12 -23.67 20.79
C LYS L 121 5.78 -25.04 20.78
N THR L 122 5.10 -25.99 20.15
CA THR L 122 5.58 -27.35 19.98
C THR L 122 5.68 -27.67 18.49
N GLY L 123 6.10 -28.89 18.18
CA GLY L 123 6.31 -29.34 16.82
C GLY L 123 5.17 -29.01 15.89
N ILE L 124 3.99 -29.58 16.15
CA ILE L 124 2.81 -29.22 15.39
C ILE L 124 2.27 -27.89 15.94
N ASN L 125 1.63 -27.11 15.06
CA ASN L 125 1.06 -25.80 15.38
C ASN L 125 2.14 -24.80 15.78
N GLU L 126 3.40 -25.08 15.42
CA GLU L 126 4.46 -24.10 15.65
C GLU L 126 4.27 -22.88 14.75
N ASN L 127 3.98 -23.11 13.47
CA ASN L 127 3.75 -22.00 12.54
C ASN L 127 2.54 -21.18 12.97
N TYR L 128 1.46 -21.85 13.37
CA TYR L 128 0.29 -21.14 13.87
C TYR L 128 0.62 -20.37 15.12
N ALA L 129 1.44 -20.95 16.01
CA ALA L 129 1.82 -20.25 17.23
C ALA L 129 2.60 -18.98 16.91
N LYS L 130 3.55 -19.05 15.97
CA LYS L 130 4.32 -17.87 15.61
C LYS L 130 3.45 -16.83 14.93
N LYS L 131 2.54 -17.26 14.05
CA LYS L 131 1.63 -16.32 13.41
C LYS L 131 0.75 -15.61 14.43
N PHE L 132 0.23 -16.35 15.40
CA PHE L 132 -0.58 -15.73 16.44
C PHE L 132 0.24 -14.80 17.32
N LYS L 133 1.51 -15.16 17.57
CA LYS L 133 2.37 -14.27 18.33
C LYS L 133 2.57 -12.95 17.60
N THR L 134 2.83 -13.02 16.29
CA THR L 134 2.99 -11.79 15.51
C THR L 134 1.71 -10.97 15.50
N GLY L 135 0.56 -11.64 15.35
CA GLY L 135 -0.70 -10.91 15.37
C GLY L 135 -0.97 -10.24 16.70
N MET L 136 -0.68 -10.94 17.80
CA MET L 136 -0.87 -10.37 19.12
C MET L 136 0.06 -9.19 19.33
N HIS L 137 1.31 -9.30 18.86
CA HIS L 137 2.25 -8.20 18.98
C HIS L 137 1.77 -6.99 18.20
N HIS L 138 1.22 -7.20 17.00
CA HIS L 138 0.75 -6.08 16.20
C HIS L 138 -0.52 -5.46 16.74
N LEU L 139 -1.38 -6.26 17.38
CA LEU L 139 -2.68 -5.79 17.85
C LEU L 139 -2.65 -5.31 19.30
N TYR L 140 -1.52 -5.42 19.99
CA TYR L 140 -1.39 -4.91 21.35
C TYR L 140 -0.01 -4.29 21.49
N ARG L 141 0.02 -3.05 22.01
CA ARG L 141 1.27 -2.29 22.01
C ARG L 141 2.34 -2.97 22.85
N GLU L 142 2.11 -3.09 24.15
CA GLU L 142 3.06 -3.75 25.05
C GLU L 142 2.48 -5.11 25.40
N TYR L 143 2.72 -6.07 24.52
CA TYR L 143 2.20 -7.42 24.73
C TYR L 143 2.98 -8.11 25.85
N PRO L 144 2.31 -8.55 26.92
CA PRO L 144 3.03 -9.30 27.96
C PRO L 144 3.66 -10.57 27.46
N ASP L 145 3.03 -11.23 26.49
CA ASP L 145 3.53 -12.47 25.90
C ASP L 145 3.74 -13.55 26.96
N SER L 146 2.62 -13.96 27.57
CA SER L 146 2.64 -15.04 28.54
C SER L 146 2.86 -16.36 27.81
N CYS L 147 2.82 -17.45 28.60
CA CYS L 147 2.99 -18.82 28.11
C CYS L 147 4.18 -18.95 27.17
N LEU L 148 5.36 -18.71 27.72
CA LEU L 148 6.61 -18.81 26.97
C LEU L 148 6.79 -20.24 26.46
N ASP L 149 7.76 -20.40 25.55
CA ASP L 149 8.01 -21.67 24.89
C ASP L 149 8.22 -22.79 25.90
N GLY L 150 7.29 -23.74 25.95
CA GLY L 150 7.35 -24.80 26.94
C GLY L 150 6.34 -25.91 26.68
N LYS L 151 5.67 -26.35 27.75
CA LYS L 151 4.77 -27.50 27.63
C LYS L 151 3.51 -27.14 26.86
N LEU L 152 2.72 -26.20 27.38
CA LEU L 152 1.44 -25.88 26.78
C LEU L 152 1.12 -24.41 26.98
N CYS L 153 0.23 -23.90 26.14
CA CYS L 153 -0.23 -22.51 26.22
C CYS L 153 -1.53 -22.41 25.45
N LEU L 154 -2.61 -22.06 26.15
CA LEU L 154 -3.92 -21.92 25.53
C LEU L 154 -4.50 -20.56 25.88
N MET L 155 -5.03 -19.86 24.88
CA MET L 155 -5.69 -18.59 25.11
C MET L 155 -7.19 -18.82 25.20
N LYS L 156 -7.83 -18.11 26.12
CA LYS L 156 -9.27 -18.20 26.33
C LYS L 156 -9.86 -16.81 26.28
N ALA L 157 -11.03 -16.70 25.64
CA ALA L 157 -11.80 -15.47 25.59
C ALA L 157 -13.20 -15.74 26.11
N GLN L 158 -13.61 -14.93 27.08
CA GLN L 158 -14.87 -15.07 27.79
C GLN L 158 -15.58 -13.72 27.89
N PRO L 159 -16.91 -13.72 28.03
CA PRO L 159 -17.61 -12.44 28.17
C PRO L 159 -17.67 -11.95 29.60
N THR L 160 -17.16 -10.75 29.85
CA THR L 160 -17.22 -10.11 31.16
C THR L 160 -17.67 -8.67 30.99
N SER L 161 -18.11 -8.07 32.10
CA SER L 161 -18.48 -6.67 32.10
C SER L 161 -17.28 -5.80 31.81
N TRP L 162 -17.50 -4.72 31.09
CA TRP L 162 -16.40 -3.84 30.69
C TRP L 162 -15.93 -3.00 31.86
N PRO L 163 -14.66 -3.08 32.26
CA PRO L 163 -14.20 -2.28 33.41
C PRO L 163 -14.08 -0.82 33.04
N LEU L 164 -14.46 0.05 33.98
CA LEU L 164 -14.43 1.49 33.76
C LEU L 164 -13.12 2.13 34.21
N GLN L 165 -11.99 1.58 33.76
CA GLN L 165 -10.69 2.19 34.01
C GLN L 165 -9.68 1.96 32.89
N CYS L 166 -10.06 1.30 31.80
CA CYS L 166 -9.10 1.01 30.74
C CYS L 166 -8.62 2.31 30.10
N PRO L 167 -7.32 2.48 29.90
CA PRO L 167 -6.84 3.64 29.14
C PRO L 167 -7.28 3.54 27.68
N LEU L 168 -8.18 4.43 27.27
CA LEU L 168 -8.75 4.34 25.93
C LEU L 168 -7.72 4.74 24.88
N ASP L 169 -6.74 3.88 24.65
CA ASP L 169 -5.73 4.17 23.64
C ASP L 169 -6.32 4.04 22.24
N HIS L 170 -5.60 4.62 21.27
CA HIS L 170 -6.07 4.63 19.89
C HIS L 170 -5.09 4.04 18.90
N VAL L 171 -3.83 3.83 19.29
CA VAL L 171 -2.89 3.16 18.39
C VAL L 171 -3.36 1.74 18.11
N ASN L 172 -3.83 1.05 19.14
CA ASN L 172 -4.28 -0.32 18.97
C ASN L 172 -5.52 -0.39 18.10
N THR L 173 -6.42 0.59 18.23
CA THR L 173 -7.59 0.65 17.36
C THR L 173 -7.18 0.84 15.91
N LEU L 174 -6.19 1.71 15.66
CA LEU L 174 -5.71 1.91 14.30
C LEU L 174 -5.13 0.62 13.74
N HIS L 175 -4.35 -0.11 14.54
CA HIS L 175 -3.79 -1.38 14.05
C HIS L 175 -4.87 -2.42 13.82
N PHE L 176 -5.91 -2.44 14.67
CA PHE L 176 -7.02 -3.36 14.45
C PHE L 176 -7.73 -3.06 13.14
N LEU L 177 -7.95 -1.78 12.86
CA LEU L 177 -8.59 -1.42 11.60
C LEU L 177 -7.69 -1.74 10.41
N THR L 178 -6.37 -1.53 10.54
CA THR L 178 -5.46 -1.79 9.43
C THR L 178 -5.37 -3.28 9.13
N ARG L 179 -5.15 -4.10 10.16
CA ARG L 179 -5.03 -5.54 9.94
C ARG L 179 -6.34 -6.14 9.46
N GLY L 180 -7.45 -5.76 10.09
CA GLY L 180 -8.74 -6.29 9.68
C GLY L 180 -9.13 -5.75 8.32
N LYS L 181 -9.48 -6.65 7.40
CA LYS L 181 -9.85 -6.28 6.05
C LYS L 181 -11.37 -6.36 5.89
N ASN L 182 -11.94 -5.33 5.26
CA ASN L 182 -13.38 -5.25 5.00
C ASN L 182 -14.19 -5.29 6.29
N ILE L 183 -13.63 -4.77 7.38
CA ILE L 183 -14.35 -4.69 8.65
C ILE L 183 -15.40 -3.59 8.55
N GLN L 184 -16.63 -3.91 8.91
CA GLN L 184 -17.74 -2.96 8.83
C GLN L 184 -18.12 -2.50 10.23
N LEU L 185 -17.88 -1.24 10.53
CA LEU L 185 -18.17 -0.68 11.85
C LEU L 185 -19.60 -0.16 11.86
N PRO L 186 -20.43 -0.58 12.81
CA PRO L 186 -21.84 -0.16 12.80
C PRO L 186 -22.06 1.23 13.37
N ARG L 187 -23.29 1.73 13.23
CA ARG L 187 -23.68 3.05 13.74
C ARG L 187 -22.81 4.17 13.17
N ALA M 1 -13.49 20.81 2.89
CA ALA M 1 -12.49 19.95 2.28
C ALA M 1 -11.68 19.22 3.35
N PHE M 2 -10.53 18.70 2.95
CA PHE M 2 -9.62 18.00 3.85
C PHE M 2 -8.33 18.80 4.00
N PHE M 3 -7.35 18.22 4.71
CA PHE M 3 -6.14 18.94 5.05
C PHE M 3 -5.22 19.01 3.83
N SER M 4 -5.52 19.96 2.95
CA SER M 4 -4.61 20.36 1.88
C SER M 4 -4.60 21.88 1.74
N TRP M 5 -4.59 22.60 2.86
CA TRP M 5 -4.75 24.04 2.87
C TRP M 5 -3.59 24.72 2.14
N SER M 6 -3.92 25.81 1.46
CA SER M 6 -2.95 26.63 0.74
C SER M 6 -2.83 28.01 1.39
N LEU M 7 -2.82 28.03 2.73
CA LEU M 7 -2.72 29.26 3.52
C LEU M 7 -3.87 30.22 3.21
N GLY M 18 -4.81 31.76 12.27
CA GLY M 18 -4.64 30.56 11.48
C GLY M 18 -5.50 29.41 11.97
N TYR M 19 -5.12 28.18 11.58
CA TYR M 19 -5.86 27.00 11.98
C TYR M 19 -5.69 26.76 13.47
N CYS M 20 -6.81 26.77 14.20
CA CYS M 20 -6.79 26.54 15.64
C CYS M 20 -7.37 25.18 16.00
N LEU M 21 -6.92 24.68 17.15
CA LEU M 21 -7.39 23.42 17.73
C LEU M 21 -8.44 23.76 18.78
N GLU M 22 -9.64 23.22 18.61
CA GLU M 22 -10.75 23.58 19.48
C GLU M 22 -10.52 23.04 20.89
N GLU M 23 -11.37 23.48 21.81
CA GLU M 23 -11.19 23.17 23.22
C GLU M 23 -11.33 21.67 23.49
N TRP M 24 -12.32 21.03 22.87
CA TRP M 24 -12.61 19.63 23.16
C TRP M 24 -11.52 18.71 22.62
N MET M 25 -10.67 19.22 21.74
CA MET M 25 -9.59 18.44 21.18
C MET M 25 -8.35 18.40 22.06
N LEU M 26 -8.17 19.37 22.95
CA LEU M 26 -6.98 19.48 23.76
C LEU M 26 -7.26 19.11 25.21
N VAL M 27 -6.26 18.54 25.87
CA VAL M 27 -6.43 18.11 27.25
C VAL M 27 -6.67 19.30 28.18
N ALA M 28 -6.03 20.43 27.90
CA ALA M 28 -6.23 21.63 28.70
C ALA M 28 -7.60 22.26 28.48
N ALA M 29 -8.33 21.83 27.45
CA ALA M 29 -9.68 22.31 27.16
C ALA M 29 -9.70 23.83 26.98
N LYS M 30 -8.84 24.32 26.09
CA LYS M 30 -8.78 25.74 25.80
C LYS M 30 -8.48 25.92 24.32
N MET M 31 -9.12 26.92 23.71
CA MET M 31 -8.93 27.21 22.30
C MET M 31 -7.51 27.71 22.04
N LYS M 32 -6.75 26.92 21.28
CA LYS M 32 -5.34 27.19 21.04
C LYS M 32 -5.11 27.33 19.54
N CYS M 33 -4.82 28.54 19.08
CA CYS M 33 -4.63 28.82 17.66
C CYS M 33 -3.16 28.50 17.43
N PHE M 34 -2.89 27.63 16.45
CA PHE M 34 -1.53 27.37 16.03
C PHE M 34 -1.26 28.33 14.88
N GLY M 35 0.02 28.61 14.67
CA GLY M 35 0.40 29.53 13.60
C GLY M 35 0.07 28.94 12.24
N ASN M 36 -0.36 29.81 11.32
CA ASN M 36 -0.72 29.38 9.98
C ASN M 36 0.51 28.89 9.22
N THR M 37 1.63 29.60 9.36
CA THR M 37 2.84 29.21 8.65
C THR M 37 3.34 27.85 9.12
N ALA M 38 3.33 27.60 10.43
CA ALA M 38 3.77 26.32 10.94
C ALA M 38 2.82 25.19 10.54
N VAL M 39 1.52 25.45 10.58
CA VAL M 39 0.54 24.44 10.20
C VAL M 39 0.68 24.09 8.72
N ALA M 40 0.95 25.09 7.88
CA ALA M 40 1.08 24.87 6.44
C ALA M 40 2.33 24.08 6.08
N LYS M 41 3.23 23.84 7.04
CA LYS M 41 4.47 23.13 6.73
C LYS M 41 4.19 21.73 6.22
N CYS M 42 3.28 21.00 6.87
CA CYS M 42 2.97 19.63 6.48
C CYS M 42 1.79 19.54 5.52
N ASN M 43 1.83 20.29 4.43
CA ASN M 43 0.90 20.06 3.34
C ASN M 43 1.38 18.95 2.42
N LEU M 44 2.64 18.50 2.59
CA LEU M 44 3.18 17.37 1.84
C LEU M 44 3.94 16.39 2.71
N ASN M 45 4.23 16.72 3.97
CA ASN M 45 4.97 15.82 4.84
C ASN M 45 4.14 14.58 5.15
N HIS M 46 4.77 13.41 5.06
CA HIS M 46 4.13 12.14 5.38
C HIS M 46 4.75 11.47 6.61
N ASP M 47 5.67 12.15 7.30
CA ASP M 47 6.37 11.60 8.44
C ASP M 47 6.24 12.53 9.65
N SER M 48 5.02 12.98 9.91
CA SER M 48 4.73 13.85 11.06
C SER M 48 3.47 13.31 11.73
N GLU M 49 3.65 12.67 12.90
CA GLU M 49 2.52 12.10 13.61
C GLU M 49 1.53 13.17 14.05
N PHE M 50 2.04 14.37 14.36
CA PHE M 50 1.18 15.47 14.75
C PHE M 50 0.21 15.81 13.62
N CYS M 51 0.71 15.83 12.39
CA CYS M 51 -0.16 16.15 11.27
C CYS M 51 -1.09 15.00 10.91
N ASP M 52 -0.68 13.76 11.20
CA ASP M 52 -1.61 12.64 11.05
C ASP M 52 -2.79 12.78 12.01
N MET M 53 -2.50 13.13 13.26
CA MET M 53 -3.57 13.39 14.22
C MET M 53 -4.42 14.58 13.78
N LEU M 54 -3.78 15.60 13.20
CA LEU M 54 -4.54 16.75 12.69
C LEU M 54 -5.50 16.33 11.58
N ARG M 55 -5.04 15.48 10.66
CA ARG M 55 -5.92 15.00 9.59
C ARG M 55 -7.07 14.17 10.15
N LEU M 56 -6.79 13.31 11.14
CA LEU M 56 -7.85 12.53 11.77
C LEU M 56 -8.89 13.44 12.38
N PHE M 57 -8.44 14.47 13.10
CA PHE M 57 -9.38 15.37 13.75
C PHE M 57 -10.16 16.22 12.75
N ASP M 58 -9.53 16.59 11.63
CA ASP M 58 -10.26 17.31 10.59
C ASP M 58 -11.35 16.43 9.98
N TYR M 59 -11.05 15.16 9.74
CA TYR M 59 -12.07 14.25 9.25
C TYR M 59 -13.21 14.12 10.24
N ASN M 60 -12.88 14.02 11.53
CA ASN M 60 -13.93 13.98 12.55
C ASN M 60 -14.78 15.24 12.53
N LYS M 61 -14.14 16.40 12.38
CA LYS M 61 -14.88 17.66 12.36
C LYS M 61 -15.85 17.70 11.18
N ASN M 62 -15.39 17.27 10.00
CA ASN M 62 -16.29 17.16 8.86
C ASN M 62 -17.42 16.17 9.14
N ALA M 63 -17.12 15.14 9.95
CA ALA M 63 -18.15 14.17 10.32
C ALA M 63 -19.25 14.82 11.16
N ILE M 64 -18.88 15.64 12.14
CA ILE M 64 -19.95 16.31 12.90
C ILE M 64 -20.68 17.29 12.01
N LYS M 65 -19.96 17.97 11.10
CA LYS M 65 -20.65 18.90 10.20
C LYS M 65 -21.72 18.19 9.39
N THR M 66 -21.37 17.03 8.82
CA THR M 66 -22.35 16.25 8.07
C THR M 66 -23.49 15.77 8.96
N LEU M 67 -23.15 15.27 10.16
CA LEU M 67 -24.17 14.70 11.03
C LEU M 67 -25.18 15.74 11.47
N ASN M 68 -24.71 16.93 11.83
CA ASN M 68 -25.63 18.00 12.24
C ASN M 68 -26.25 18.71 11.05
N ASP M 69 -25.75 18.48 9.84
CA ASP M 69 -26.42 18.97 8.64
C ASP M 69 -27.56 18.06 8.20
N GLU M 70 -27.70 16.89 8.80
CA GLU M 70 -28.77 15.94 8.51
C GLU M 70 -28.81 15.58 7.03
N THR M 71 -27.73 14.94 6.58
CA THR M 71 -27.60 14.52 5.19
C THR M 71 -27.80 13.01 5.08
N LYS M 72 -27.77 12.52 3.84
CA LYS M 72 -27.90 11.10 3.53
C LYS M 72 -26.59 10.50 3.03
N LYS M 73 -25.47 11.14 3.34
CA LYS M 73 -24.18 10.67 2.84
C LYS M 73 -23.88 9.28 3.37
N GLN M 74 -23.43 8.40 2.48
CA GLN M 74 -23.10 7.02 2.83
C GLN M 74 -21.64 6.98 3.29
N VAL M 75 -21.43 7.47 4.51
CA VAL M 75 -20.09 7.59 5.08
C VAL M 75 -19.69 6.21 5.61
N ASN M 76 -19.05 5.42 4.76
CA ASN M 76 -18.58 4.11 5.19
C ASN M 76 -17.29 4.25 5.98
N LEU M 77 -17.24 3.60 7.13
CA LEU M 77 -16.04 3.55 7.95
C LEU M 77 -15.50 2.13 7.96
N MET M 78 -14.32 1.95 7.39
CA MET M 78 -13.72 0.63 7.26
C MET M 78 -12.22 0.77 7.37
N GLY M 79 -11.54 -0.38 7.33
CA GLY M 79 -10.08 -0.36 7.48
C GLY M 79 -9.39 0.46 6.41
N GLN M 80 -9.90 0.38 5.17
CA GLN M 80 -9.28 1.10 4.06
C GLN M 80 -9.38 2.61 4.25
N THR M 81 -10.50 3.09 4.82
CA THR M 81 -10.65 4.52 5.03
C THR M 81 -9.60 5.06 6.00
N ILE M 82 -9.46 4.43 7.16
CA ILE M 82 -8.46 4.87 8.12
C ILE M 82 -7.06 4.67 7.57
N ASN M 83 -6.83 3.60 6.81
CA ASN M 83 -5.53 3.40 6.17
C ASN M 83 -5.22 4.54 5.21
N ALA M 84 -6.24 5.01 4.48
CA ALA M 84 -6.04 6.13 3.56
C ALA M 84 -5.83 7.44 4.30
N LEU M 85 -6.42 7.58 5.49
CA LEU M 85 -6.29 8.82 6.24
C LEU M 85 -4.89 8.98 6.83
N ILE M 86 -4.51 8.09 7.73
CA ILE M 86 -3.18 8.14 8.35
C ILE M 86 -2.17 7.49 7.42
N SER M 87 -0.88 7.68 7.72
CA SER M 87 0.19 7.09 6.93
C SER M 87 0.47 5.69 7.47
N ASP M 88 0.20 4.67 6.64
CA ASP M 88 0.46 3.29 7.06
C ASP M 88 1.95 3.05 7.29
N ASN M 89 2.80 3.60 6.42
CA ASN M 89 4.23 3.38 6.54
C ASN M 89 4.78 3.95 7.85
N LEU M 90 4.34 5.15 8.22
CA LEU M 90 4.85 5.78 9.44
C LEU M 90 4.42 5.00 10.68
N LEU M 91 3.16 4.60 10.74
CA LEU M 91 2.68 3.87 11.91
C LEU M 91 3.32 2.48 11.99
N MET M 92 3.52 1.83 10.84
CA MET M 92 4.21 0.55 10.83
C MET M 92 5.65 0.70 11.32
N LYS M 93 6.32 1.78 10.89
CA LYS M 93 7.67 2.04 11.37
C LYS M 93 7.68 2.29 12.86
N ASN M 94 6.67 3.00 13.38
CA ASN M 94 6.59 3.23 14.81
C ASN M 94 6.41 1.92 15.57
N LYS M 95 5.56 1.03 15.08
CA LYS M 95 5.40 -0.26 15.74
C LYS M 95 6.67 -1.10 15.65
N ILE M 96 7.38 -1.01 14.52
CA ILE M 96 8.66 -1.69 14.39
C ILE M 96 9.63 -1.18 15.44
N ARG M 97 9.72 0.14 15.60
CA ARG M 97 10.58 0.72 16.61
C ARG M 97 10.10 0.38 18.01
N GLU M 98 8.82 0.02 18.14
CA GLU M 98 8.32 -0.44 19.43
C GLU M 98 8.80 -1.85 19.74
N LEU M 99 8.85 -2.71 18.71
CA LEU M 99 9.23 -4.10 18.93
C LEU M 99 10.61 -4.23 19.57
N MET M 100 11.65 -3.79 18.86
CA MET M 100 12.94 -3.62 19.52
C MET M 100 12.88 -2.43 20.47
N SER M 101 13.56 -2.56 21.60
CA SER M 101 13.44 -1.58 22.68
C SER M 101 14.22 -0.32 22.32
N VAL M 102 13.60 0.51 21.50
CA VAL M 102 14.14 1.83 21.16
C VAL M 102 13.01 2.84 21.28
N PRO M 103 13.32 4.12 21.47
CA PRO M 103 12.27 5.11 21.70
C PRO M 103 11.27 5.20 20.55
N TYR M 104 10.02 5.44 20.91
CA TYR M 104 8.93 5.68 19.96
C TYR M 104 7.92 6.60 20.64
N CYS M 105 6.80 6.87 19.97
CA CYS M 105 5.78 7.74 20.55
C CYS M 105 4.41 7.28 20.10
N ASN M 106 3.48 7.18 21.05
CA ASN M 106 2.14 6.67 20.75
C ASN M 106 1.13 7.78 20.47
N TYR M 107 1.49 8.74 19.61
CA TYR M 107 0.55 9.67 19.00
C TYR M 107 -0.28 10.44 20.04
N THR M 108 0.32 10.82 21.16
CA THR M 108 -0.43 11.52 22.20
C THR M 108 0.26 12.74 22.80
N LYS M 109 1.58 12.86 22.71
CA LYS M 109 2.29 13.97 23.36
C LYS M 109 3.24 14.60 22.35
N PHE M 110 3.15 15.92 22.22
CA PHE M 110 3.97 16.67 21.29
C PHE M 110 4.51 17.92 21.96
N TRP M 111 5.72 18.32 21.57
CA TRP M 111 6.40 19.47 22.15
C TRP M 111 7.01 20.33 21.06
N TYR M 112 7.19 21.61 21.36
CA TYR M 112 7.72 22.56 20.39
C TYR M 112 8.47 23.67 21.12
N VAL M 113 9.30 24.37 20.37
CA VAL M 113 10.03 25.54 20.87
C VAL M 113 9.30 26.79 20.41
N ASN M 114 9.00 27.68 21.34
CA ASN M 114 8.19 28.86 21.07
C ASN M 114 9.04 30.11 21.22
N HIS M 115 8.93 31.00 20.23
CA HIS M 115 9.57 32.32 20.28
C HIS M 115 8.50 33.31 20.74
N THR M 116 8.55 33.66 22.03
CA THR M 116 7.44 34.36 22.67
C THR M 116 7.30 35.82 22.26
N LEU M 117 8.27 36.39 21.55
CA LEU M 117 8.18 37.82 21.22
C LEU M 117 7.36 38.06 19.97
N SER M 118 7.51 37.22 18.94
CA SER M 118 6.79 37.38 17.70
C SER M 118 5.71 36.32 17.50
N GLY M 119 5.54 35.40 18.43
CA GLY M 119 4.52 34.38 18.31
C GLY M 119 4.84 33.25 17.37
N GLN M 120 6.05 33.23 16.79
CA GLN M 120 6.44 32.18 15.87
C GLN M 120 6.91 30.96 16.64
N HIS M 121 6.46 29.78 16.21
CA HIS M 121 6.77 28.54 16.91
C HIS M 121 7.17 27.48 15.89
N SER M 122 7.94 26.50 16.37
CA SER M 122 8.36 25.38 15.54
C SER M 122 7.24 24.36 15.43
N LEU M 123 7.36 23.48 14.44
CA LEU M 123 6.40 22.40 14.29
C LEU M 123 6.56 21.42 15.46
N PRO M 124 5.48 21.03 16.12
CA PRO M 124 5.59 20.15 17.29
C PRO M 124 6.02 18.74 16.87
N ARG M 125 7.19 18.34 17.35
CA ARG M 125 7.66 16.97 17.14
C ARG M 125 6.94 16.04 18.12
N CYS M 126 7.40 14.79 18.18
CA CYS M 126 6.78 13.78 19.04
C CYS M 126 7.71 13.49 20.21
N TRP M 127 7.17 13.53 21.42
CA TRP M 127 7.96 13.23 22.62
C TRP M 127 8.12 11.71 22.74
N LEU M 128 9.32 11.22 22.46
CA LEU M 128 9.56 9.78 22.43
C LEU M 128 9.40 9.17 23.81
N ILE M 129 9.01 7.90 23.84
CA ILE M 129 8.74 7.17 25.08
C ILE M 129 9.57 5.90 25.08
N LYS M 130 9.68 5.27 26.25
CA LYS M 130 10.42 4.03 26.41
C LYS M 130 10.07 3.40 27.74
N ASN M 131 9.81 2.10 27.71
CA ASN M 131 9.54 1.31 28.93
C ASN M 131 8.39 1.91 29.73
N ASN M 132 7.33 2.29 29.03
CA ASN M 132 6.13 2.87 29.64
C ASN M 132 6.48 4.12 30.45
N SER M 133 7.40 4.93 29.93
CA SER M 133 7.79 6.17 30.57
C SER M 133 8.25 7.16 29.50
N TYR M 134 8.17 8.44 29.84
CA TYR M 134 8.61 9.46 28.91
C TYR M 134 10.13 9.66 29.01
N LEU M 135 10.67 10.41 28.06
CA LEU M 135 12.08 10.72 28.03
C LEU M 135 12.31 12.10 28.64
N ASN M 136 13.24 12.19 29.60
CA ASN M 136 13.52 13.42 30.30
C ASN M 136 14.65 14.18 29.61
N ILE M 137 15.06 15.29 30.23
CA ILE M 137 15.97 16.22 29.57
C ILE M 137 17.37 15.64 29.45
N SER M 138 17.69 14.62 30.26
CA SER M 138 19.05 14.07 30.25
C SER M 138 19.38 13.41 28.91
N ASP M 139 18.42 12.66 28.35
CA ASP M 139 18.62 11.95 27.09
C ASP M 139 17.99 12.67 25.91
N PHE M 140 17.62 13.94 26.07
CA PHE M 140 16.88 14.67 25.06
C PHE M 140 17.37 16.09 24.82
N ARG M 141 18.40 16.56 25.53
CA ARG M 141 18.78 17.96 25.46
C ARG M 141 19.41 18.31 24.12
N ASN M 142 19.91 17.32 23.39
CA ASN M 142 20.63 17.60 22.15
C ASN M 142 19.70 18.05 21.03
N ASP M 143 18.38 17.97 21.22
CA ASP M 143 17.45 18.24 20.14
C ASP M 143 16.92 19.68 20.18
N TRP M 144 16.39 20.11 21.31
CA TRP M 144 15.72 21.41 21.35
C TRP M 144 16.66 22.58 21.15
N ILE M 145 17.95 22.43 21.45
CA ILE M 145 18.89 23.52 21.22
C ILE M 145 19.01 23.83 19.73
N LEU M 146 19.26 22.78 18.93
CA LEU M 146 19.32 22.99 17.49
C LEU M 146 17.95 23.32 16.92
N GLU M 147 16.88 22.84 17.56
CA GLU M 147 15.55 23.22 17.11
C GLU M 147 15.32 24.72 17.26
N SER M 148 15.71 25.29 18.39
CA SER M 148 15.56 26.72 18.61
C SER M 148 16.48 27.52 17.67
N ASP M 149 17.71 27.05 17.47
CA ASP M 149 18.61 27.73 16.55
C ASP M 149 18.03 27.76 15.15
N PHE M 150 17.49 26.63 14.69
CA PHE M 150 16.87 26.56 13.38
C PHE M 150 15.61 27.42 13.32
N LEU M 151 14.87 27.52 14.43
CA LEU M 151 13.70 28.39 14.46
C LEU M 151 14.10 29.85 14.24
N ILE M 152 15.14 30.29 14.93
CA ILE M 152 15.59 31.68 14.76
C ILE M 152 16.08 31.91 13.33
N SER M 153 16.86 30.96 12.81
CA SER M 153 17.35 31.09 11.44
C SER M 153 16.21 31.14 10.43
N GLU M 154 15.22 30.28 10.60
CA GLU M 154 14.08 30.25 9.69
C GLU M 154 13.28 31.54 9.79
N MET M 155 13.10 32.07 11.00
CA MET M 155 12.38 33.33 11.15
C MET M 155 13.10 34.46 10.43
N LEU M 156 14.43 34.55 10.60
CA LEU M 156 15.19 35.58 9.92
C LEU M 156 15.12 35.42 8.40
N SER M 157 15.24 34.18 7.93
CA SER M 157 15.19 33.94 6.48
C SER M 157 13.82 34.31 5.92
N LYS M 158 12.75 33.95 6.62
CA LYS M 158 11.41 34.29 6.15
C LYS M 158 11.18 35.79 6.13
N GLU M 159 11.62 36.50 7.18
CA GLU M 159 11.47 37.94 7.20
C GLU M 159 12.26 38.59 6.08
N TYR M 160 13.44 38.06 5.76
CA TYR M 160 14.20 38.60 4.64
C TYR M 160 13.48 38.32 3.31
N SER M 161 13.03 37.08 3.12
CA SER M 161 12.40 36.69 1.86
C SER M 161 11.10 37.44 1.63
N ASP M 162 10.43 37.88 2.70
CA ASP M 162 9.19 38.64 2.55
C ASP M 162 9.43 39.91 1.74
N ARG M 163 10.46 40.68 2.09
CA ARG M 163 10.82 41.86 1.31
C ARG M 163 11.53 41.45 0.02
N GLN M 164 12.23 40.31 0.04
CA GLN M 164 12.99 39.87 -1.11
C GLN M 164 12.09 39.60 -2.31
N GLY M 165 10.94 38.98 -2.07
CA GLY M 165 10.05 38.59 -3.14
C GLY M 165 9.05 39.65 -3.53
N LYS M 166 9.38 40.93 -3.29
CA LYS M 166 8.48 42.02 -3.66
C LYS M 166 9.21 43.20 -4.29
N THR M 167 10.52 43.10 -4.51
CA THR M 167 11.29 44.15 -5.16
C THR M 167 12.09 43.57 -6.31
N PRO M 168 12.29 44.33 -7.38
CA PRO M 168 12.99 43.80 -8.55
C PRO M 168 14.50 43.91 -8.43
N LEU M 169 15.22 42.90 -8.95
CA LEU M 169 16.67 42.92 -8.93
C LEU M 169 17.22 44.03 -9.82
N THR M 170 16.54 44.32 -10.92
CA THR M 170 17.01 45.36 -11.82
C THR M 170 17.01 46.72 -11.14
N LEU M 171 16.01 46.98 -10.29
CA LEU M 171 15.96 48.26 -9.59
C LEU M 171 17.15 48.44 -8.66
N VAL M 172 17.46 47.42 -7.86
CA VAL M 172 18.57 47.55 -6.93
C VAL M 172 19.90 47.60 -7.67
N ASP M 173 20.01 46.86 -8.78
CA ASP M 173 21.22 46.96 -9.59
C ASP M 173 21.40 48.37 -10.15
N ILE M 174 20.30 48.97 -10.63
CA ILE M 174 20.35 50.34 -11.13
C ILE M 174 20.78 51.29 -10.02
N CYS M 175 20.21 51.11 -8.82
CA CYS M 175 20.57 51.97 -7.70
C CYS M 175 22.05 51.84 -7.35
N PHE M 176 22.58 50.60 -7.35
CA PHE M 176 23.98 50.39 -7.02
C PHE M 176 24.89 51.05 -8.05
N TRP M 177 24.59 50.86 -9.34
CA TRP M 177 25.43 51.47 -10.36
C TRP M 177 25.34 52.99 -10.34
N SER M 178 24.13 53.52 -10.10
CA SER M 178 23.99 54.96 -9.98
C SER M 178 24.78 55.49 -8.80
N THR M 179 24.78 54.77 -7.68
CA THR M 179 25.54 55.20 -6.51
C THR M 179 27.04 55.19 -6.79
N VAL M 180 27.54 54.15 -7.47
CA VAL M 180 28.98 54.10 -7.74
C VAL M 180 29.38 55.21 -8.71
N PHE M 181 28.53 55.50 -9.71
CA PHE M 181 28.83 56.62 -10.59
C PHE M 181 28.77 57.94 -9.85
N PHE M 182 27.81 58.08 -8.93
CA PHE M 182 27.71 59.29 -8.11
C PHE M 182 28.99 59.50 -7.31
N THR M 183 29.49 58.45 -6.68
CA THR M 183 30.72 58.57 -5.91
C THR M 183 31.90 58.92 -6.80
N ALA M 184 31.99 58.27 -7.97
CA ALA M 184 33.11 58.55 -8.88
C ALA M 184 33.10 60.00 -9.33
N SER M 185 31.92 60.51 -9.71
CA SER M 185 31.84 61.90 -10.16
C SER M 185 32.07 62.88 -9.01
N LEU M 186 31.62 62.53 -7.81
CA LEU M 186 31.90 63.37 -6.66
C LEU M 186 33.40 63.50 -6.45
N PHE M 187 34.12 62.38 -6.52
CA PHE M 187 35.57 62.44 -6.39
C PHE M 187 36.18 63.27 -7.51
N LEU M 188 35.65 63.11 -8.74
CA LEU M 188 36.17 63.87 -9.88
C LEU M 188 36.04 65.36 -9.65
N HIS M 189 34.92 65.78 -9.09
CA HIS M 189 34.79 67.18 -8.68
C HIS M 189 35.80 67.53 -7.60
N LEU M 190 35.98 66.63 -6.63
CA LEU M 190 36.75 66.95 -5.44
C LEU M 190 38.22 67.18 -5.76
N VAL M 191 38.85 66.25 -6.49
CA VAL M 191 40.28 66.36 -6.73
C VAL M 191 40.58 67.58 -7.60
N GLY M 192 39.70 67.88 -8.54
CA GLY M 192 39.91 69.01 -9.44
C GLY M 192 40.79 68.66 -10.61
N ILE M 193 40.41 69.11 -11.81
CA ILE M 193 41.13 68.82 -13.04
C ILE M 193 41.49 70.15 -13.68
N PRO M 194 42.76 70.39 -14.03
CA PRO M 194 43.15 71.71 -14.55
C PRO M 194 42.43 72.02 -15.86
N THR M 195 42.08 73.30 -16.02
CA THR M 195 41.27 73.73 -17.18
C THR M 195 42.14 74.23 -18.32
N HIS M 196 42.93 75.27 -18.08
CA HIS M 196 43.69 75.92 -19.14
C HIS M 196 45.09 76.27 -18.65
N ARG M 197 45.93 76.67 -19.59
CA ARG M 197 47.36 76.87 -19.33
C ARG M 197 47.64 78.34 -19.07
N HIS M 198 48.34 78.61 -17.97
CA HIS M 198 48.85 79.93 -17.66
C HIS M 198 50.35 79.97 -17.94
N ILE M 199 50.83 81.11 -18.41
CA ILE M 199 52.26 81.27 -18.63
C ILE M 199 52.98 81.31 -17.29
N ARG M 200 54.06 80.54 -17.18
CA ARG M 200 54.83 80.52 -15.95
C ARG M 200 55.37 81.90 -15.64
N GLY M 201 55.01 82.43 -14.47
CA GLY M 201 55.41 83.77 -14.07
C GLY M 201 54.50 84.88 -14.56
N GLU M 202 53.39 84.55 -15.22
CA GLU M 202 52.48 85.57 -15.72
C GLU M 202 51.05 85.32 -15.25
N ALA M 203 50.10 86.11 -15.77
CA ALA M 203 48.71 86.01 -15.36
C ALA M 203 47.94 85.12 -16.33
N CYS M 204 46.62 85.08 -16.18
CA CYS M 204 45.79 84.25 -17.03
C CYS M 204 45.62 84.89 -18.41
N PRO M 205 45.92 84.18 -19.50
CA PRO M 205 45.78 84.79 -20.83
C PRO M 205 44.35 84.89 -21.34
N LEU M 206 43.38 84.28 -20.65
CA LEU M 206 42.02 84.29 -21.14
C LEU M 206 41.48 85.72 -21.21
N PRO M 207 40.64 86.04 -22.21
CA PRO M 207 40.13 85.17 -23.28
C PRO M 207 41.12 84.98 -24.43
N HIS M 208 42.03 85.93 -24.64
CA HIS M 208 43.02 85.83 -25.71
C HIS M 208 44.12 84.84 -25.29
N ARG M 209 43.77 83.56 -25.37
CA ARG M 209 44.58 82.50 -24.80
C ARG M 209 45.58 81.95 -25.83
N LEU M 210 46.74 81.55 -25.33
CA LEU M 210 47.82 81.04 -26.15
C LEU M 210 47.46 79.68 -26.76
N ASN M 211 48.04 79.41 -27.92
CA ASN M 211 47.76 78.21 -28.70
C ASN M 211 48.76 77.10 -28.34
N SER M 212 48.78 76.04 -29.15
CA SER M 212 49.59 74.87 -28.83
C SER M 212 51.08 75.21 -28.73
N LEU M 213 51.59 76.01 -29.67
CA LEU M 213 52.99 76.37 -29.66
C LEU M 213 53.28 77.65 -28.87
N GLY M 214 52.39 78.04 -27.97
CA GLY M 214 52.64 79.19 -27.12
C GLY M 214 52.57 80.52 -27.84
N GLY M 215 51.42 80.82 -28.43
CA GLY M 215 51.25 82.07 -29.15
C GLY M 215 49.82 82.20 -29.62
N CYS M 216 49.60 83.20 -30.46
CA CYS M 216 48.29 83.47 -31.04
C CYS M 216 48.43 83.68 -32.54
N ARG M 217 47.39 83.27 -33.28
CA ARG M 217 47.39 83.46 -34.73
C ARG M 217 47.09 84.91 -35.12
N CYS M 218 46.57 85.71 -34.20
CA CYS M 218 46.29 87.12 -34.49
C CYS M 218 47.49 88.02 -34.29
N GLY M 219 48.57 87.50 -33.71
CA GLY M 219 49.79 88.26 -33.55
C GLY M 219 49.92 89.03 -32.25
N LYS M 220 48.86 89.09 -31.43
CA LYS M 220 48.95 89.81 -30.17
C LYS M 220 49.91 89.12 -29.20
N TYR M 221 49.84 87.80 -29.11
CA TYR M 221 50.73 87.04 -28.23
C TYR M 221 51.82 86.39 -29.08
N PRO M 222 53.09 86.77 -28.90
CA PRO M 222 54.15 86.18 -29.73
C PRO M 222 54.25 84.68 -29.55
N ASN M 223 54.59 83.99 -30.64
CA ASN M 223 54.77 82.54 -30.63
C ASN M 223 56.21 82.23 -30.20
N LEU M 224 56.45 82.37 -28.91
CA LEU M 224 57.79 82.18 -28.34
C LEU M 224 57.98 80.82 -27.70
N LYS M 225 56.99 79.93 -27.78
CA LYS M 225 57.03 78.63 -27.11
C LYS M 225 57.31 78.80 -25.61
N LYS M 226 56.61 79.75 -25.01
CA LYS M 226 56.80 80.02 -23.59
C LYS M 226 56.23 78.88 -22.75
N PRO M 227 56.86 78.55 -21.63
CA PRO M 227 56.37 77.42 -20.82
C PRO M 227 55.01 77.71 -20.22
N THR M 228 54.20 76.66 -20.09
CA THR M 228 52.83 76.77 -19.61
C THR M 228 52.58 75.76 -18.49
N VAL M 229 51.69 76.13 -17.58
CA VAL M 229 51.28 75.26 -16.48
C VAL M 229 49.75 75.17 -16.48
N TRP M 230 49.22 73.95 -16.38
CA TRP M 230 47.79 73.74 -16.45
C TRP M 230 47.17 73.98 -15.08
N ARG M 231 46.19 74.88 -15.01
CA ARG M 231 45.48 75.20 -13.78
C ARG M 231 43.98 75.24 -14.05
N ARG M 232 43.21 75.35 -12.96
CA ARG M 232 41.75 75.42 -13.03
C ARG M 232 41.27 76.88 -13.05
N GLY M 233 41.72 77.68 -12.09
CA GLY M 233 41.26 79.05 -11.97
C GLY M 233 42.00 79.99 -12.90
N HIS M 234 41.72 81.28 -12.71
CA HIS M 234 42.38 82.31 -13.50
C HIS M 234 43.49 82.97 -12.69
N GLN N 1 -20.94 -40.61 26.24
CA GLN N 1 -21.35 -41.04 27.57
C GLN N 1 -20.15 -41.50 28.38
N ILE N 2 -19.45 -40.55 29.00
CA ILE N 2 -18.27 -40.88 29.78
C ILE N 2 -18.69 -41.57 31.07
N VAL N 3 -18.03 -42.68 31.38
CA VAL N 3 -18.24 -43.38 32.64
C VAL N 3 -16.98 -43.25 33.47
N LEU N 4 -17.16 -43.25 34.80
CA LEU N 4 -16.08 -43.07 35.74
C LEU N 4 -16.00 -44.27 36.67
N THR N 5 -14.80 -44.81 36.85
CA THR N 5 -14.55 -45.93 37.76
C THR N 5 -13.64 -45.44 38.87
N GLN N 6 -14.08 -45.63 40.12
CA GLN N 6 -13.32 -45.21 41.28
C GLN N 6 -12.63 -46.40 41.92
N SER N 7 -11.51 -46.13 42.59
CA SER N 7 -10.74 -47.20 43.21
C SER N 7 -9.99 -46.69 44.43
N PRO N 8 -10.05 -47.42 45.55
CA PRO N 8 -10.92 -48.57 45.81
C PRO N 8 -12.20 -48.15 46.52
N ALA N 9 -13.18 -49.05 46.62
CA ALA N 9 -14.47 -48.67 47.18
C ALA N 9 -14.40 -48.43 48.69
N ILE N 10 -13.58 -49.21 49.40
CA ILE N 10 -13.55 -49.20 50.86
C ILE N 10 -12.13 -48.87 51.30
N MET N 11 -12.01 -47.91 52.21
CA MET N 11 -10.75 -47.56 52.84
C MET N 11 -10.85 -47.68 54.36
N SER N 12 -9.72 -48.03 54.97
CA SER N 12 -9.59 -48.03 56.43
C SER N 12 -8.14 -47.68 56.74
N ALA N 13 -7.88 -46.40 56.97
CA ALA N 13 -6.52 -45.92 57.17
C ALA N 13 -6.18 -45.89 58.66
N SER N 14 -5.05 -45.26 59.01
CA SER N 14 -4.55 -45.15 60.35
C SER N 14 -4.58 -43.70 60.83
N PRO N 15 -4.70 -43.45 62.15
CA PRO N 15 -4.96 -42.10 62.63
C PRO N 15 -3.80 -41.15 62.34
N GLY N 16 -3.71 -40.75 61.07
CA GLY N 16 -2.60 -39.98 60.57
C GLY N 16 -1.78 -40.80 59.60
N GLU N 17 -2.05 -40.63 58.31
CA GLU N 17 -1.34 -41.34 57.26
C GLU N 17 -1.60 -40.61 55.95
N LYS N 18 -0.95 -41.10 54.89
CA LYS N 18 -1.10 -40.56 53.54
C LYS N 18 -1.88 -41.57 52.70
N VAL N 19 -2.97 -41.10 52.10
CA VAL N 19 -3.86 -41.97 51.34
C VAL N 19 -4.10 -41.38 49.97
N THR N 20 -4.36 -42.25 49.00
CA THR N 20 -4.58 -41.86 47.61
C THR N 20 -5.85 -42.51 47.07
N ILE N 21 -6.54 -41.78 46.22
CA ILE N 21 -7.82 -42.19 45.63
C ILE N 21 -7.67 -42.11 44.12
N THR N 22 -7.91 -43.22 43.42
CA THR N 22 -7.76 -43.28 41.97
C THR N 22 -9.12 -43.14 41.31
N CYS N 23 -9.17 -42.36 40.23
CA CYS N 23 -10.43 -42.12 39.52
C CYS N 23 -10.11 -42.18 38.03
N SER N 24 -10.52 -43.24 37.36
CA SER N 24 -10.26 -43.44 35.94
C SER N 24 -11.53 -43.15 35.15
N ALA N 25 -11.35 -42.74 33.91
CA ALA N 25 -12.46 -42.43 33.03
C ALA N 25 -12.54 -43.45 31.89
N SER N 26 -13.62 -43.37 31.12
CA SER N 26 -13.75 -44.21 29.94
C SER N 26 -12.97 -43.63 28.77
N SER N 27 -13.11 -42.33 28.54
CA SER N 27 -12.36 -41.60 27.53
C SER N 27 -11.56 -40.50 28.21
N ILE N 28 -10.93 -39.64 27.40
CA ILE N 28 -10.08 -38.58 27.94
C ILE N 28 -10.97 -37.47 28.51
N VAL N 29 -10.58 -36.96 29.68
CA VAL N 29 -11.28 -35.87 30.33
C VAL N 29 -10.24 -34.81 30.71
N SER N 30 -10.59 -33.54 30.51
CA SER N 30 -9.64 -32.46 30.73
C SER N 30 -9.56 -32.08 32.21
N TYR N 31 -10.70 -31.87 32.86
CA TYR N 31 -10.72 -31.44 34.25
C TYR N 31 -11.78 -32.22 35.02
N MET N 32 -11.56 -32.33 36.33
CA MET N 32 -12.34 -33.20 37.20
C MET N 32 -12.49 -32.55 38.57
N HIS N 33 -13.65 -32.76 39.19
CA HIS N 33 -13.97 -32.18 40.48
C HIS N 33 -14.22 -33.28 41.51
N TRP N 34 -13.96 -32.96 42.78
CA TRP N 34 -14.13 -33.88 43.89
C TRP N 34 -15.10 -33.28 44.91
N PHE N 35 -16.10 -34.06 45.30
CA PHE N 35 -17.08 -33.66 46.30
C PHE N 35 -16.99 -34.59 47.50
N GLN N 36 -17.29 -34.05 48.68
CA GLN N 36 -17.25 -34.80 49.92
C GLN N 36 -18.63 -34.84 50.56
N GLN N 37 -18.93 -35.95 51.23
CA GLN N 37 -20.23 -36.13 51.86
C GLN N 37 -20.06 -36.92 53.15
N LYS N 38 -20.78 -36.49 54.18
CA LYS N 38 -20.91 -37.13 55.48
C LYS N 38 -22.25 -37.85 55.58
N PRO N 39 -22.32 -38.96 56.32
CA PRO N 39 -23.58 -39.69 56.42
C PRO N 39 -24.70 -38.83 56.96
N GLY N 40 -25.87 -38.95 56.34
CA GLY N 40 -27.02 -38.18 56.76
C GLY N 40 -26.95 -36.70 56.45
N THR N 41 -26.19 -36.30 55.44
CA THR N 41 -26.06 -34.89 55.07
C THR N 41 -26.07 -34.78 53.55
N SER N 42 -25.68 -33.61 53.06
CA SER N 42 -25.64 -33.31 51.64
C SER N 42 -24.22 -33.03 51.20
N PRO N 43 -23.86 -33.38 49.96
CA PRO N 43 -22.49 -33.21 49.49
C PRO N 43 -22.05 -31.75 49.52
N LYS N 44 -20.77 -31.55 49.79
CA LYS N 44 -20.15 -30.22 49.78
C LYS N 44 -18.95 -30.24 48.84
N LEU N 45 -18.80 -29.17 48.06
CA LEU N 45 -17.69 -29.06 47.13
C LEU N 45 -16.36 -29.04 47.87
N TRP N 46 -15.40 -29.84 47.40
CA TRP N 46 -14.11 -29.88 48.06
C TRP N 46 -12.94 -29.55 47.16
N ILE N 47 -12.91 -30.06 45.93
CA ILE N 47 -11.80 -29.78 45.02
C ILE N 47 -12.36 -29.46 43.65
N TYR N 48 -11.88 -28.39 43.04
CA TYR N 48 -12.25 -28.03 41.68
C TYR N 48 -11.00 -27.75 40.87
N GLY N 49 -11.03 -28.12 39.58
CA GLY N 49 -9.89 -27.94 38.71
C GLY N 49 -8.77 -28.94 38.89
N THR N 50 -9.01 -30.01 39.65
CA THR N 50 -8.02 -31.06 39.91
C THR N 50 -6.81 -30.51 40.65
N SER N 51 -6.77 -29.20 40.87
CA SER N 51 -5.65 -28.62 41.59
C SER N 51 -6.04 -27.46 42.52
N ASN N 52 -7.32 -27.13 42.64
CA ASN N 52 -7.76 -25.99 43.42
C ASN N 52 -8.49 -26.49 44.66
N LEU N 53 -8.00 -26.10 45.82
CA LEU N 53 -8.63 -26.47 47.09
C LEU N 53 -9.89 -25.65 47.32
N ALA N 54 -10.80 -26.20 48.11
CA ALA N 54 -12.04 -25.53 48.39
C ALA N 54 -11.85 -24.50 49.51
N SER N 55 -12.82 -23.59 49.60
CA SER N 55 -12.78 -22.54 50.63
C SER N 55 -13.02 -23.19 51.98
N GLY N 56 -11.94 -23.46 52.71
CA GLY N 56 -12.02 -24.02 54.04
C GLY N 56 -11.58 -25.47 54.20
N VAL N 57 -10.71 -25.98 53.33
CA VAL N 57 -10.15 -27.32 53.46
C VAL N 57 -8.76 -27.19 54.06
N PRO N 58 -8.39 -28.00 55.05
CA PRO N 58 -7.05 -27.92 55.63
C PRO N 58 -5.97 -28.22 54.59
N ALA N 59 -4.82 -27.58 54.78
CA ALA N 59 -3.74 -27.66 53.80
C ALA N 59 -3.01 -29.00 53.89
N ARG N 60 -3.80 -30.06 53.74
CA ARG N 60 -3.29 -31.41 53.62
C ARG N 60 -3.92 -32.17 52.48
N PHE N 61 -4.91 -31.59 51.81
CA PHE N 61 -5.57 -32.21 50.67
C PHE N 61 -4.96 -31.71 49.37
N SER N 62 -4.90 -32.58 48.37
CA SER N 62 -4.38 -32.20 47.06
C SER N 62 -4.97 -33.10 45.99
N GLY N 63 -4.85 -32.65 44.75
CA GLY N 63 -5.33 -33.41 43.62
C GLY N 63 -4.37 -33.31 42.45
N SER N 64 -4.48 -34.27 41.55
CA SER N 64 -3.66 -34.29 40.35
C SER N 64 -4.40 -35.10 39.28
N GLY N 65 -3.95 -34.96 38.04
CA GLY N 65 -4.58 -35.70 36.96
C GLY N 65 -3.78 -35.65 35.70
N SER N 66 -4.12 -36.58 34.80
CA SER N 66 -3.47 -36.64 33.49
C SER N 66 -4.37 -37.46 32.57
N GLY N 67 -4.81 -36.85 31.47
CA GLY N 67 -5.55 -37.61 30.48
C GLY N 67 -6.80 -38.25 31.05
N THR N 68 -6.72 -39.57 31.24
CA THR N 68 -7.86 -40.37 31.70
C THR N 68 -7.80 -40.68 33.20
N SER N 69 -6.63 -40.62 33.81
CA SER N 69 -6.46 -41.04 35.20
C SER N 69 -6.22 -39.83 36.10
N TYR N 70 -6.99 -39.74 37.20
CA TYR N 70 -6.87 -38.65 38.15
C TYR N 70 -6.73 -39.22 39.54
N SER N 71 -6.16 -38.43 40.46
CA SER N 71 -5.86 -38.91 41.80
C SER N 71 -6.11 -37.81 42.82
N LEU N 72 -6.59 -38.24 43.99
CA LEU N 72 -6.75 -37.39 45.16
C LEU N 72 -5.81 -37.88 46.25
N THR N 73 -5.23 -36.94 47.00
CA THR N 73 -4.18 -37.28 47.95
C THR N 73 -4.39 -36.56 49.27
N ILE N 74 -4.28 -37.30 50.38
CA ILE N 74 -4.28 -36.75 51.73
C ILE N 74 -2.93 -37.06 52.36
N SER N 75 -2.26 -36.03 52.87
CA SER N 75 -0.91 -36.21 53.40
C SER N 75 -0.93 -36.81 54.81
N ARG N 76 -1.57 -36.12 55.75
CA ARG N 76 -1.67 -36.57 57.13
C ARG N 76 -3.12 -36.42 57.57
N MET N 77 -3.86 -37.52 57.61
CA MET N 77 -5.28 -37.47 57.88
C MET N 77 -5.57 -37.74 59.36
N GLU N 78 -6.67 -37.17 59.83
CA GLU N 78 -7.16 -37.37 61.20
C GLU N 78 -8.54 -38.03 61.16
N ALA N 79 -9.15 -38.16 62.33
CA ALA N 79 -10.44 -38.86 62.43
C ALA N 79 -11.52 -38.14 61.63
N GLU N 80 -11.48 -36.79 61.60
CA GLU N 80 -12.45 -36.04 60.83
C GLU N 80 -12.45 -36.48 59.37
N ASP N 81 -11.32 -36.96 58.87
CA ASP N 81 -11.24 -37.53 57.53
C ASP N 81 -11.76 -38.97 57.57
N ALA N 82 -13.09 -39.09 57.56
CA ALA N 82 -13.74 -40.39 57.39
C ALA N 82 -15.12 -40.12 56.78
N ALA N 83 -15.25 -40.31 55.46
CA ALA N 83 -16.44 -39.85 54.76
C ALA N 83 -16.46 -40.48 53.36
N THR N 84 -17.37 -40.00 52.51
CA THR N 84 -17.53 -40.51 51.16
C THR N 84 -17.13 -39.43 50.16
N TYR N 85 -16.46 -39.84 49.09
CA TYR N 85 -15.97 -38.93 48.07
C TYR N 85 -16.55 -39.31 46.71
N TYR N 86 -16.82 -38.29 45.90
CA TYR N 86 -17.45 -38.45 44.59
C TYR N 86 -16.63 -37.71 43.54
N CYS N 87 -16.30 -38.41 42.45
CA CYS N 87 -15.75 -37.78 41.27
C CYS N 87 -16.87 -37.11 40.48
N GLN N 88 -16.50 -36.08 39.71
CA GLN N 88 -17.45 -35.45 38.81
C GLN N 88 -16.71 -34.90 37.60
N GLN N 89 -17.27 -35.14 36.42
CA GLN N 89 -16.77 -34.56 35.18
C GLN N 89 -17.93 -33.91 34.43
N ARG N 90 -17.65 -32.77 33.78
CA ARG N 90 -18.65 -32.00 33.07
C ARG N 90 -18.15 -31.61 31.68
N ASN N 91 -17.54 -32.57 30.99
CA ASN N 91 -17.01 -32.29 29.66
C ASN N 91 -18.02 -32.61 28.56
N SER N 92 -18.69 -33.75 28.64
CA SER N 92 -19.71 -34.13 27.67
C SER N 92 -21.00 -34.42 28.40
N TYR N 93 -22.07 -33.74 28.00
CA TYR N 93 -23.36 -33.91 28.64
C TYR N 93 -23.89 -35.32 28.38
N PRO N 94 -24.57 -35.94 29.35
CA PRO N 94 -24.86 -35.42 30.69
C PRO N 94 -23.64 -35.47 31.59
N PRO N 95 -23.49 -34.52 32.50
CA PRO N 95 -22.41 -34.60 33.50
C PRO N 95 -22.56 -35.86 34.33
N THR N 96 -21.44 -36.52 34.60
CA THR N 96 -21.48 -37.82 35.24
C THR N 96 -20.63 -37.81 36.50
N PHE N 97 -21.10 -38.53 37.51
CA PHE N 97 -20.40 -38.66 38.79
C PHE N 97 -19.68 -40.01 38.83
N GLY N 98 -18.92 -40.21 39.90
CA GLY N 98 -18.31 -41.49 40.15
C GLY N 98 -19.25 -42.42 40.88
N GLY N 99 -18.75 -43.63 41.15
CA GLY N 99 -19.50 -44.59 41.93
C GLY N 99 -19.45 -44.36 43.42
N GLY N 100 -18.64 -43.41 43.87
CA GLY N 100 -18.55 -43.11 45.29
C GLY N 100 -17.56 -43.99 46.01
N THR N 101 -16.72 -43.40 46.86
CA THR N 101 -15.74 -44.15 47.64
C THR N 101 -15.91 -43.81 49.11
N LYS N 102 -16.00 -44.84 49.95
CA LYS N 102 -16.13 -44.67 51.38
C LYS N 102 -14.78 -44.89 52.05
N LEU N 103 -14.38 -43.97 52.92
CA LEU N 103 -13.10 -44.07 53.62
C LEU N 103 -13.36 -43.96 55.11
N GLU N 104 -12.85 -44.93 55.86
CA GLU N 104 -13.06 -45.04 57.30
C GLU N 104 -11.72 -45.17 58.00
N ILE N 105 -11.70 -44.81 59.27
CA ILE N 105 -10.50 -44.82 60.10
C ILE N 105 -10.52 -46.06 60.98
N LYS N 106 -9.43 -46.82 60.96
CA LYS N 106 -9.30 -47.99 61.82
C LYS N 106 -8.99 -47.55 63.24
N VAL O 1 -26.38 -17.68 52.63
CA VAL O 1 -27.28 -18.27 51.64
C VAL O 1 -27.92 -19.52 52.20
N ALA O 2 -29.23 -19.64 52.04
CA ALA O 2 -29.95 -20.80 52.55
C ALA O 2 -30.96 -21.27 51.52
N LEU O 3 -31.27 -22.57 51.57
CA LEU O 3 -32.21 -23.20 50.65
C LEU O 3 -33.06 -24.20 51.40
N VAL O 4 -34.36 -24.20 51.10
CA VAL O 4 -35.32 -25.10 51.72
C VAL O 4 -36.06 -25.83 50.62
N GLU O 5 -36.59 -27.01 50.94
CA GLU O 5 -37.30 -27.84 49.97
C GLU O 5 -38.62 -28.31 50.55
N SER O 6 -39.59 -28.53 49.67
CA SER O 6 -40.91 -28.98 50.07
C SER O 6 -41.60 -29.66 48.89
N GLY O 7 -42.64 -30.44 49.22
CA GLY O 7 -43.42 -31.14 48.23
C GLY O 7 -43.13 -32.62 48.11
N GLY O 8 -42.14 -33.14 48.85
CA GLY O 8 -41.80 -34.55 48.76
C GLY O 8 -42.79 -35.43 49.53
N GLY O 9 -42.59 -36.73 49.39
CA GLY O 9 -43.44 -37.70 50.05
C GLY O 9 -43.62 -38.93 49.18
N LEU O 10 -44.70 -39.65 49.46
CA LEU O 10 -45.01 -40.92 48.80
C LEU O 10 -46.15 -40.72 47.81
N VAL O 11 -45.99 -41.27 46.61
CA VAL O 11 -46.97 -41.11 45.54
C VAL O 11 -47.09 -42.40 44.75
N GLN O 12 -48.28 -42.64 44.22
CA GLN O 12 -48.57 -43.85 43.47
C GLN O 12 -47.78 -43.90 42.16
N PRO O 13 -47.48 -45.10 41.66
CA PRO O 13 -46.62 -45.22 40.46
C PRO O 13 -47.31 -44.81 39.18
N GLY O 14 -47.27 -43.52 38.87
CA GLY O 14 -47.95 -43.01 37.70
C GLY O 14 -48.54 -41.62 37.90
N GLY O 15 -48.36 -41.05 39.08
CA GLY O 15 -48.85 -39.72 39.37
C GLY O 15 -47.94 -38.64 38.79
N SER O 16 -48.14 -37.43 39.32
CA SER O 16 -47.33 -36.27 38.95
C SER O 16 -46.98 -35.49 40.21
N LEU O 17 -45.81 -34.85 40.21
CA LEU O 17 -45.30 -34.15 41.37
C LEU O 17 -44.84 -32.75 40.99
N LYS O 18 -44.90 -31.85 41.97
CA LYS O 18 -44.36 -30.51 41.87
C LYS O 18 -43.54 -30.23 43.12
N LEU O 19 -42.21 -30.19 42.97
CA LEU O 19 -41.29 -29.98 44.06
C LEU O 19 -40.86 -28.52 44.10
N SER O 20 -40.83 -27.94 45.30
CA SER O 20 -40.50 -26.53 45.46
C SER O 20 -39.20 -26.39 46.22
N CYS O 21 -38.31 -25.54 45.72
CA CYS O 21 -37.07 -25.19 46.43
C CYS O 21 -37.01 -23.67 46.56
N ALA O 22 -35.14 -20.24 47.91
CA ALA O 22 -33.79 -19.74 48.12
C ALA O 22 -33.81 -18.41 48.85
N SER O 23 -32.75 -18.14 49.60
CA SER O 23 -32.63 -16.89 50.33
C SER O 23 -31.16 -16.58 50.55
N GLY O 24 -30.88 -15.32 50.87
CA GLY O 24 -29.53 -14.85 51.06
C GLY O 24 -28.92 -14.22 49.81
N ALA O 25 -28.66 -15.02 48.79
CA ALA O 25 -28.02 -14.53 47.58
C ALA O 25 -29.05 -14.06 46.58
N SER O 26 -28.69 -13.02 45.81
CA SER O 26 -29.61 -12.45 44.84
C SER O 26 -30.06 -13.49 43.82
N PHE O 27 -29.25 -14.53 43.59
CA PHE O 27 -29.68 -15.73 42.89
C PHE O 27 -30.10 -15.45 41.45
N SER O 28 -30.28 -14.17 41.12
CA SER O 28 -30.54 -13.77 39.75
C SER O 28 -29.25 -13.73 38.96
N ASN O 29 -28.11 -13.93 39.63
CA ASN O 29 -26.81 -14.03 38.98
C ASN O 29 -26.20 -15.41 39.18
N ALA O 30 -27.04 -16.44 39.32
CA ALA O 30 -26.54 -17.80 39.48
C ALA O 30 -27.41 -18.78 38.70
N GLY O 31 -26.81 -19.86 38.22
CA GLY O 31 -27.53 -20.90 37.49
C GLY O 31 -27.61 -22.14 38.37
N MET O 32 -28.75 -22.83 38.36
CA MET O 32 -28.93 -23.83 39.40
C MET O 32 -29.27 -25.18 38.79
N SER O 33 -29.40 -26.19 39.64
CA SER O 33 -29.58 -27.55 39.17
C SER O 33 -30.27 -28.38 40.24
N TRP O 34 -30.77 -29.54 39.82
CA TRP O 34 -31.41 -30.52 40.68
C TRP O 34 -30.80 -31.88 40.38
N VAL O 35 -30.45 -32.61 41.45
CA VAL O 35 -29.76 -33.89 41.32
C VAL O 35 -30.46 -34.94 42.18
N ARG O 36 -30.27 -36.20 41.78
CA ARG O 36 -30.91 -37.34 42.42
C ARG O 36 -29.86 -38.23 43.08
N GLN O 37 -30.22 -38.77 44.25
CA GLN O 37 -29.39 -39.75 44.95
C GLN O 37 -30.26 -40.94 45.32
N THR O 38 -30.01 -42.08 44.67
CA THR O 38 -30.82 -43.26 44.86
C THR O 38 -30.53 -43.92 46.21
N PRO O 39 -31.44 -44.76 46.71
CA PRO O 39 -31.22 -45.40 48.02
C PRO O 39 -29.87 -46.08 48.13
N ASP O 40 -29.40 -46.72 47.08
CA ASP O 40 -27.97 -46.97 46.97
C ASP O 40 -27.26 -45.67 46.62
N ARG O 41 -26.08 -45.48 47.18
CA ARG O 41 -25.41 -44.18 47.05
C ARG O 41 -24.90 -43.99 45.64
N ARG O 42 -25.73 -43.38 44.79
CA ARG O 42 -25.36 -43.06 43.42
C ARG O 42 -25.99 -41.74 43.05
N LEU O 43 -25.22 -40.88 42.38
CA LEU O 43 -25.67 -39.53 42.04
C LEU O 43 -25.91 -39.41 40.54
N GLU O 44 -26.84 -38.53 40.19
CA GLU O 44 -27.13 -38.26 38.78
C GLU O 44 -27.82 -36.91 38.69
N LEU O 45 -27.40 -36.10 37.72
CA LEU O 45 -28.00 -34.80 37.48
C LEU O 45 -29.26 -34.96 36.64
N VAL O 46 -30.37 -34.37 37.09
CA VAL O 46 -31.64 -34.51 36.41
C VAL O 46 -32.14 -33.18 35.83
N ALA O 47 -31.88 -32.06 36.51
CA ALA O 47 -32.36 -30.77 36.01
C ALA O 47 -31.23 -29.75 36.05
N ALA O 48 -31.17 -28.90 35.03
CA ALA O 48 -30.19 -27.83 34.99
C ALA O 48 -30.84 -26.60 34.36
N ILE O 49 -30.88 -25.50 35.09
CA ILE O 49 -31.57 -24.29 34.68
C ILE O 49 -30.55 -23.15 34.62
N ASN O 50 -30.54 -22.44 33.49
CA ASN O 50 -29.64 -21.33 33.28
C ASN O 50 -30.09 -20.09 34.04
N ARG O 51 -29.11 -19.25 34.40
CA ARG O 51 -29.36 -17.98 35.08
C ARG O 51 -30.60 -17.29 34.55
N ASP O 52 -30.67 -17.10 33.24
CA ASP O 52 -31.93 -16.76 32.58
C ASP O 52 -32.67 -18.04 32.26
N GLY O 53 -33.96 -18.07 32.56
CA GLY O 53 -34.77 -19.25 32.31
C GLY O 53 -35.01 -19.57 30.85
N ASP O 54 -34.26 -18.91 29.96
CA ASP O 54 -34.43 -19.17 28.52
C ASP O 54 -33.90 -20.55 28.13
N ILE O 55 -32.83 -21.01 28.76
CA ILE O 55 -32.21 -22.29 28.45
C ILE O 55 -32.42 -23.23 29.62
N THR O 56 -33.00 -24.40 29.34
CA THR O 56 -33.27 -25.41 30.36
C THR O 56 -32.95 -26.77 29.76
N TYR O 57 -32.27 -27.62 30.54
CA TYR O 57 -31.82 -28.91 30.02
C TYR O 57 -32.10 -30.01 31.03
N HIS O 58 -32.47 -31.18 30.51
CA HIS O 58 -32.60 -32.41 31.28
C HIS O 58 -32.04 -33.56 30.46
N PRO O 59 -31.50 -34.58 31.11
CA PRO O 59 -30.93 -35.72 30.39
C PRO O 59 -32.02 -36.69 29.92
N ASP O 60 -31.57 -37.76 29.26
CA ASP O 60 -32.47 -38.71 28.62
C ASP O 60 -33.37 -39.39 29.65
N SER O 61 -32.81 -39.75 30.81
CA SER O 61 -33.56 -40.49 31.81
C SER O 61 -34.78 -39.73 32.32
N VAL O 62 -34.82 -38.42 32.11
CA VAL O 62 -35.96 -37.61 32.52
C VAL O 62 -36.55 -36.80 31.38
N LYS O 63 -36.02 -36.97 30.16
CA LYS O 63 -36.51 -36.21 29.02
C LYS O 63 -37.98 -36.49 28.76
N GLY O 64 -38.76 -35.43 28.60
CA GLY O 64 -40.17 -35.55 28.35
C GLY O 64 -41.04 -35.77 29.57
N ARG O 65 -40.44 -35.84 30.76
CA ARG O 65 -41.21 -36.05 31.98
C ARG O 65 -40.84 -35.08 33.10
N PHE O 66 -39.66 -34.46 33.07
CA PHE O 66 -39.20 -33.57 34.12
C PHE O 66 -39.00 -32.18 33.54
N THR O 67 -39.59 -31.16 34.15
CA THR O 67 -39.39 -29.78 33.77
C THR O 67 -39.13 -28.95 35.01
N ILE O 68 -38.32 -27.90 34.86
CA ILE O 68 -37.94 -27.05 35.98
C ILE O 68 -38.11 -25.59 35.57
N SER O 69 -38.77 -24.80 36.41
CA SER O 69 -38.98 -23.39 36.12
C SER O 69 -38.80 -22.60 37.41
N ARG O 70 -38.09 -21.47 37.31
CA ARG O 70 -37.75 -20.67 38.46
C ARG O 70 -38.55 -19.38 38.48
N ASP O 71 -39.16 -19.09 39.63
CA ASP O 71 -39.82 -17.80 39.88
C ASP O 71 -38.80 -16.87 40.51
N ASN O 72 -38.20 -16.01 39.70
CA ASN O 72 -37.19 -15.08 40.19
C ASN O 72 -37.79 -14.12 41.22
N ALA O 73 -39.03 -13.67 40.98
CA ALA O 73 -39.67 -12.74 41.90
C ALA O 73 -39.75 -13.32 43.31
N LYS O 74 -40.03 -14.61 43.42
CA LYS O 74 -40.07 -15.29 44.71
C LYS O 74 -38.76 -15.98 45.05
N ASN O 75 -37.78 -15.94 44.15
CA ASN O 75 -36.49 -16.63 44.36
C ASN O 75 -36.71 -18.11 44.63
N THR O 76 -37.62 -18.73 43.88
CA THR O 76 -38.00 -20.12 44.12
C THR O 76 -37.88 -20.91 42.82
N LEU O 77 -37.94 -22.23 42.95
CA LEU O 77 -37.96 -23.13 41.79
C LEU O 77 -39.06 -24.16 41.98
N TYR O 78 -39.84 -24.37 40.93
CA TYR O 78 -40.85 -25.42 40.87
C TYR O 78 -40.42 -26.41 39.81
N LEU O 79 -40.30 -27.68 40.19
CA LEU O 79 -39.98 -28.75 39.27
C LEU O 79 -41.22 -29.65 39.15
N GLN O 80 -41.80 -29.69 37.95
CA GLN O 80 -42.97 -30.50 37.68
C GLN O 80 -42.55 -31.72 36.88
N MET O 81 -42.92 -32.89 37.37
CA MET O 81 -42.47 -34.15 36.78
C MET O 81 -43.60 -35.17 36.86
N SER O 82 -43.97 -35.73 35.73
CA SER O 82 -45.11 -36.63 35.63
C SER O 82 -44.65 -38.06 35.39
N SER O 83 -45.62 -38.96 35.36
CA SER O 83 -45.38 -40.39 35.09
C SER O 83 -44.40 -40.97 36.11
N LEU O 84 -44.85 -41.01 37.37
CA LEU O 84 -44.02 -41.55 38.44
C LEU O 84 -43.69 -43.01 38.20
N LYS O 85 -42.42 -43.36 38.43
CA LYS O 85 -41.96 -44.73 38.33
C LYS O 85 -41.20 -45.11 39.59
N SER O 86 -41.14 -46.42 39.86
CA SER O 86 -40.49 -46.89 41.08
C SER O 86 -39.02 -46.49 41.12
N GLU O 87 -38.33 -46.60 39.98
CA GLU O 87 -36.92 -46.23 39.94
C GLU O 87 -36.70 -44.77 40.29
N ASP O 88 -37.72 -43.92 40.17
CA ASP O 88 -37.61 -42.53 40.55
C ASP O 88 -38.02 -42.31 42.01
N THR O 89 -37.47 -43.13 42.91
CA THR O 89 -37.64 -42.97 44.34
C THR O 89 -36.26 -42.74 44.94
N ALA O 90 -36.02 -41.55 45.45
CA ALA O 90 -34.67 -41.14 45.83
C ALA O 90 -34.73 -39.83 46.59
N MET O 91 -33.55 -39.31 46.94
CA MET O 91 -33.41 -37.98 47.50
C MET O 91 -33.12 -36.98 46.39
N TYR O 92 -33.73 -35.80 46.49
CA TYR O 92 -33.58 -34.76 45.48
C TYR O 92 -32.94 -33.54 46.13
N TYR O 93 -31.87 -33.03 45.51
CA TYR O 93 -31.17 -31.85 45.98
C TYR O 93 -31.29 -30.74 44.96
N CYS O 94 -31.58 -29.52 45.45
CA CYS O 94 -31.48 -28.31 44.64
C CYS O 94 -30.20 -27.59 45.02
N ALA O 95 -29.37 -27.31 44.03
CA ALA O 95 -28.02 -26.80 44.26
C ALA O 95 -27.75 -25.59 43.39
N ARG O 96 -27.07 -24.60 43.96
CA ARG O 96 -26.63 -23.45 43.19
C ARG O 96 -25.50 -23.85 42.25
N GLU O 97 -25.11 -22.91 41.39
CA GLU O 97 -24.10 -23.18 40.37
C GLU O 97 -23.52 -21.86 39.90
N ASP O 98 -22.21 -21.71 40.07
CA ASP O 98 -21.52 -20.45 39.83
C ASP O 98 -20.09 -20.74 39.37
N TYR O 99 -19.41 -19.69 38.93
CA TYR O 99 -18.05 -19.79 38.39
C TYR O 99 -17.05 -19.69 39.54
N TYR O 100 -16.32 -20.78 39.79
CA TYR O 100 -15.21 -20.77 40.75
C TYR O 100 -13.92 -21.03 39.96
N GLY O 101 -13.18 -19.97 39.71
CA GLY O 101 -12.06 -20.06 38.79
C GLY O 101 -12.42 -19.44 37.46
N LEU O 102 -11.46 -18.75 36.84
CA LEU O 102 -11.77 -17.94 35.66
C LEU O 102 -12.56 -18.71 34.61
N TYR O 103 -12.54 -20.04 34.63
CA TYR O 103 -13.22 -20.81 33.60
C TYR O 103 -14.06 -21.97 34.11
N PHE O 104 -14.06 -22.24 35.42
CA PHE O 104 -14.73 -23.40 35.96
C PHE O 104 -16.13 -23.03 36.44
N TYR O 105 -17.13 -23.78 35.96
CA TYR O 105 -18.54 -23.57 36.30
C TYR O 105 -19.02 -24.81 37.05
N VAL O 106 -19.02 -24.73 38.37
CA VAL O 106 -19.26 -25.89 39.21
C VAL O 106 -20.42 -25.60 40.16
N MET O 107 -21.02 -26.68 40.66
CA MET O 107 -22.14 -26.58 41.58
C MET O 107 -21.66 -26.03 42.93
N ASP O 108 -22.55 -25.28 43.58
CA ASP O 108 -22.27 -24.72 44.90
C ASP O 108 -23.50 -24.88 45.77
N TYR O 109 -23.26 -25.08 47.06
CA TYR O 109 -24.31 -25.09 48.08
C TYR O 109 -25.45 -26.03 47.71
N TRP O 110 -25.13 -27.32 47.74
CA TRP O 110 -26.17 -28.33 47.64
C TRP O 110 -27.11 -28.22 48.83
N GLY O 111 -28.42 -28.23 48.56
CA GLY O 111 -29.40 -28.03 49.59
C GLY O 111 -29.61 -29.26 50.46
N GLN O 112 -30.53 -29.12 51.41
CA GLN O 112 -30.81 -30.24 52.31
C GLN O 112 -31.45 -31.40 51.57
N GLY O 113 -32.33 -31.12 50.61
CA GLY O 113 -32.94 -32.15 49.81
C GLY O 113 -34.21 -32.70 50.44
N THR O 114 -35.03 -33.34 49.61
CA THR O 114 -36.29 -33.92 50.04
C THR O 114 -36.44 -35.32 49.45
N SER O 115 -37.24 -36.14 50.13
CA SER O 115 -37.39 -37.55 49.78
C SER O 115 -38.63 -37.76 48.92
N VAL O 116 -38.47 -38.49 47.81
CA VAL O 116 -39.58 -38.85 46.94
C VAL O 116 -39.64 -40.36 46.86
N THR O 117 -40.83 -40.91 47.09
CA THR O 117 -41.03 -42.35 47.15
C THR O 117 -42.22 -42.75 46.28
N VAL O 118 -42.08 -43.90 45.62
CA VAL O 118 -43.14 -44.47 44.79
C VAL O 118 -43.53 -45.81 45.39
N ALA O 119 -44.78 -45.94 45.79
CA ALA O 119 -45.27 -47.18 46.37
C ALA O 119 -46.78 -47.12 46.45
#